data_8PYI
#
_entry.id   8PYI
#
_cell.length_a   128.586
_cell.length_b   103.948
_cell.length_c   191.816
_cell.angle_alpha   90.000
_cell.angle_beta   100.170
_cell.angle_gamma   90.000
#
_symmetry.space_group_name_H-M   'C 1 2 1'
#
loop_
_entity.id
_entity.type
_entity.pdbx_description
1 polymer 'Insulin-like growth factor 1 receptor beta chain'
2 non-polymer 3-[8-azanyl-1-(4-ethoxy-8-fluoranyl-2-phenyl-quinolin-7-yl)imidazo[1,5-a]pyrazin-3-yl]-1-methyl-cyclobutan-1-ol
3 water water
#
_entity_poly.entity_id   1
_entity_poly.type   'polypeptide(L)'
_entity_poly.pdbx_seq_one_letter_code
;MASVNPEYFSAADVYVPDEWEVAREKITMSRELGQGSFGMVYEGVAKGVVKDEPETRVAIKTVNEAASMRERIEFLNEAS
VMKEFNCHHVVRLLGVVSQGQPTLVIMELMTRGDLKSYLRSLRPEMENNPVLAPPSLSKMIQMAGEIADGMAYLNANKFV
HRDLAARNCMVAEDFTVKIGDFGMTRDIYETDYYRKGGKGLLPVRWMSPESLKDGVFTTYSDVWSFGVVLWEIATLAEQP
YQGLSNEQVLRFVMEGGLLDKPDNCPDMLFELMRMCWQYNPKMRPSFLEIISSIKEEMEPGFREVSFYYSEENKAENLYF
Q
;
_entity_poly.pdbx_strand_id   AAA,BBB,CCC,DDD,EEE,FFF,GGG,HHH
#
# COMPACT_ATOMS: atom_id res chain seq x y z
N VAL A 14 -24.24 -26.82 22.47
CA VAL A 14 -24.71 -27.80 23.53
C VAL A 14 -25.20 -29.09 22.87
N TYR A 15 -24.30 -30.05 22.56
CA TYR A 15 -24.61 -31.30 21.82
C TYR A 15 -25.62 -32.12 22.61
N VAL A 16 -26.76 -32.47 21.99
CA VAL A 16 -27.78 -33.37 22.57
C VAL A 16 -27.60 -34.78 21.99
N PRO A 17 -27.22 -35.79 22.81
CA PRO A 17 -27.12 -37.17 22.35
C PRO A 17 -28.41 -37.57 21.63
N ASP A 18 -28.31 -38.53 20.70
CA ASP A 18 -29.48 -38.97 19.91
C ASP A 18 -29.24 -40.37 19.37
N GLU A 19 -30.13 -40.80 18.48
CA GLU A 19 -30.04 -41.99 17.58
C GLU A 19 -28.56 -42.36 17.35
N TRP A 20 -27.73 -41.39 16.96
CA TRP A 20 -26.35 -41.60 16.45
C TRP A 20 -25.40 -41.98 17.59
N GLU A 21 -25.75 -41.62 18.84
CA GLU A 21 -24.91 -41.92 20.03
C GLU A 21 -24.77 -43.44 20.19
N VAL A 22 -23.55 -43.91 20.38
CA VAL A 22 -23.13 -45.34 20.53
C VAL A 22 -22.42 -45.51 21.87
N ALA A 23 -22.64 -46.63 22.55
CA ALA A 23 -22.01 -46.96 23.85
C ALA A 23 -20.51 -47.23 23.63
N ARG A 24 -19.66 -46.54 24.39
CA ARG A 24 -18.18 -46.59 24.28
C ARG A 24 -17.69 -48.05 24.36
N GLU A 25 -18.42 -48.83 25.16
CA GLU A 25 -18.29 -50.30 25.36
C GLU A 25 -18.21 -51.03 24.00
N LYS A 26 -19.04 -50.64 23.02
CA LYS A 26 -19.19 -51.37 21.72
C LYS A 26 -18.00 -51.07 20.78
N ILE A 27 -17.22 -50.03 21.08
CA ILE A 27 -16.11 -49.54 20.19
C ILE A 27 -14.79 -50.14 20.65
N THR A 28 -13.91 -50.49 19.71
CA THR A 28 -12.56 -51.07 19.93
C THR A 28 -11.57 -50.41 18.96
N MET A 29 -10.54 -49.75 19.48
CA MET A 29 -9.50 -49.05 18.67
C MET A 29 -8.28 -49.95 18.50
N SER A 30 -8.09 -50.54 17.32
CA SER A 30 -6.96 -51.45 16.94
C SER A 30 -5.62 -50.70 16.85
N ARG A 31 -5.44 -49.80 15.89
CA ARG A 31 -4.14 -49.14 15.60
C ARG A 31 -4.33 -47.74 15.02
N GLU A 32 -3.32 -46.88 15.16
CA GLU A 32 -3.28 -45.51 14.58
C GLU A 32 -3.25 -45.60 13.05
N LEU A 33 -4.04 -44.76 12.37
CA LEU A 33 -3.99 -44.61 10.88
C LEU A 33 -3.30 -43.30 10.51
N GLY A 34 -3.21 -42.37 11.46
CA GLY A 34 -2.56 -41.06 11.25
C GLY A 34 -3.50 -39.93 11.61
N GLN A 35 -2.94 -38.72 11.76
CA GLN A 35 -3.67 -37.50 12.19
C GLN A 35 -4.66 -37.07 11.10
N GLY A 36 -5.86 -36.71 11.52
CA GLY A 36 -6.88 -36.04 10.69
C GLY A 36 -7.26 -34.73 11.31
N SER A 37 -8.43 -34.19 11.00
CA SER A 37 -8.78 -32.78 11.27
C SER A 37 -8.61 -32.49 12.77
N PHE A 38 -9.30 -33.21 13.64
CA PHE A 38 -9.39 -32.78 15.05
C PHE A 38 -8.47 -33.60 15.94
N GLY A 39 -7.96 -34.72 15.44
CA GLY A 39 -7.03 -35.56 16.22
C GLY A 39 -6.73 -36.87 15.51
N MET A 40 -6.19 -37.84 16.22
CA MET A 40 -5.74 -39.12 15.65
C MET A 40 -6.95 -39.88 15.14
N VAL A 41 -6.83 -40.50 13.97
CA VAL A 41 -7.82 -41.47 13.42
C VAL A 41 -7.25 -42.87 13.64
N TYR A 42 -8.05 -43.76 14.23
CA TYR A 42 -7.71 -45.17 14.51
C TYR A 42 -8.54 -46.08 13.62
N GLU A 43 -7.95 -47.19 13.18
CA GLU A 43 -8.68 -48.39 12.69
C GLU A 43 -9.30 -49.06 13.91
N GLY A 44 -10.42 -49.76 13.75
CA GLY A 44 -11.09 -50.39 14.91
C GLY A 44 -12.27 -51.25 14.51
N VAL A 45 -13.17 -51.44 15.47
CA VAL A 45 -14.35 -52.31 15.32
C VAL A 45 -15.47 -51.75 16.22
N ALA A 46 -16.69 -51.71 15.70
CA ALA A 46 -17.88 -51.23 16.43
C ALA A 46 -19.00 -52.25 16.30
N LYS A 47 -19.65 -52.57 17.41
CA LYS A 47 -20.74 -53.59 17.48
C LYS A 47 -22.07 -52.89 17.15
N GLY A 48 -22.77 -53.39 16.12
CA GLY A 48 -24.15 -53.00 15.77
C GLY A 48 -24.27 -51.52 15.45
N VAL A 49 -23.39 -51.00 14.60
CA VAL A 49 -23.50 -49.62 14.03
C VAL A 49 -24.01 -49.74 12.59
N VAL A 50 -23.86 -50.92 11.99
CA VAL A 50 -24.41 -51.26 10.66
C VAL A 50 -25.48 -52.35 10.84
N LYS A 51 -26.56 -52.26 10.06
CA LYS A 51 -27.68 -53.22 10.01
C LYS A 51 -27.23 -54.46 9.25
N ASP A 52 -27.56 -55.66 9.74
CA ASP A 52 -27.19 -56.97 9.15
C ASP A 52 -25.66 -57.08 9.18
N GLU A 53 -25.04 -56.78 10.32
CA GLU A 53 -23.56 -56.75 10.51
C GLU A 53 -23.32 -56.58 12.01
N PRO A 54 -23.11 -57.69 12.76
CA PRO A 54 -23.03 -57.60 14.21
C PRO A 54 -21.83 -56.75 14.63
N GLU A 55 -20.70 -56.91 13.93
CA GLU A 55 -19.43 -56.20 14.15
C GLU A 55 -19.04 -55.57 12.80
N THR A 56 -18.55 -54.33 12.81
CA THR A 56 -18.11 -53.57 11.59
C THR A 56 -16.71 -53.01 11.81
N ARG A 57 -15.81 -53.21 10.82
CA ARG A 57 -14.51 -52.51 10.73
C ARG A 57 -14.79 -51.03 10.46
N VAL A 58 -14.28 -50.14 11.32
CA VAL A 58 -14.58 -48.68 11.29
C VAL A 58 -13.28 -47.87 11.43
N ALA A 59 -13.33 -46.63 10.95
CA ALA A 59 -12.36 -45.57 11.30
C ALA A 59 -12.95 -44.80 12.48
N ILE A 60 -12.11 -44.47 13.45
CA ILE A 60 -12.53 -43.73 14.68
C ILE A 60 -11.61 -42.53 14.83
N LYS A 61 -12.16 -41.32 14.71
CA LYS A 61 -11.43 -40.07 14.98
C LYS A 61 -11.70 -39.70 16.43
N THR A 62 -10.64 -39.42 17.19
CA THR A 62 -10.68 -38.92 18.58
C THR A 62 -10.28 -37.45 18.61
N VAL A 63 -10.99 -36.65 19.41
CA VAL A 63 -10.48 -35.33 19.87
C VAL A 63 -9.43 -35.59 20.94
N ASN A 64 -8.22 -35.07 20.70
CA ASN A 64 -7.06 -35.15 21.62
C ASN A 64 -7.46 -34.61 23.00
N GLU A 65 -6.59 -34.74 24.01
CA GLU A 65 -6.86 -34.20 25.37
C GLU A 65 -6.32 -32.76 25.47
N ALA A 66 -5.69 -32.25 24.41
CA ALA A 66 -5.26 -30.83 24.26
C ALA A 66 -6.39 -29.99 23.68
N ALA A 67 -7.64 -30.39 23.88
CA ALA A 67 -8.85 -29.86 23.20
C ALA A 67 -9.58 -29.01 24.21
N SER A 68 -9.81 -27.72 23.92
CA SER A 68 -10.74 -26.84 24.67
C SER A 68 -12.16 -27.39 24.55
N MET A 69 -13.04 -27.13 25.52
CA MET A 69 -14.48 -27.51 25.42
C MET A 69 -15.05 -26.88 24.13
N ARG A 70 -14.58 -25.69 23.79
CA ARG A 70 -14.95 -24.92 22.56
C ARG A 70 -14.67 -25.77 21.31
N GLU A 71 -13.56 -26.50 21.30
CA GLU A 71 -13.09 -27.32 20.15
C GLU A 71 -13.76 -28.69 20.16
N ARG A 72 -13.97 -29.28 21.36
CA ARG A 72 -14.67 -30.57 21.57
C ARG A 72 -16.11 -30.44 21.04
N ILE A 73 -16.72 -29.27 21.19
CA ILE A 73 -18.11 -29.00 20.73
C ILE A 73 -18.08 -28.78 19.22
N GLU A 74 -17.10 -28.02 18.71
CA GLU A 74 -16.91 -27.78 17.26
C GLU A 74 -16.86 -29.14 16.55
N PHE A 75 -16.00 -30.03 17.03
CA PHE A 75 -15.81 -31.42 16.55
C PHE A 75 -17.16 -32.11 16.35
N LEU A 76 -18.02 -32.14 17.38
CA LEU A 76 -19.31 -32.87 17.35
C LEU A 76 -20.25 -32.21 16.33
N ASN A 77 -20.35 -30.88 16.34
CA ASN A 77 -21.29 -30.13 15.46
C ASN A 77 -20.89 -30.33 14.01
N GLU A 78 -19.59 -30.27 13.69
CA GLU A 78 -19.08 -30.52 12.33
C GLU A 78 -19.41 -31.95 11.92
N ALA A 79 -19.17 -32.92 12.80
CA ALA A 79 -19.52 -34.34 12.56
C ALA A 79 -21.01 -34.45 12.29
N SER A 80 -21.82 -33.75 13.08
CA SER A 80 -23.31 -33.79 13.04
C SER A 80 -23.85 -33.40 11.66
N VAL A 81 -23.12 -32.57 10.93
CA VAL A 81 -23.48 -32.19 9.53
C VAL A 81 -23.61 -33.49 8.71
N MET A 82 -22.75 -34.46 8.97
CA MET A 82 -22.61 -35.71 8.18
C MET A 82 -23.80 -36.64 8.46
N LYS A 83 -24.57 -36.36 9.51
CA LYS A 83 -25.77 -37.16 9.88
C LYS A 83 -26.79 -37.08 8.74
N GLU A 84 -26.85 -35.92 8.08
CA GLU A 84 -27.83 -35.58 7.02
C GLU A 84 -27.36 -36.16 5.68
N PHE A 85 -26.14 -36.70 5.61
CA PHE A 85 -25.54 -37.19 4.34
C PHE A 85 -25.76 -38.69 4.20
N ASN A 86 -26.28 -39.07 3.04
CA ASN A 86 -26.42 -40.48 2.58
C ASN A 86 -26.02 -40.52 1.11
N CYS A 87 -24.73 -40.70 0.80
CA CYS A 87 -24.22 -40.72 -0.59
C CYS A 87 -23.06 -41.70 -0.72
N HIS A 88 -23.08 -42.51 -1.78
CA HIS A 88 -22.12 -43.61 -2.04
C HIS A 88 -20.71 -43.03 -2.14
N HIS A 89 -20.59 -41.78 -2.62
CA HIS A 89 -19.29 -41.15 -2.94
C HIS A 89 -18.87 -40.14 -1.86
N VAL A 90 -19.51 -40.16 -0.68
CA VAL A 90 -19.11 -39.35 0.51
C VAL A 90 -18.97 -40.27 1.70
N VAL A 91 -17.79 -40.29 2.33
CA VAL A 91 -17.46 -41.15 3.51
C VAL A 91 -18.56 -40.96 4.56
N ARG A 92 -19.11 -42.08 5.06
CA ARG A 92 -20.33 -42.10 5.90
C ARG A 92 -19.93 -42.03 7.37
N LEU A 93 -20.65 -41.19 8.13
CA LEU A 93 -20.72 -41.25 9.61
C LEU A 93 -21.53 -42.48 10.02
N LEU A 94 -21.04 -43.25 11.00
CA LEU A 94 -21.70 -44.46 11.53
C LEU A 94 -22.17 -44.24 12.96
N GLY A 95 -21.50 -43.37 13.73
CA GLY A 95 -21.91 -43.09 15.12
C GLY A 95 -21.00 -42.12 15.83
N VAL A 96 -21.46 -41.67 17.00
CA VAL A 96 -20.82 -40.60 17.82
C VAL A 96 -20.74 -41.13 19.24
N VAL A 97 -19.64 -40.84 19.95
CA VAL A 97 -19.52 -41.06 21.41
C VAL A 97 -19.30 -39.68 22.05
N SER A 98 -20.38 -39.07 22.53
CA SER A 98 -20.43 -37.67 22.98
C SER A 98 -20.16 -37.58 24.48
N GLN A 99 -20.23 -38.70 25.21
CA GLN A 99 -20.19 -38.70 26.70
C GLN A 99 -18.92 -39.40 27.17
N GLY A 100 -18.18 -38.71 28.05
CA GLY A 100 -16.83 -39.11 28.52
C GLY A 100 -15.78 -38.62 27.54
N GLN A 101 -14.53 -38.99 27.82
CA GLN A 101 -13.35 -38.68 26.98
C GLN A 101 -12.58 -39.97 26.72
N PRO A 102 -11.93 -40.13 25.56
CA PRO A 102 -11.99 -39.13 24.49
C PRO A 102 -13.34 -39.18 23.76
N THR A 103 -13.78 -38.03 23.25
CA THR A 103 -14.96 -37.89 22.37
C THR A 103 -14.67 -38.59 21.04
N LEU A 104 -15.52 -39.53 20.60
CA LEU A 104 -15.25 -40.35 19.37
C LEU A 104 -16.24 -39.99 18.28
N VAL A 105 -15.76 -39.98 17.04
CA VAL A 105 -16.61 -39.99 15.81
C VAL A 105 -16.21 -41.23 15.01
N ILE A 106 -17.14 -42.18 14.88
CA ILE A 106 -16.90 -43.46 14.17
C ILE A 106 -17.44 -43.28 12.75
N MET A 107 -16.73 -43.81 11.75
CA MET A 107 -17.17 -43.69 10.34
C MET A 107 -16.62 -44.81 9.45
N GLU A 108 -17.29 -45.01 8.32
CA GLU A 108 -16.89 -45.91 7.22
C GLU A 108 -15.36 -45.97 7.16
N LEU A 109 -14.77 -47.15 7.31
CA LEU A 109 -13.31 -47.34 7.13
C LEU A 109 -12.99 -47.39 5.63
N MET A 110 -12.08 -46.54 5.18
CA MET A 110 -11.59 -46.50 3.79
C MET A 110 -10.23 -47.20 3.78
N THR A 111 -10.22 -48.44 3.29
CA THR A 111 -9.16 -49.43 3.59
C THR A 111 -7.90 -49.18 2.76
N ARG A 112 -7.98 -48.37 1.71
CA ARG A 112 -6.82 -48.03 0.84
C ARG A 112 -6.32 -46.60 1.10
N GLY A 113 -6.78 -45.98 2.20
CA GLY A 113 -6.30 -44.67 2.66
C GLY A 113 -6.69 -43.53 1.72
N ASP A 114 -5.96 -42.42 1.82
CA ASP A 114 -6.23 -41.17 1.06
C ASP A 114 -5.74 -41.35 -0.38
N LEU A 115 -6.39 -40.65 -1.30
CA LEU A 115 -6.14 -40.73 -2.76
C LEU A 115 -4.70 -40.26 -3.06
N LYS A 116 -4.15 -39.33 -2.27
CA LYS A 116 -2.80 -38.76 -2.52
C LYS A 116 -1.76 -39.87 -2.34
N SER A 117 -1.77 -40.52 -1.17
CA SER A 117 -0.93 -41.70 -0.83
C SER A 117 -1.11 -42.76 -1.92
N TYR A 118 -2.36 -43.11 -2.22
CA TYR A 118 -2.68 -44.14 -3.23
C TYR A 118 -2.04 -43.78 -4.57
N LEU A 119 -2.20 -42.54 -5.02
CA LEU A 119 -1.67 -42.07 -6.32
C LEU A 119 -0.14 -42.10 -6.27
N ARG A 120 0.46 -41.76 -5.12
CA ARG A 120 1.94 -41.75 -4.95
C ARG A 120 2.45 -43.18 -5.11
N SER A 121 1.71 -44.16 -4.59
CA SER A 121 2.07 -45.59 -4.62
C SER A 121 2.12 -46.13 -6.07
N LEU A 122 1.38 -45.53 -7.01
CA LEU A 122 1.33 -45.99 -8.44
C LEU A 122 2.57 -45.52 -9.23
N ARG A 123 3.48 -44.75 -8.61
CA ARG A 123 4.63 -44.14 -9.33
C ARG A 123 5.68 -45.22 -9.59
N PRO A 124 6.30 -45.23 -10.81
CA PRO A 124 7.10 -46.33 -11.34
C PRO A 124 7.34 -47.49 -10.39
N GLU A 125 6.25 -48.24 -10.15
CA GLU A 125 6.24 -49.62 -9.56
C GLU A 125 7.34 -50.46 -10.24
N PRO A 134 0.90 -46.84 -13.39
CA PRO A 134 0.09 -45.64 -13.65
C PRO A 134 -1.38 -46.00 -13.90
N PRO A 135 -2.32 -45.03 -13.89
CA PRO A 135 -3.73 -45.31 -14.22
C PRO A 135 -4.08 -44.95 -15.68
N SER A 136 -4.95 -45.77 -16.29
CA SER A 136 -5.48 -45.58 -17.66
C SER A 136 -6.34 -44.30 -17.70
N LEU A 137 -6.70 -43.83 -18.89
CA LEU A 137 -7.62 -42.68 -19.07
C LEU A 137 -8.97 -43.03 -18.45
N SER A 138 -9.45 -44.25 -18.68
CA SER A 138 -10.81 -44.68 -18.24
C SER A 138 -10.84 -44.85 -16.73
N LYS A 139 -9.70 -45.16 -16.10
CA LYS A 139 -9.61 -45.38 -14.64
C LYS A 139 -9.52 -44.00 -13.93
N MET A 140 -9.02 -42.98 -14.64
CA MET A 140 -8.88 -41.59 -14.13
C MET A 140 -10.24 -40.87 -14.25
N ILE A 141 -10.91 -41.02 -15.39
CA ILE A 141 -12.29 -40.52 -15.60
C ILE A 141 -13.18 -41.07 -14.48
N GLN A 142 -12.96 -42.33 -14.09
CA GLN A 142 -13.78 -43.01 -13.05
C GLN A 142 -13.65 -42.24 -11.73
N MET A 143 -12.41 -42.04 -11.28
CA MET A 143 -12.08 -41.26 -10.05
C MET A 143 -12.70 -39.86 -10.14
N ALA A 144 -12.49 -39.16 -11.26
CA ALA A 144 -13.00 -37.79 -11.48
C ALA A 144 -14.52 -37.77 -11.23
N GLY A 145 -15.25 -38.71 -11.83
CA GLY A 145 -16.72 -38.74 -11.81
C GLY A 145 -17.26 -39.06 -10.43
N GLU A 146 -16.64 -40.00 -9.74
CA GLU A 146 -16.96 -40.37 -8.33
C GLU A 146 -16.79 -39.12 -7.46
N ILE A 147 -15.63 -38.45 -7.54
CA ILE A 147 -15.33 -37.23 -6.74
C ILE A 147 -16.36 -36.16 -7.09
N ALA A 148 -16.54 -35.91 -8.38
CA ALA A 148 -17.51 -34.92 -8.90
C ALA A 148 -18.91 -35.24 -8.35
N ASP A 149 -19.26 -36.52 -8.27
CA ASP A 149 -20.63 -36.96 -7.88
C ASP A 149 -20.85 -36.67 -6.39
N GLY A 150 -19.89 -37.07 -5.56
CA GLY A 150 -19.90 -36.74 -4.13
C GLY A 150 -20.03 -35.24 -3.91
N MET A 151 -19.25 -34.45 -4.67
CA MET A 151 -19.24 -32.98 -4.53
C MET A 151 -20.58 -32.40 -4.99
N ALA A 152 -21.16 -32.93 -6.06
CA ALA A 152 -22.51 -32.56 -6.54
C ALA A 152 -23.54 -32.83 -5.45
N TYR A 153 -23.42 -33.97 -4.76
CA TYR A 153 -24.31 -34.39 -3.65
C TYR A 153 -24.21 -33.34 -2.53
N LEU A 154 -22.99 -32.99 -2.12
CA LEU A 154 -22.76 -32.03 -1.03
C LEU A 154 -23.32 -30.65 -1.41
N ASN A 155 -23.15 -30.21 -2.67
CA ASN A 155 -23.56 -28.84 -3.07
C ASN A 155 -25.09 -28.81 -3.17
N ALA A 156 -25.69 -29.95 -3.50
CA ALA A 156 -27.15 -30.15 -3.50
C ALA A 156 -27.70 -30.00 -2.07
N ASN A 157 -26.97 -30.47 -1.05
CA ASN A 157 -27.36 -30.36 0.38
C ASN A 157 -26.78 -29.08 0.98
N LYS A 158 -26.49 -28.07 0.17
CA LYS A 158 -26.10 -26.70 0.60
C LYS A 158 -24.81 -26.74 1.44
N PHE A 159 -23.85 -27.61 1.09
CA PHE A 159 -22.58 -27.76 1.83
C PHE A 159 -21.39 -27.47 0.90
N VAL A 160 -20.53 -26.56 1.35
CA VAL A 160 -19.25 -26.21 0.68
C VAL A 160 -18.13 -26.89 1.47
N HIS A 161 -17.31 -27.70 0.80
CA HIS A 161 -16.26 -28.54 1.45
C HIS A 161 -15.13 -27.65 1.96
N ARG A 162 -14.51 -26.86 1.08
CA ARG A 162 -13.48 -25.83 1.38
C ARG A 162 -12.07 -26.44 1.41
N ASP A 163 -11.96 -27.77 1.44
CA ASP A 163 -10.62 -28.44 1.46
C ASP A 163 -10.64 -29.68 0.58
N LEU A 164 -11.30 -29.63 -0.57
CA LEU A 164 -11.20 -30.70 -1.59
C LEU A 164 -9.75 -30.73 -2.08
N ALA A 165 -9.20 -31.93 -2.21
CA ALA A 165 -7.77 -32.21 -2.49
C ALA A 165 -7.57 -33.72 -2.40
N ALA A 166 -6.63 -34.27 -3.16
CA ALA A 166 -6.35 -35.72 -3.18
C ALA A 166 -6.22 -36.23 -1.73
N ARG A 167 -5.56 -35.46 -0.86
CA ARG A 167 -5.28 -35.88 0.53
C ARG A 167 -6.59 -36.05 1.32
N ASN A 168 -7.68 -35.43 0.93
CA ASN A 168 -8.99 -35.50 1.64
C ASN A 168 -10.03 -36.25 0.80
N CYS A 169 -9.60 -36.94 -0.24
CA CYS A 169 -10.40 -37.96 -0.95
C CYS A 169 -9.91 -39.32 -0.46
N MET A 170 -10.81 -40.24 -0.15
CA MET A 170 -10.45 -41.57 0.37
C MET A 170 -10.76 -42.64 -0.68
N VAL A 171 -10.03 -43.75 -0.64
CA VAL A 171 -10.14 -44.90 -1.57
C VAL A 171 -10.64 -46.12 -0.78
N ALA A 172 -11.76 -46.73 -1.21
CA ALA A 172 -12.38 -47.90 -0.56
C ALA A 172 -11.67 -49.19 -1.03
N GLU A 173 -12.04 -50.35 -0.47
CA GLU A 173 -11.48 -51.68 -0.82
C GLU A 173 -11.62 -51.90 -2.32
N ASP A 174 -12.76 -51.53 -2.90
CA ASP A 174 -13.09 -51.76 -4.34
C ASP A 174 -12.67 -50.57 -5.21
N PHE A 175 -11.77 -49.70 -4.74
CA PHE A 175 -11.15 -48.56 -5.48
C PHE A 175 -12.15 -47.41 -5.73
N THR A 176 -13.35 -47.44 -5.15
CA THR A 176 -14.29 -46.29 -5.19
C THR A 176 -13.61 -45.12 -4.46
N VAL A 177 -13.63 -43.93 -5.06
CA VAL A 177 -13.08 -42.71 -4.40
C VAL A 177 -14.26 -41.94 -3.79
N LYS A 178 -14.07 -41.42 -2.59
CA LYS A 178 -15.13 -40.70 -1.86
C LYS A 178 -14.55 -39.43 -1.25
N ILE A 179 -15.42 -38.44 -1.06
CA ILE A 179 -15.13 -37.15 -0.42
C ILE A 179 -14.92 -37.40 1.07
N GLY A 180 -13.78 -36.97 1.61
CA GLY A 180 -13.39 -37.16 3.02
C GLY A 180 -13.29 -35.85 3.78
N ASP A 181 -12.27 -35.76 4.64
CA ASP A 181 -12.12 -34.77 5.75
C ASP A 181 -12.21 -33.33 5.24
N PHE A 182 -13.08 -32.53 5.85
CA PHE A 182 -13.26 -31.09 5.55
C PHE A 182 -12.92 -30.23 6.79
N GLY A 183 -12.92 -30.86 7.96
CA GLY A 183 -12.54 -30.31 9.26
C GLY A 183 -11.32 -29.41 9.19
N MET A 184 -10.32 -29.76 8.39
CA MET A 184 -8.98 -29.16 8.52
C MET A 184 -9.03 -27.63 8.41
N THR A 185 -9.96 -27.06 7.63
CA THR A 185 -9.97 -25.63 7.24
C THR A 185 -10.96 -24.84 8.09
N ARG A 186 -11.78 -25.51 8.88
CA ARG A 186 -12.91 -24.88 9.63
C ARG A 186 -12.40 -24.27 10.93
N ASP A 187 -12.56 -22.96 11.10
CA ASP A 187 -12.22 -22.25 12.35
C ASP A 187 -13.39 -22.42 13.33
N ILE A 188 -13.11 -22.23 14.62
CA ILE A 188 -14.09 -22.44 15.74
C ILE A 188 -15.10 -21.29 15.73
N TYR A 189 -14.71 -20.10 15.23
CA TYR A 189 -15.39 -18.81 15.52
C TYR A 189 -16.05 -18.22 14.28
N GLU A 190 -15.41 -18.29 13.10
CA GLU A 190 -15.85 -17.74 11.78
C GLU A 190 -17.39 -17.67 11.69
N THR A 191 -17.91 -16.70 10.94
CA THR A 191 -19.35 -16.38 10.68
C THR A 191 -19.77 -15.25 11.63
N ASP A 192 -19.90 -15.54 12.93
CA ASP A 192 -20.18 -14.54 13.99
C ASP A 192 -18.96 -13.63 14.18
N TYR A 193 -17.77 -14.19 14.47
CA TYR A 193 -16.54 -13.42 14.74
C TYR A 193 -15.46 -13.72 13.68
N TYR A 194 -14.44 -12.84 13.63
CA TYR A 194 -13.25 -12.91 12.75
C TYR A 194 -11.99 -12.68 13.60
N ARG A 195 -10.93 -13.48 13.41
CA ARG A 195 -9.61 -13.30 14.10
C ARG A 195 -8.55 -12.99 13.03
N LEU A 201 -5.83 -21.57 8.83
CA LEU A 201 -5.24 -22.71 8.03
C LEU A 201 -5.84 -22.74 6.61
N LEU A 202 -5.04 -22.43 5.58
CA LEU A 202 -5.53 -22.30 4.18
C LEU A 202 -4.73 -23.15 3.21
N PRO A 203 -5.42 -24.00 2.43
CA PRO A 203 -4.77 -24.77 1.37
C PRO A 203 -4.54 -23.95 0.08
N VAL A 204 -3.54 -23.06 0.08
CA VAL A 204 -3.35 -22.04 -0.99
C VAL A 204 -3.28 -22.72 -2.36
N ARG A 205 -2.66 -23.90 -2.43
CA ARG A 205 -2.42 -24.57 -3.73
C ARG A 205 -3.73 -25.10 -4.32
N TRP A 206 -4.76 -25.28 -3.49
CA TRP A 206 -6.08 -25.80 -3.92
C TRP A 206 -7.12 -24.68 -3.99
N MET A 207 -6.76 -23.43 -3.65
CA MET A 207 -7.72 -22.32 -3.44
C MET A 207 -7.85 -21.46 -4.70
N SER A 208 -9.11 -21.13 -5.02
CA SER A 208 -9.51 -20.21 -6.10
C SER A 208 -9.01 -18.81 -5.79
N PRO A 209 -8.88 -17.95 -6.82
CA PRO A 209 -8.51 -16.55 -6.63
C PRO A 209 -9.41 -15.81 -5.63
N GLU A 210 -10.72 -15.98 -5.71
CA GLU A 210 -11.66 -15.24 -4.83
C GLU A 210 -11.49 -15.78 -3.39
N SER A 211 -11.14 -17.06 -3.23
CA SER A 211 -10.82 -17.67 -1.91
C SER A 211 -9.55 -17.02 -1.34
N LEU A 212 -8.52 -16.87 -2.17
CA LEU A 212 -7.23 -16.24 -1.77
C LEU A 212 -7.43 -14.76 -1.46
N LYS A 213 -8.20 -14.04 -2.28
CA LYS A 213 -8.33 -12.57 -2.18
C LYS A 213 -9.20 -12.21 -0.95
N ASP A 214 -10.38 -12.82 -0.84
CA ASP A 214 -11.48 -12.34 0.04
C ASP A 214 -11.96 -13.42 1.02
N GLY A 215 -11.35 -14.60 1.03
CA GLY A 215 -11.83 -15.73 1.86
C GLY A 215 -13.25 -16.12 1.50
N VAL A 216 -13.63 -16.01 0.24
CA VAL A 216 -14.95 -16.47 -0.29
C VAL A 216 -14.82 -17.95 -0.61
N PHE A 217 -15.71 -18.77 -0.07
CA PHE A 217 -15.77 -20.22 -0.34
C PHE A 217 -17.19 -20.58 -0.77
N THR A 218 -17.36 -20.98 -2.02
CA THR A 218 -18.67 -21.34 -2.61
C THR A 218 -18.51 -22.67 -3.31
N THR A 219 -19.60 -23.25 -3.80
CA THR A 219 -19.56 -24.43 -4.70
C THR A 219 -18.53 -24.18 -5.80
N TYR A 220 -18.45 -22.95 -6.29
CA TYR A 220 -17.66 -22.57 -7.49
C TYR A 220 -16.17 -22.62 -7.12
N SER A 221 -15.85 -22.29 -5.86
CA SER A 221 -14.48 -22.40 -5.29
C SER A 221 -14.12 -23.88 -5.15
N ASP A 222 -15.09 -24.73 -4.76
CA ASP A 222 -14.92 -26.21 -4.65
C ASP A 222 -14.59 -26.76 -6.04
N VAL A 223 -15.23 -26.24 -7.10
CA VAL A 223 -14.95 -26.65 -8.51
C VAL A 223 -13.50 -26.33 -8.87
N TRP A 224 -12.98 -25.16 -8.48
CA TRP A 224 -11.55 -24.81 -8.69
C TRP A 224 -10.69 -25.93 -8.08
N SER A 225 -10.92 -26.26 -6.82
CA SER A 225 -10.16 -27.31 -6.11
C SER A 225 -10.24 -28.61 -6.92
N PHE A 226 -11.42 -28.92 -7.45
CA PHE A 226 -11.67 -30.18 -8.20
C PHE A 226 -10.73 -30.25 -9.39
N GLY A 227 -10.58 -29.15 -10.12
CA GLY A 227 -9.58 -29.00 -11.19
C GLY A 227 -8.18 -29.37 -10.71
N VAL A 228 -7.81 -28.92 -9.51
CA VAL A 228 -6.46 -29.18 -8.95
C VAL A 228 -6.36 -30.68 -8.64
N VAL A 229 -7.44 -31.32 -8.20
CA VAL A 229 -7.43 -32.78 -7.90
C VAL A 229 -7.28 -33.56 -9.21
N LEU A 230 -7.91 -33.14 -10.29
CA LEU A 230 -7.69 -33.80 -11.62
C LEU A 230 -6.20 -33.74 -11.93
N TRP A 231 -5.59 -32.58 -11.76
CA TRP A 231 -4.14 -32.32 -12.02
C TRP A 231 -3.30 -33.25 -11.13
N GLU A 232 -3.71 -33.42 -9.86
CA GLU A 232 -3.04 -34.35 -8.92
C GLU A 232 -3.13 -35.77 -9.50
N ILE A 233 -4.31 -36.16 -9.97
CA ILE A 233 -4.59 -37.51 -10.54
C ILE A 233 -3.68 -37.73 -11.76
N ALA A 234 -3.55 -36.75 -12.64
CA ALA A 234 -2.78 -36.84 -13.89
C ALA A 234 -1.27 -36.77 -13.63
N THR A 235 -0.82 -36.24 -12.49
CA THR A 235 0.63 -36.14 -12.15
C THR A 235 1.01 -37.20 -11.11
N LEU A 236 0.09 -38.10 -10.79
CA LEU A 236 0.23 -39.04 -9.63
C LEU A 236 0.74 -38.25 -8.42
N ALA A 237 -0.02 -37.21 -8.06
CA ALA A 237 0.14 -36.39 -6.84
C ALA A 237 1.55 -35.78 -6.76
N GLU A 238 1.95 -35.01 -7.78
CA GLU A 238 2.97 -33.95 -7.60
C GLU A 238 2.37 -32.84 -6.73
N GLN A 239 3.19 -32.11 -5.98
CA GLN A 239 2.72 -30.91 -5.26
C GLN A 239 2.37 -29.88 -6.32
N PRO A 240 1.13 -29.36 -6.36
CA PRO A 240 0.79 -28.33 -7.32
C PRO A 240 1.65 -27.08 -7.04
N TYR A 241 2.14 -26.46 -8.11
CA TYR A 241 2.98 -25.25 -8.09
C TYR A 241 4.28 -25.56 -7.33
N GLN A 242 4.89 -26.75 -7.53
CA GLN A 242 6.14 -27.13 -6.81
C GLN A 242 7.20 -26.09 -7.18
N GLY A 243 8.07 -25.73 -6.24
CA GLY A 243 9.12 -24.73 -6.49
C GLY A 243 8.64 -23.32 -6.23
N LEU A 244 7.32 -23.09 -6.17
CA LEU A 244 6.77 -21.83 -5.60
C LEU A 244 6.51 -22.05 -4.11
N SER A 245 6.87 -21.09 -3.25
CA SER A 245 6.47 -21.06 -1.82
C SER A 245 4.97 -20.76 -1.74
N ASN A 246 4.34 -21.01 -0.59
CA ASN A 246 2.90 -20.71 -0.36
C ASN A 246 2.62 -19.22 -0.65
N GLU A 247 3.46 -18.28 -0.19
CA GLU A 247 3.27 -16.82 -0.48
C GLU A 247 3.31 -16.56 -1.98
N GLN A 248 4.21 -17.22 -2.68
CA GLN A 248 4.37 -17.05 -4.16
C GLN A 248 3.14 -17.57 -4.88
N VAL A 249 2.56 -18.67 -4.42
CA VAL A 249 1.37 -19.31 -5.06
C VAL A 249 0.18 -18.35 -4.90
N LEU A 250 0.08 -17.72 -3.74
CA LEU A 250 -0.99 -16.74 -3.44
C LEU A 250 -0.97 -15.61 -4.48
N ARG A 251 0.20 -14.98 -4.70
CA ARG A 251 0.43 -13.92 -5.71
C ARG A 251 0.11 -14.48 -7.11
N PHE A 252 0.75 -15.59 -7.46
CA PHE A 252 0.75 -16.20 -8.82
C PHE A 252 -0.69 -16.47 -9.26
N VAL A 253 -1.50 -17.13 -8.41
CA VAL A 253 -2.88 -17.57 -8.76
C VAL A 253 -3.80 -16.36 -8.80
N MET A 254 -3.66 -15.43 -7.85
CA MET A 254 -4.49 -14.19 -7.80
C MET A 254 -4.21 -13.37 -9.07
N GLU A 255 -3.01 -13.46 -9.64
CA GLU A 255 -2.63 -12.66 -10.84
C GLU A 255 -2.86 -13.50 -12.09
N GLY A 256 -3.67 -14.55 -12.02
CA GLY A 256 -4.16 -15.30 -13.19
C GLY A 256 -3.30 -16.49 -13.57
N GLY A 257 -2.28 -16.79 -12.76
CA GLY A 257 -1.41 -17.98 -12.91
C GLY A 257 -2.23 -19.25 -12.91
N LEU A 258 -1.76 -20.23 -13.69
CA LEU A 258 -2.39 -21.57 -13.87
C LEU A 258 -1.34 -22.66 -13.85
N LEU A 259 -1.73 -23.87 -13.48
CA LEU A 259 -0.85 -25.07 -13.51
C LEU A 259 -0.61 -25.45 -14.96
N ASP A 260 0.64 -25.82 -15.28
CA ASP A 260 1.02 -26.32 -16.63
C ASP A 260 0.36 -27.68 -16.83
N LYS A 261 -0.23 -27.90 -18.01
CA LYS A 261 -0.77 -29.23 -18.43
C LYS A 261 0.28 -30.31 -18.15
N PRO A 262 -0.02 -31.37 -17.38
CA PRO A 262 0.97 -32.38 -17.04
C PRO A 262 1.45 -33.14 -18.29
N ASP A 263 2.70 -33.63 -18.26
CA ASP A 263 3.28 -34.44 -19.36
C ASP A 263 2.33 -35.59 -19.68
N ASN A 264 1.97 -35.72 -20.97
CA ASN A 264 1.12 -36.82 -21.52
C ASN A 264 -0.21 -36.87 -20.75
N CYS A 265 -0.76 -35.71 -20.37
CA CYS A 265 -2.12 -35.60 -19.81
C CYS A 265 -3.13 -35.72 -20.95
N PRO A 266 -4.14 -36.60 -20.85
CA PRO A 266 -5.22 -36.64 -21.84
C PRO A 266 -5.87 -35.27 -22.05
N ASP A 267 -6.20 -34.92 -23.30
CA ASP A 267 -6.80 -33.60 -23.64
C ASP A 267 -8.18 -33.50 -22.98
N MET A 268 -8.91 -34.62 -22.92
CA MET A 268 -10.21 -34.79 -22.23
C MET A 268 -10.13 -34.08 -20.87
N LEU A 269 -9.11 -34.43 -20.09
CA LEU A 269 -8.93 -34.03 -18.67
C LEU A 269 -8.44 -32.59 -18.56
N PHE A 270 -7.42 -32.21 -19.33
CA PHE A 270 -6.86 -30.84 -19.26
C PHE A 270 -7.94 -29.84 -19.67
N GLU A 271 -8.82 -30.22 -20.60
CA GLU A 271 -9.97 -29.37 -21.04
C GLU A 271 -10.84 -29.09 -19.80
N LEU A 272 -11.00 -30.11 -18.96
CA LEU A 272 -11.81 -30.03 -17.72
C LEU A 272 -11.14 -29.10 -16.71
N MET A 273 -9.83 -29.25 -16.52
CA MET A 273 -9.02 -28.39 -15.62
C MET A 273 -9.18 -26.92 -16.03
N ARG A 274 -9.10 -26.62 -17.33
CA ARG A 274 -9.18 -25.23 -17.85
C ARG A 274 -10.54 -24.65 -17.51
N MET A 275 -11.61 -25.44 -17.66
CA MET A 275 -12.99 -25.02 -17.34
C MET A 275 -13.08 -24.69 -15.85
N CYS A 276 -12.43 -25.49 -14.99
CA CYS A 276 -12.53 -25.37 -13.51
C CYS A 276 -11.73 -24.15 -13.05
N TRP A 277 -10.67 -23.80 -13.78
CA TRP A 277 -9.72 -22.70 -13.41
C TRP A 277 -10.05 -21.39 -14.12
N GLN A 278 -11.30 -21.21 -14.58
CA GLN A 278 -11.81 -19.88 -14.99
C GLN A 278 -11.64 -18.93 -13.82
N TYR A 279 -10.90 -17.84 -14.01
CA TYR A 279 -10.65 -16.83 -12.95
C TYR A 279 -12.00 -16.40 -12.37
N ASN A 280 -13.00 -16.14 -13.21
CA ASN A 280 -14.33 -15.67 -12.74
C ASN A 280 -15.17 -16.90 -12.38
N PRO A 281 -15.69 -16.99 -11.13
CA PRO A 281 -16.47 -18.16 -10.72
C PRO A 281 -17.69 -18.44 -11.60
N LYS A 282 -18.41 -17.40 -12.02
CA LYS A 282 -19.62 -17.49 -12.89
C LYS A 282 -19.33 -18.37 -14.10
N MET A 283 -18.12 -18.29 -14.65
CA MET A 283 -17.74 -18.98 -15.91
C MET A 283 -17.28 -20.42 -15.63
N ARG A 284 -17.32 -20.88 -14.38
CA ARG A 284 -16.89 -22.28 -14.04
C ARG A 284 -18.10 -23.19 -14.16
N PRO A 285 -17.91 -24.46 -14.58
CA PRO A 285 -19.02 -25.41 -14.61
C PRO A 285 -19.45 -25.82 -13.20
N SER A 286 -20.71 -26.23 -13.06
CA SER A 286 -21.22 -26.90 -11.83
C SER A 286 -20.67 -28.33 -11.82
N PHE A 287 -20.79 -29.03 -10.69
CA PHE A 287 -20.31 -30.44 -10.60
C PHE A 287 -21.18 -31.32 -11.50
N LEU A 288 -22.49 -31.04 -11.57
CA LEU A 288 -23.45 -31.72 -12.46
C LEU A 288 -22.96 -31.59 -13.92
N GLU A 289 -22.69 -30.36 -14.39
CA GLU A 289 -22.14 -30.08 -15.75
C GLU A 289 -20.87 -30.90 -15.98
N ILE A 290 -19.99 -30.97 -14.98
CA ILE A 290 -18.72 -31.75 -15.11
C ILE A 290 -19.10 -33.21 -15.38
N ILE A 291 -20.06 -33.76 -14.63
CA ILE A 291 -20.47 -35.20 -14.72
C ILE A 291 -21.09 -35.45 -16.10
N SER A 292 -22.06 -34.62 -16.53
CA SER A 292 -22.65 -34.64 -17.89
C SER A 292 -21.56 -34.79 -18.95
N SER A 293 -20.46 -34.05 -18.83
CA SER A 293 -19.38 -33.99 -19.84
C SER A 293 -18.59 -35.29 -19.88
N ILE A 294 -18.71 -36.17 -18.87
CA ILE A 294 -17.90 -37.43 -18.78
C ILE A 294 -18.77 -38.67 -18.52
N LYS A 295 -20.10 -38.53 -18.43
CA LYS A 295 -21.02 -39.64 -18.03
C LYS A 295 -20.92 -40.77 -19.05
N GLU A 296 -20.63 -40.45 -20.31
CA GLU A 296 -20.44 -41.42 -21.43
C GLU A 296 -19.32 -42.38 -21.05
N GLU A 297 -18.21 -41.86 -20.51
CA GLU A 297 -16.96 -42.63 -20.28
C GLU A 297 -16.97 -43.23 -18.87
N MET A 298 -18.02 -43.01 -18.07
CA MET A 298 -18.18 -43.59 -16.71
C MET A 298 -18.54 -45.07 -16.84
N GLU A 299 -18.22 -45.89 -15.84
CA GLU A 299 -18.51 -47.35 -15.85
C GLU A 299 -20.00 -47.59 -15.67
N PRO A 300 -20.50 -48.80 -15.99
CA PRO A 300 -21.94 -49.07 -16.00
C PRO A 300 -22.58 -48.94 -14.61
N GLY A 301 -21.89 -49.48 -13.59
CA GLY A 301 -22.29 -49.43 -12.17
C GLY A 301 -22.69 -48.04 -11.70
N PHE A 302 -21.95 -47.01 -12.12
CA PHE A 302 -22.12 -45.59 -11.69
C PHE A 302 -23.60 -45.18 -11.74
N ARG A 303 -24.40 -45.73 -12.67
CA ARG A 303 -25.84 -45.40 -12.82
C ARG A 303 -26.60 -45.73 -11.54
N GLU A 304 -26.31 -46.88 -10.92
CA GLU A 304 -27.09 -47.38 -9.73
C GLU A 304 -26.63 -46.63 -8.46
N VAL A 305 -25.32 -46.43 -8.26
CA VAL A 305 -24.74 -45.88 -6.98
C VAL A 305 -24.75 -44.33 -6.94
N SER A 306 -24.71 -43.64 -8.09
CA SER A 306 -24.42 -42.18 -8.19
C SER A 306 -25.60 -41.37 -7.68
N PHE A 307 -25.30 -40.15 -7.22
CA PHE A 307 -26.27 -39.06 -6.92
C PHE A 307 -26.78 -38.45 -8.23
N TYR A 308 -25.91 -38.36 -9.23
CA TYR A 308 -26.19 -37.74 -10.55
C TYR A 308 -27.49 -38.34 -11.10
N TYR A 309 -27.56 -39.68 -11.11
CA TYR A 309 -28.69 -40.46 -11.68
C TYR A 309 -29.80 -40.68 -10.64
N SER A 310 -29.53 -40.48 -9.35
CA SER A 310 -30.50 -40.70 -8.25
C SER A 310 -31.76 -39.84 -8.47
N GLU A 311 -32.87 -40.27 -7.88
CA GLU A 311 -34.19 -39.56 -7.91
C GLU A 311 -34.03 -38.24 -7.17
N GLU A 312 -33.08 -38.15 -6.23
CA GLU A 312 -32.83 -36.97 -5.36
C GLU A 312 -32.35 -35.76 -6.19
N ASN A 313 -31.72 -36.01 -7.34
CA ASN A 313 -31.19 -34.93 -8.22
C ASN A 313 -32.34 -34.12 -8.86
N LYS A 314 -32.68 -32.97 -8.25
CA LYS A 314 -33.39 -31.81 -8.88
C LYS A 314 -34.25 -32.27 -10.06
N VAL B 14 1.14 -39.12 11.53
CA VAL B 14 1.48 -40.39 12.36
C VAL B 14 3.02 -40.60 12.46
N TYR B 15 3.51 -41.20 13.58
CA TYR B 15 4.86 -41.81 13.70
C TYR B 15 4.72 -43.31 13.92
N VAL B 16 5.37 -44.12 13.09
CA VAL B 16 5.45 -45.60 13.25
C VAL B 16 6.81 -45.98 13.84
N PRO B 17 6.85 -46.52 15.09
CA PRO B 17 8.10 -47.00 15.68
C PRO B 17 8.84 -47.91 14.71
N ASP B 18 10.17 -47.99 14.81
CA ASP B 18 10.95 -48.86 13.90
C ASP B 18 12.30 -49.22 14.53
N GLU B 19 13.17 -49.83 13.72
CA GLU B 19 14.62 -50.07 13.96
C GLU B 19 15.18 -49.02 14.93
N TRP B 20 14.92 -47.75 14.70
CA TRP B 20 15.55 -46.59 15.40
C TRP B 20 15.02 -46.46 16.84
N GLU B 21 13.82 -46.99 17.11
CA GLU B 21 13.19 -46.96 18.46
C GLU B 21 14.07 -47.72 19.45
N VAL B 22 14.35 -47.10 20.60
CA VAL B 22 15.23 -47.57 21.71
C VAL B 22 14.41 -47.58 23.01
N ALA B 23 14.62 -48.56 23.88
CA ALA B 23 13.94 -48.69 25.19
C ALA B 23 14.42 -47.59 26.13
N ARG B 24 13.48 -46.84 26.71
CA ARG B 24 13.73 -45.66 27.59
C ARG B 24 14.65 -46.07 28.74
N GLU B 25 14.55 -47.32 29.18
CA GLU B 25 15.41 -47.92 30.23
C GLU B 25 16.88 -47.81 29.86
N LYS B 26 17.26 -47.92 28.57
CA LYS B 26 18.68 -47.88 28.12
C LYS B 26 19.25 -46.46 28.16
N ILE B 27 18.41 -45.43 28.25
CA ILE B 27 18.82 -43.98 28.17
C ILE B 27 18.97 -43.43 29.59
N THR B 28 19.98 -42.58 29.81
CA THR B 28 20.31 -41.95 31.13
C THR B 28 20.67 -40.48 30.89
N MET B 29 19.90 -39.57 31.47
CA MET B 29 20.06 -38.10 31.27
C MET B 29 20.86 -37.51 32.43
N SER B 30 22.14 -37.18 32.18
CA SER B 30 23.11 -36.63 33.17
C SER B 30 22.76 -35.18 33.57
N ARG B 31 22.85 -34.23 32.65
CA ARG B 31 22.66 -32.78 32.97
C ARG B 31 22.17 -31.99 31.74
N GLU B 32 21.56 -30.84 31.99
CA GLU B 32 21.03 -29.90 30.96
C GLU B 32 22.20 -29.32 30.15
N LEU B 33 22.07 -29.25 28.83
CA LEU B 33 23.04 -28.58 27.93
C LEU B 33 22.46 -27.25 27.46
N GLY B 34 21.15 -27.06 27.55
CA GLY B 34 20.46 -25.85 27.10
C GLY B 34 19.36 -26.16 26.11
N GLN B 35 18.45 -25.21 25.90
CA GLN B 35 17.23 -25.37 25.08
C GLN B 35 17.62 -25.50 23.61
N GLY B 36 17.00 -26.43 22.90
CA GLY B 36 17.05 -26.54 21.44
C GLY B 36 15.65 -26.42 20.86
N SER B 37 15.43 -26.96 19.67
CA SER B 37 14.24 -26.67 18.86
C SER B 37 12.98 -26.99 19.66
N PHE B 38 12.80 -28.22 20.12
CA PHE B 38 11.45 -28.63 20.62
C PHE B 38 11.42 -28.62 22.15
N GLY B 39 12.58 -28.56 22.79
CA GLY B 39 12.70 -28.60 24.25
C GLY B 39 14.13 -28.73 24.70
N MET B 40 14.36 -29.06 25.96
CA MET B 40 15.71 -29.07 26.58
C MET B 40 16.51 -30.21 25.94
N VAL B 41 17.79 -29.95 25.68
CA VAL B 41 18.79 -30.98 25.29
C VAL B 41 19.64 -31.32 26.52
N TYR B 42 19.76 -32.61 26.84
CA TYR B 42 20.56 -33.15 27.97
C TYR B 42 21.76 -33.90 27.42
N GLU B 43 22.89 -33.83 28.14
CA GLU B 43 24.02 -34.80 28.04
C GLU B 43 23.53 -36.09 28.71
N GLY B 44 24.05 -37.24 28.30
CA GLY B 44 23.65 -38.52 28.90
C GLY B 44 24.41 -39.70 28.35
N VAL B 45 23.78 -40.87 28.43
CA VAL B 45 24.41 -42.16 28.04
C VAL B 45 23.30 -43.10 27.58
N ALA B 46 23.53 -43.85 26.51
CA ALA B 46 22.58 -44.81 25.93
C ALA B 46 23.29 -46.15 25.71
N LYS B 47 22.64 -47.23 26.15
CA LYS B 47 23.13 -48.62 26.09
C LYS B 47 22.76 -49.20 24.72
N GLY B 48 23.76 -49.65 23.97
CA GLY B 48 23.62 -50.44 22.73
C GLY B 48 22.83 -49.71 21.65
N VAL B 49 23.16 -48.44 21.40
CA VAL B 49 22.65 -47.65 20.25
C VAL B 49 23.72 -47.60 19.17
N VAL B 50 24.97 -47.89 19.54
CA VAL B 50 26.11 -48.11 18.59
C VAL B 50 26.54 -49.57 18.72
N LYS B 51 26.88 -50.21 17.60
CA LYS B 51 27.38 -51.61 17.54
C LYS B 51 28.86 -51.62 17.99
N ASP B 52 29.25 -52.58 18.84
CA ASP B 52 30.62 -52.71 19.40
C ASP B 52 30.94 -51.44 20.22
N GLU B 53 30.00 -51.12 21.10
CA GLU B 53 30.02 -49.99 22.05
C GLU B 53 28.83 -50.20 22.97
N PRO B 54 29.00 -50.90 24.12
CA PRO B 54 27.86 -51.23 24.97
C PRO B 54 27.22 -49.95 25.52
N GLU B 55 28.03 -48.95 25.86
CA GLU B 55 27.53 -47.62 26.32
C GLU B 55 28.08 -46.54 25.39
N THR B 56 27.26 -45.55 25.02
CA THR B 56 27.65 -44.38 24.17
C THR B 56 27.22 -43.08 24.87
N ARG B 57 28.12 -42.10 24.96
CA ARG B 57 27.81 -40.72 25.43
C ARG B 57 26.97 -40.04 24.34
N VAL B 58 25.78 -39.53 24.70
CA VAL B 58 24.79 -38.99 23.73
C VAL B 58 24.25 -37.64 24.20
N ALA B 59 23.75 -36.86 23.26
CA ALA B 59 22.85 -35.71 23.48
C ALA B 59 21.42 -36.24 23.35
N ILE B 60 20.54 -35.81 24.25
CA ILE B 60 19.12 -36.26 24.31
C ILE B 60 18.25 -35.00 24.32
N LYS B 61 17.48 -34.80 23.26
CA LYS B 61 16.47 -33.73 23.18
C LYS B 61 15.13 -34.33 23.63
N THR B 62 14.46 -33.65 24.57
CA THR B 62 13.10 -33.99 25.05
C THR B 62 12.09 -32.97 24.53
N VAL B 63 10.96 -33.43 24.04
CA VAL B 63 9.70 -32.64 23.96
C VAL B 63 9.12 -32.62 25.37
N ASN B 64 8.94 -31.42 25.92
CA ASN B 64 8.20 -31.16 27.20
C ASN B 64 6.80 -31.83 27.17
N GLU B 65 6.08 -31.83 28.28
CA GLU B 65 4.69 -32.38 28.36
C GLU B 65 3.68 -31.26 28.05
N ALA B 66 4.15 -30.03 27.82
CA ALA B 66 3.33 -28.85 27.45
C ALA B 66 3.06 -28.83 25.95
N ALA B 67 3.43 -29.89 25.21
CA ALA B 67 3.27 -29.98 23.73
C ALA B 67 2.06 -30.82 23.36
N SER B 68 1.31 -30.41 22.35
CA SER B 68 0.16 -31.15 21.75
C SER B 68 0.66 -32.42 21.06
N MET B 69 -0.21 -33.41 20.87
CA MET B 69 0.07 -34.64 20.07
C MET B 69 0.55 -34.20 18.67
N ARG B 70 -0.02 -33.12 18.13
CA ARG B 70 0.33 -32.59 16.79
C ARG B 70 1.81 -32.19 16.75
N GLU B 71 2.33 -31.65 17.85
CA GLU B 71 3.72 -31.14 17.99
C GLU B 71 4.67 -32.29 18.32
N ARG B 72 4.22 -33.23 19.17
CA ARG B 72 4.97 -34.46 19.56
C ARG B 72 5.25 -35.30 18.30
N ILE B 73 4.33 -35.30 17.35
CA ILE B 73 4.47 -36.06 16.08
C ILE B 73 5.39 -35.28 15.14
N GLU B 74 5.24 -33.95 15.06
CA GLU B 74 6.12 -33.06 14.26
C GLU B 74 7.57 -33.33 14.67
N PHE B 75 7.86 -33.29 15.97
CA PHE B 75 9.18 -33.58 16.58
C PHE B 75 9.80 -34.84 15.99
N LEU B 76 9.05 -35.95 16.02
CA LEU B 76 9.56 -37.29 15.61
C LEU B 76 9.78 -37.29 14.09
N ASN B 77 8.85 -36.73 13.31
CA ASN B 77 8.92 -36.73 11.83
C ASN B 77 10.10 -35.91 11.36
N GLU B 78 10.34 -34.77 11.98
CA GLU B 78 11.52 -33.91 11.67
C GLU B 78 12.79 -34.68 12.01
N ALA B 79 12.85 -35.31 13.18
CA ALA B 79 13.99 -36.17 13.59
C ALA B 79 14.19 -37.27 12.56
N SER B 80 13.09 -37.90 12.12
CA SER B 80 13.08 -39.04 11.16
C SER B 80 13.80 -38.71 9.87
N VAL B 81 13.82 -37.46 9.46
CA VAL B 81 14.57 -37.02 8.25
C VAL B 81 16.03 -37.41 8.42
N MET B 82 16.55 -37.32 9.65
CA MET B 82 17.98 -37.54 9.97
C MET B 82 18.33 -39.03 9.88
N LYS B 83 17.33 -39.91 9.83
CA LYS B 83 17.52 -41.38 9.68
C LYS B 83 18.25 -41.66 8.36
N GLU B 84 17.94 -40.88 7.33
CA GLU B 84 18.46 -41.04 5.94
C GLU B 84 19.85 -40.43 5.83
N PHE B 85 20.33 -39.74 6.86
CA PHE B 85 21.63 -39.02 6.81
C PHE B 85 22.74 -39.89 7.41
N ASN B 86 23.83 -40.03 6.66
CA ASN B 86 25.11 -40.62 7.11
C ASN B 86 26.24 -39.74 6.58
N CYS B 87 26.62 -38.69 7.33
CA CYS B 87 27.68 -37.74 6.90
C CYS B 87 28.45 -37.24 8.10
N HIS B 88 29.78 -37.22 8.00
CA HIS B 88 30.71 -36.90 9.11
C HIS B 88 30.45 -35.46 9.56
N HIS B 89 29.99 -34.59 8.68
CA HIS B 89 29.82 -33.14 8.95
C HIS B 89 28.36 -32.77 9.24
N VAL B 90 27.49 -33.75 9.48
CA VAL B 90 26.08 -33.56 9.93
C VAL B 90 25.86 -34.39 11.19
N VAL B 91 25.46 -33.75 12.29
CA VAL B 91 25.20 -34.40 13.62
C VAL B 91 24.28 -35.58 13.36
N ARG B 92 24.65 -36.74 13.92
CA ARG B 92 24.01 -38.04 13.64
C ARG B 92 22.88 -38.29 14.65
N LEU B 93 21.74 -38.77 14.15
CA LEU B 93 20.69 -39.42 14.97
C LEU B 93 21.18 -40.81 15.37
N LEU B 94 21.00 -41.19 16.65
CA LEU B 94 21.39 -42.52 17.19
C LEU B 94 20.15 -43.34 17.56
N GLY B 95 19.04 -42.69 17.93
CA GLY B 95 17.82 -43.40 18.35
C GLY B 95 16.68 -42.46 18.68
N VAL B 96 15.49 -43.04 18.80
CA VAL B 96 14.22 -42.33 19.10
C VAL B 96 13.53 -43.08 20.24
N VAL B 97 12.90 -42.38 21.16
CA VAL B 97 11.98 -42.96 22.18
C VAL B 97 10.60 -42.33 21.93
N SER B 98 9.76 -43.02 21.18
CA SER B 98 8.45 -42.53 20.67
C SER B 98 7.32 -42.92 21.63
N GLN B 99 7.58 -43.83 22.57
CA GLN B 99 6.55 -44.40 23.46
C GLN B 99 6.76 -43.95 24.90
N GLY B 100 5.69 -43.44 25.52
CA GLY B 100 5.70 -42.78 26.84
C GLY B 100 6.09 -41.32 26.71
N GLN B 101 6.21 -40.63 27.85
CA GLN B 101 6.67 -39.22 27.94
C GLN B 101 7.78 -39.12 28.99
N PRO B 102 8.77 -38.22 28.82
CA PRO B 102 8.86 -37.35 27.64
C PRO B 102 9.35 -38.15 26.41
N THR B 103 8.91 -37.74 25.22
CA THR B 103 9.41 -38.24 23.92
C THR B 103 10.87 -37.83 23.74
N LEU B 104 11.78 -38.78 23.47
CA LEU B 104 13.24 -38.51 23.37
C LEU B 104 13.71 -38.66 21.93
N VAL B 105 14.66 -37.83 21.53
CA VAL B 105 15.54 -38.00 20.34
C VAL B 105 16.98 -38.02 20.83
N ILE B 106 17.64 -39.15 20.66
CA ILE B 106 19.05 -39.40 21.08
C ILE B 106 19.92 -39.08 19.87
N MET B 107 21.05 -38.41 20.05
CA MET B 107 21.97 -38.10 18.90
C MET B 107 23.40 -37.89 19.37
N GLU B 108 24.33 -38.07 18.44
CA GLU B 108 25.77 -37.76 18.56
C GLU B 108 25.94 -36.59 19.53
N LEU B 109 26.68 -36.78 20.62
CA LEU B 109 27.02 -35.68 21.55
C LEU B 109 28.15 -34.87 20.95
N MET B 110 27.93 -33.57 20.84
CA MET B 110 28.92 -32.58 20.40
C MET B 110 29.45 -31.90 21.64
N THR B 111 30.66 -32.29 22.05
CA THR B 111 31.15 -32.10 23.44
C THR B 111 31.62 -30.66 23.66
N ARG B 112 31.82 -29.88 22.59
CA ARG B 112 32.25 -28.46 22.69
C ARG B 112 31.09 -27.51 22.36
N GLY B 113 29.86 -28.01 22.31
CA GLY B 113 28.64 -27.20 22.16
C GLY B 113 28.54 -26.53 20.80
N ASP B 114 27.72 -25.46 20.73
CA ASP B 114 27.41 -24.72 19.48
C ASP B 114 28.59 -23.83 19.12
N LEU B 115 28.76 -23.59 17.82
CA LEU B 115 29.89 -22.81 17.26
C LEU B 115 29.84 -21.37 17.76
N LYS B 116 28.65 -20.84 18.03
CA LYS B 116 28.46 -19.42 18.46
C LYS B 116 29.12 -19.25 19.83
N SER B 117 28.72 -20.06 20.81
CA SER B 117 29.31 -20.14 22.17
C SER B 117 30.83 -20.32 22.05
N TYR B 118 31.25 -21.32 21.28
CA TYR B 118 32.68 -21.63 21.08
C TYR B 118 33.41 -20.38 20.59
N LEU B 119 32.88 -19.71 19.57
CA LEU B 119 33.52 -18.52 18.96
C LEU B 119 33.54 -17.38 19.98
N ARG B 120 32.50 -17.26 20.80
CA ARG B 120 32.39 -16.21 21.84
C ARG B 120 33.49 -16.43 22.87
N SER B 121 33.78 -17.69 23.19
CA SER B 121 34.80 -18.08 24.21
C SER B 121 36.21 -17.68 23.75
N LEU B 122 36.47 -17.54 22.45
CA LEU B 122 37.81 -17.16 21.90
C LEU B 122 38.09 -15.66 22.03
N ARG B 123 37.13 -14.87 22.52
CA ARG B 123 37.24 -13.38 22.57
C ARG B 123 38.15 -13.00 23.74
N PRO B 124 39.06 -12.01 23.56
CA PRO B 124 39.88 -11.52 24.67
C PRO B 124 39.04 -11.05 25.88
N GLU B 125 38.19 -10.04 25.67
CA GLU B 125 37.49 -9.27 26.74
C GLU B 125 36.73 -10.23 27.65
N PRO B 134 41.82 -16.03 19.35
CA PRO B 134 41.13 -15.98 18.05
C PRO B 134 41.51 -17.16 17.15
N PRO B 135 40.84 -17.41 16.01
CA PRO B 135 41.23 -18.48 15.07
C PRO B 135 42.06 -17.99 13.88
N SER B 136 43.05 -18.79 13.44
CA SER B 136 43.92 -18.53 12.27
C SER B 136 43.07 -18.53 11.00
N LEU B 137 43.62 -18.04 9.87
CA LEU B 137 42.94 -18.10 8.54
C LEU B 137 42.71 -19.58 8.19
N SER B 138 43.70 -20.43 8.42
CA SER B 138 43.65 -21.86 8.01
C SER B 138 42.66 -22.62 8.88
N LYS B 139 42.43 -22.17 10.12
CA LYS B 139 41.51 -22.83 11.07
C LYS B 139 40.07 -22.38 10.77
N MET B 140 39.90 -21.20 10.15
CA MET B 140 38.59 -20.63 9.73
C MET B 140 38.14 -21.28 8.42
N ILE B 141 39.06 -21.38 7.46
CA ILE B 141 38.86 -22.12 6.17
C ILE B 141 38.39 -23.54 6.50
N GLN B 142 38.96 -24.13 7.56
CA GLN B 142 38.66 -25.53 7.97
C GLN B 142 37.18 -25.61 8.34
N MET B 143 36.73 -24.75 9.27
CA MET B 143 35.33 -24.64 9.72
C MET B 143 34.42 -24.41 8.50
N ALA B 144 34.76 -23.45 7.65
CA ALA B 144 33.97 -23.11 6.44
C ALA B 144 33.73 -24.36 5.61
N GLY B 145 34.79 -25.13 5.33
CA GLY B 145 34.76 -26.30 4.44
C GLY B 145 33.94 -27.43 5.02
N GLU B 146 34.11 -27.69 6.32
CA GLU B 146 33.33 -28.71 7.07
C GLU B 146 31.84 -28.34 6.98
N ILE B 147 31.47 -27.10 7.32
CA ILE B 147 30.06 -26.61 7.28
C ILE B 147 29.55 -26.75 5.85
N ALA B 148 30.32 -26.22 4.88
CA ALA B 148 29.97 -26.28 3.45
C ALA B 148 29.76 -27.74 3.02
N ASP B 149 30.56 -28.66 3.55
CA ASP B 149 30.54 -30.09 3.13
C ASP B 149 29.25 -30.73 3.64
N GLY B 150 28.95 -30.54 4.93
CA GLY B 150 27.68 -30.99 5.52
C GLY B 150 26.50 -30.46 4.74
N MET B 151 26.52 -29.17 4.39
CA MET B 151 25.42 -28.50 3.68
C MET B 151 25.31 -29.07 2.26
N ALA B 152 26.44 -29.33 1.58
CA ALA B 152 26.48 -29.98 0.27
C ALA B 152 25.84 -31.37 0.35
N TYR B 153 26.14 -32.11 1.43
CA TYR B 153 25.58 -33.47 1.70
C TYR B 153 24.06 -33.36 1.82
N LEU B 154 23.57 -32.42 2.62
CA LEU B 154 22.12 -32.21 2.85
C LEU B 154 21.43 -31.82 1.54
N ASN B 155 22.03 -30.96 0.71
CA ASN B 155 21.39 -30.46 -0.53
C ASN B 155 21.39 -31.58 -1.57
N ALA B 156 22.38 -32.47 -1.49
CA ALA B 156 22.46 -33.72 -2.30
C ALA B 156 21.28 -34.64 -1.94
N ASN B 157 20.90 -34.70 -0.66
CA ASN B 157 19.75 -35.52 -0.17
C ASN B 157 18.46 -34.70 -0.19
N LYS B 158 18.39 -33.65 -1.01
CA LYS B 158 17.16 -32.86 -1.27
C LYS B 158 16.63 -32.23 0.03
N PHE B 159 17.51 -31.78 0.91
CA PHE B 159 17.13 -31.15 2.21
C PHE B 159 17.65 -29.70 2.28
N VAL B 160 16.73 -28.80 2.55
CA VAL B 160 17.01 -27.36 2.81
C VAL B 160 16.94 -27.14 4.31
N HIS B 161 18.00 -26.61 4.91
CA HIS B 161 18.13 -26.48 6.38
C HIS B 161 17.18 -25.39 6.90
N ARG B 162 17.31 -24.17 6.38
CA ARG B 162 16.42 -23.00 6.64
C ARG B 162 16.89 -22.21 7.87
N ASP B 163 17.77 -22.78 8.71
CA ASP B 163 18.25 -22.09 9.93
C ASP B 163 19.76 -22.32 10.13
N LEU B 164 20.53 -22.32 9.06
CA LEU B 164 22.01 -22.35 9.16
C LEU B 164 22.45 -21.06 9.86
N ALA B 165 23.38 -21.16 10.79
CA ALA B 165 23.80 -20.10 11.72
C ALA B 165 24.78 -20.70 12.73
N ALA B 166 25.73 -19.92 13.23
CA ALA B 166 26.77 -20.41 14.16
C ALA B 166 26.07 -21.15 15.31
N ARG B 167 24.94 -20.66 15.79
CA ARG B 167 24.22 -21.24 16.95
C ARG B 167 23.73 -22.65 16.62
N ASN B 168 23.55 -23.02 15.36
CA ASN B 168 23.05 -24.35 14.92
C ASN B 168 24.14 -25.16 14.22
N CYS B 169 25.38 -24.71 14.30
CA CYS B 169 26.57 -25.53 13.97
C CYS B 169 27.17 -26.01 15.27
N MET B 170 27.52 -27.29 15.35
CA MET B 170 28.05 -27.91 16.59
C MET B 170 29.54 -28.21 16.40
N VAL B 171 30.29 -28.20 17.50
CA VAL B 171 31.76 -28.45 17.55
C VAL B 171 32.02 -29.75 18.32
N ALA B 172 32.73 -30.70 17.69
CA ALA B 172 33.07 -32.03 18.27
C ALA B 172 34.30 -31.90 19.17
N GLU B 173 34.69 -32.98 19.85
CA GLU B 173 35.88 -33.03 20.76
C GLU B 173 37.13 -32.58 19.98
N ASP B 174 37.27 -33.01 18.73
CA ASP B 174 38.46 -32.74 17.86
C ASP B 174 38.26 -31.47 17.02
N PHE B 175 37.32 -30.59 17.39
CA PHE B 175 37.07 -29.25 16.78
C PHE B 175 36.43 -29.34 15.38
N THR B 176 36.01 -30.54 14.94
CA THR B 176 35.21 -30.72 13.71
C THR B 176 33.89 -29.96 13.89
N VAL B 177 33.49 -29.18 12.90
CA VAL B 177 32.19 -28.45 12.92
C VAL B 177 31.20 -29.25 12.09
N LYS B 178 29.96 -29.37 12.58
CA LYS B 178 28.90 -30.15 11.92
C LYS B 178 27.60 -29.36 11.94
N ILE B 179 26.75 -29.64 10.96
CA ILE B 179 25.40 -29.05 10.79
C ILE B 179 24.50 -29.63 11.89
N GLY B 180 23.86 -28.75 12.67
CA GLY B 180 22.98 -29.12 13.78
C GLY B 180 21.55 -28.71 13.54
N ASP B 181 20.91 -28.22 14.61
CA ASP B 181 19.43 -28.08 14.77
C ASP B 181 18.82 -27.22 13.66
N PHE B 182 17.76 -27.71 13.03
CA PHE B 182 16.98 -27.02 11.97
C PHE B 182 15.52 -26.83 12.39
N GLY B 183 15.11 -27.62 13.38
CA GLY B 183 13.78 -27.62 14.03
C GLY B 183 13.22 -26.24 14.24
N MET B 184 14.05 -25.28 14.64
CA MET B 184 13.57 -24.01 15.21
C MET B 184 12.59 -23.30 14.26
N THR B 185 12.74 -23.45 12.94
CA THR B 185 12.09 -22.63 11.89
C THR B 185 10.88 -23.34 11.31
N ARG B 186 10.70 -24.63 11.62
CA ARG B 186 9.67 -25.47 10.98
C ARG B 186 8.33 -25.30 11.66
N ASP B 187 7.30 -24.87 10.93
CA ASP B 187 5.89 -24.84 11.38
C ASP B 187 5.30 -26.25 11.24
N ILE B 188 4.18 -26.52 11.93
CA ILE B 188 3.52 -27.86 12.00
C ILE B 188 2.80 -28.13 10.68
N TYR B 189 2.33 -27.10 9.96
CA TYR B 189 1.29 -27.28 8.89
C TYR B 189 1.81 -26.95 7.49
N GLU B 190 2.65 -25.90 7.37
CA GLU B 190 3.27 -25.40 6.10
C GLU B 190 3.43 -26.50 5.03
N THR B 191 3.35 -26.10 3.76
CA THR B 191 3.39 -26.93 2.51
C THR B 191 1.96 -27.21 2.05
N ASP B 192 1.22 -28.07 2.76
CA ASP B 192 -0.22 -28.33 2.48
C ASP B 192 -1.07 -27.11 2.86
N TYR B 193 -0.96 -26.62 4.10
CA TYR B 193 -1.74 -25.46 4.62
C TYR B 193 -0.82 -24.27 4.96
N TYR B 194 -1.37 -23.06 5.14
CA TYR B 194 -0.66 -21.77 5.29
C TYR B 194 -1.21 -20.97 6.47
N ARG B 195 -0.37 -20.42 7.36
CA ARG B 195 -0.79 -19.60 8.53
C ARG B 195 -0.27 -18.16 8.38
N LEU B 201 8.34 -18.20 13.17
CA LEU B 201 9.68 -17.95 13.78
C LEU B 201 10.78 -17.84 12.72
N LEU B 202 11.37 -16.65 12.53
CA LEU B 202 12.30 -16.39 11.40
C LEU B 202 13.63 -15.82 11.87
N PRO B 203 14.75 -16.42 11.45
CA PRO B 203 16.07 -15.82 11.67
C PRO B 203 16.40 -14.71 10.66
N VAL B 204 15.82 -13.52 10.82
CA VAL B 204 15.88 -12.44 9.79
C VAL B 204 17.34 -12.12 9.46
N ARG B 205 18.22 -12.16 10.45
CA ARG B 205 19.64 -11.75 10.27
C ARG B 205 20.39 -12.78 9.41
N TRP B 206 19.87 -14.00 9.30
CA TRP B 206 20.50 -15.09 8.52
C TRP B 206 19.76 -15.34 7.20
N MET B 207 18.68 -14.60 6.95
CA MET B 207 17.74 -14.90 5.82
C MET B 207 18.07 -14.05 4.58
N SER B 208 18.05 -14.73 3.43
CA SER B 208 18.21 -14.13 2.08
C SER B 208 17.04 -13.20 1.81
N PRO B 209 17.22 -12.25 0.88
CA PRO B 209 16.13 -11.37 0.46
C PRO B 209 14.86 -12.12 0.00
N GLU B 210 15.01 -13.18 -0.80
CA GLU B 210 13.83 -13.93 -1.33
C GLU B 210 13.17 -14.66 -0.17
N SER B 211 13.93 -15.08 0.85
CA SER B 211 13.38 -15.70 2.07
C SER B 211 12.56 -14.67 2.85
N LEU B 212 13.07 -13.45 2.99
CA LEU B 212 12.38 -12.35 3.69
C LEU B 212 11.13 -11.92 2.91
N LYS B 213 11.22 -11.81 1.59
CA LYS B 213 10.14 -11.23 0.74
C LYS B 213 8.99 -12.24 0.62
N ASP B 214 9.31 -13.49 0.26
CA ASP B 214 8.31 -14.47 -0.26
C ASP B 214 8.33 -15.78 0.53
N GLY B 215 9.14 -15.89 1.58
CA GLY B 215 9.30 -17.16 2.32
C GLY B 215 9.79 -18.27 1.41
N VAL B 216 10.65 -17.96 0.44
CA VAL B 216 11.33 -18.95 -0.43
C VAL B 216 12.57 -19.44 0.31
N PHE B 217 12.70 -20.75 0.46
CA PHE B 217 13.86 -21.40 1.11
C PHE B 217 14.36 -22.49 0.17
N THR B 218 15.55 -22.29 -0.38
CA THR B 218 16.19 -23.24 -1.33
C THR B 218 17.61 -23.44 -0.84
N THR B 219 18.34 -24.37 -1.47
CA THR B 219 19.79 -24.53 -1.27
C THR B 219 20.46 -23.15 -1.34
N TYR B 220 20.00 -22.29 -2.25
CA TYR B 220 20.64 -21.00 -2.60
C TYR B 220 20.40 -20.02 -1.44
N SER B 221 19.28 -20.15 -0.74
CA SER B 221 18.96 -19.38 0.49
C SER B 221 19.88 -19.86 1.63
N ASP B 222 20.14 -21.17 1.69
CA ASP B 222 21.07 -21.80 2.68
C ASP B 222 22.47 -21.22 2.44
N VAL B 223 22.88 -21.04 1.19
CA VAL B 223 24.20 -20.44 0.83
C VAL B 223 24.29 -19.01 1.39
N TRP B 224 23.22 -18.20 1.28
CA TRP B 224 23.19 -16.84 1.90
C TRP B 224 23.52 -16.98 3.39
N SER B 225 22.81 -17.84 4.10
CA SER B 225 23.02 -18.07 5.54
C SER B 225 24.49 -18.42 5.78
N PHE B 226 25.06 -19.27 4.92
CA PHE B 226 26.46 -19.76 5.04
C PHE B 226 27.41 -18.56 5.06
N GLY B 227 27.18 -17.62 4.15
CA GLY B 227 27.92 -16.33 4.14
C GLY B 227 27.84 -15.63 5.49
N VAL B 228 26.67 -15.64 6.12
CA VAL B 228 26.46 -14.96 7.42
C VAL B 228 27.25 -15.73 8.49
N VAL B 229 27.35 -17.06 8.39
CA VAL B 229 28.12 -17.86 9.37
C VAL B 229 29.61 -17.57 9.19
N LEU B 230 30.10 -17.42 7.97
CA LEU B 230 31.52 -17.01 7.76
C LEU B 230 31.76 -15.70 8.50
N TRP B 231 30.85 -14.74 8.35
CA TRP B 231 30.90 -13.40 8.98
C TRP B 231 30.91 -13.56 10.50
N GLU B 232 30.10 -14.48 11.04
CA GLU B 232 30.07 -14.80 12.48
C GLU B 232 31.45 -15.31 12.90
N ILE B 233 32.03 -16.21 12.09
CA ILE B 233 33.35 -16.82 12.37
C ILE B 233 34.41 -15.72 12.42
N ALA B 234 34.38 -14.79 11.47
CA ALA B 234 35.39 -13.71 11.33
C ALA B 234 35.19 -12.62 12.40
N THR B 235 34.02 -12.49 13.00
CA THR B 235 33.74 -11.46 14.05
C THR B 235 33.70 -12.11 15.44
N LEU B 236 34.07 -13.39 15.53
CA LEU B 236 33.88 -14.20 16.75
C LEU B 236 32.46 -13.95 17.29
N ALA B 237 31.47 -14.20 16.44
CA ALA B 237 30.03 -14.19 16.74
C ALA B 237 29.59 -12.85 17.36
N GLU B 238 29.81 -11.74 16.65
CA GLU B 238 29.01 -10.51 16.80
C GLU B 238 27.60 -10.80 16.28
N GLN B 239 26.58 -10.13 16.80
CA GLN B 239 25.21 -10.22 16.24
C GLN B 239 25.28 -9.56 14.87
N PRO B 240 24.92 -10.25 13.78
CA PRO B 240 24.89 -9.62 12.46
C PRO B 240 23.87 -8.48 12.47
N TYR B 241 24.25 -7.34 11.87
CA TYR B 241 23.44 -6.10 11.75
C TYR B 241 23.13 -5.58 13.16
N GLN B 242 24.10 -5.61 14.10
CA GLN B 242 23.86 -5.16 15.51
C GLN B 242 23.46 -3.69 15.44
N GLY B 243 22.54 -3.25 16.29
CA GLY B 243 22.08 -1.84 16.28
C GLY B 243 20.92 -1.63 15.33
N LEU B 244 20.69 -2.55 14.39
CA LEU B 244 19.41 -2.61 13.64
C LEU B 244 18.45 -3.54 14.39
N SER B 245 17.19 -3.15 14.56
CA SER B 245 16.11 -4.04 15.08
C SER B 245 15.80 -5.10 14.01
N ASN B 246 15.11 -6.18 14.37
CA ASN B 246 14.68 -7.25 13.42
C ASN B 246 13.87 -6.63 12.26
N GLU B 247 12.92 -5.72 12.54
CA GLU B 247 12.10 -5.06 11.49
C GLU B 247 13.02 -4.28 10.53
N GLN B 248 14.02 -3.59 11.07
CA GLN B 248 14.97 -2.77 10.28
C GLN B 248 15.80 -3.68 9.37
N VAL B 249 16.22 -4.85 9.87
CA VAL B 249 17.08 -5.80 9.11
C VAL B 249 16.28 -6.33 7.92
N LEU B 250 15.00 -6.59 8.13
CA LEU B 250 14.09 -7.08 7.08
C LEU B 250 14.08 -6.08 5.90
N ARG B 251 13.83 -4.80 6.18
CA ARG B 251 13.86 -3.68 5.19
C ARG B 251 15.25 -3.60 4.55
N PHE B 252 16.29 -3.50 5.39
CA PHE B 252 17.70 -3.21 5.00
C PHE B 252 18.18 -4.26 3.99
N VAL B 253 17.99 -5.55 4.28
CA VAL B 253 18.51 -6.67 3.46
C VAL B 253 17.69 -6.78 2.16
N MET B 254 16.37 -6.63 2.26
CA MET B 254 15.47 -6.68 1.07
C MET B 254 15.85 -5.52 0.12
N GLU B 255 16.35 -4.40 0.64
CA GLU B 255 16.71 -3.22 -0.18
C GLU B 255 18.20 -3.28 -0.58
N GLY B 256 18.84 -4.44 -0.46
CA GLY B 256 20.20 -4.69 -0.98
C GLY B 256 21.29 -4.43 0.03
N GLY B 257 20.93 -4.14 1.28
CA GLY B 257 21.86 -4.00 2.40
C GLY B 257 22.72 -5.25 2.57
N LEU B 258 23.95 -5.05 3.01
CA LEU B 258 24.99 -6.09 3.21
C LEU B 258 25.74 -5.83 4.50
N LEU B 259 26.31 -6.89 5.09
CA LEU B 259 27.18 -6.77 6.29
C LEU B 259 28.50 -6.15 5.85
N ASP B 260 29.03 -5.26 6.67
CA ASP B 260 30.35 -4.59 6.48
C ASP B 260 31.43 -5.67 6.67
N LYS B 261 32.41 -5.79 5.78
CA LYS B 261 33.60 -6.67 5.94
C LYS B 261 34.17 -6.49 7.34
N PRO B 262 34.31 -7.56 8.16
CA PRO B 262 34.77 -7.40 9.53
C PRO B 262 36.22 -6.88 9.58
N ASP B 263 36.55 -6.17 10.66
CA ASP B 263 37.93 -5.64 10.93
C ASP B 263 38.94 -6.77 10.74
N ASN B 264 39.92 -6.57 9.86
CA ASN B 264 41.06 -7.50 9.60
C ASN B 264 40.52 -8.88 9.23
N CYS B 265 39.42 -8.95 8.49
CA CYS B 265 38.91 -10.20 7.87
C CYS B 265 39.79 -10.53 6.66
N PRO B 266 40.30 -11.77 6.56
CA PRO B 266 41.02 -12.20 5.34
C PRO B 266 40.19 -11.98 4.06
N ASP B 267 40.84 -11.54 3.00
CA ASP B 267 40.19 -11.25 1.70
C ASP B 267 39.61 -12.55 1.12
N MET B 268 40.31 -13.67 1.32
CA MET B 268 39.89 -15.03 0.94
C MET B 268 38.42 -15.22 1.34
N LEU B 269 38.12 -14.92 2.61
CA LEU B 269 36.80 -15.19 3.27
C LEU B 269 35.76 -14.16 2.84
N PHE B 270 36.09 -12.87 2.87
CA PHE B 270 35.12 -11.80 2.51
C PHE B 270 34.70 -11.99 1.06
N GLU B 271 35.61 -12.45 0.19
CA GLU B 271 35.33 -12.75 -1.24
C GLU B 271 34.21 -13.80 -1.28
N LEU B 272 34.28 -14.76 -0.37
CA LEU B 272 33.31 -15.89 -0.27
C LEU B 272 31.94 -15.34 0.19
N MET B 273 31.94 -14.49 1.21
CA MET B 273 30.71 -13.83 1.74
C MET B 273 30.02 -13.06 0.61
N ARG B 274 30.77 -12.31 -0.20
CA ARG B 274 30.22 -11.47 -1.30
C ARG B 274 29.53 -12.39 -2.32
N MET B 275 30.14 -13.53 -2.63
CA MET B 275 29.58 -14.53 -3.57
C MET B 275 28.25 -15.06 -3.01
N CYS B 276 28.19 -15.28 -1.70
CA CYS B 276 27.02 -15.88 -1.02
C CYS B 276 25.89 -14.87 -0.95
N TRP B 277 26.22 -13.57 -0.84
CA TRP B 277 25.25 -12.46 -0.64
C TRP B 277 24.87 -11.77 -1.97
N GLN B 278 25.05 -12.45 -3.10
CA GLN B 278 24.44 -12.05 -4.38
C GLN B 278 22.93 -11.92 -4.17
N TYR B 279 22.36 -10.74 -4.41
CA TYR B 279 20.91 -10.51 -4.21
C TYR B 279 20.13 -11.59 -4.98
N ASN B 280 20.53 -11.89 -6.23
CA ASN B 280 19.82 -12.89 -7.06
C ASN B 280 20.36 -14.28 -6.74
N PRO B 281 19.50 -15.25 -6.35
CA PRO B 281 19.96 -16.58 -5.99
C PRO B 281 20.76 -17.30 -7.10
N LYS B 282 20.32 -17.18 -8.35
CA LYS B 282 20.95 -17.81 -9.54
C LYS B 282 22.45 -17.49 -9.55
N MET B 283 22.84 -16.29 -9.12
CA MET B 283 24.24 -15.79 -9.19
C MET B 283 25.03 -16.26 -7.97
N ARG B 284 24.45 -17.03 -7.06
CA ARG B 284 25.17 -17.52 -5.85
C ARG B 284 25.81 -18.87 -6.18
N PRO B 285 26.98 -19.18 -5.59
CA PRO B 285 27.59 -20.49 -5.77
C PRO B 285 26.79 -21.59 -5.06
N SER B 286 26.90 -22.82 -5.56
CA SER B 286 26.48 -24.04 -4.83
C SER B 286 27.49 -24.32 -3.71
N PHE B 287 27.16 -25.22 -2.78
CA PHE B 287 28.06 -25.57 -1.66
C PHE B 287 29.29 -26.29 -2.23
N LEU B 288 29.07 -27.15 -3.23
CA LEU B 288 30.16 -27.85 -3.97
C LEU B 288 31.16 -26.82 -4.53
N GLU B 289 30.66 -25.82 -5.28
CA GLU B 289 31.47 -24.69 -5.84
C GLU B 289 32.27 -24.02 -4.72
N ILE B 290 31.63 -23.77 -3.57
CA ILE B 290 32.31 -23.12 -2.42
C ILE B 290 33.50 -24.00 -2.01
N ILE B 291 33.28 -25.32 -1.90
CA ILE B 291 34.32 -26.29 -1.42
C ILE B 291 35.47 -26.33 -2.43
N SER B 292 35.17 -26.51 -3.74
CA SER B 292 36.16 -26.42 -4.85
C SER B 292 37.07 -25.22 -4.67
N SER B 293 36.51 -24.05 -4.32
CA SER B 293 37.26 -22.78 -4.23
C SER B 293 38.23 -22.78 -3.04
N ILE B 294 38.08 -23.70 -2.07
CA ILE B 294 38.92 -23.72 -0.82
C ILE B 294 39.56 -25.10 -0.55
N LYS B 295 39.34 -26.09 -1.43
CA LYS B 295 39.75 -27.50 -1.18
C LYS B 295 41.28 -27.57 -1.03
N GLU B 296 41.99 -26.67 -1.72
CA GLU B 296 43.48 -26.54 -1.68
C GLU B 296 43.90 -26.31 -0.22
N GLU B 297 43.19 -25.41 0.47
CA GLU B 297 43.59 -24.91 1.81
C GLU B 297 42.98 -25.79 2.92
N MET B 298 42.21 -26.83 2.56
CA MET B 298 41.59 -27.77 3.53
C MET B 298 42.68 -28.71 4.06
N GLU B 299 42.53 -29.23 5.28
CA GLU B 299 43.54 -30.10 5.94
C GLU B 299 43.44 -31.50 5.34
N PRO B 300 44.47 -32.34 5.57
CA PRO B 300 44.59 -33.63 4.89
C PRO B 300 43.46 -34.59 5.19
N GLY B 301 43.06 -34.69 6.47
CA GLY B 301 41.98 -35.59 6.95
C GLY B 301 40.68 -35.41 6.16
N PHE B 302 40.34 -34.17 5.79
CA PHE B 302 39.07 -33.79 5.11
C PHE B 302 38.81 -34.73 3.92
N ARG B 303 39.84 -35.23 3.24
CA ARG B 303 39.72 -36.08 2.03
C ARG B 303 38.99 -37.38 2.39
N GLU B 304 39.29 -37.98 3.56
CA GLU B 304 38.73 -39.31 3.95
C GLU B 304 37.29 -39.13 4.46
N VAL B 305 37.01 -38.11 5.28
CA VAL B 305 35.71 -37.94 6.04
C VAL B 305 34.65 -37.19 5.20
N SER B 306 35.06 -36.35 4.24
CA SER B 306 34.17 -35.40 3.51
C SER B 306 33.22 -36.14 2.57
N PHE B 307 32.08 -35.49 2.31
CA PHE B 307 31.10 -35.85 1.26
C PHE B 307 31.64 -35.41 -0.10
N TYR B 308 32.35 -34.28 -0.13
CA TYR B 308 32.90 -33.67 -1.36
C TYR B 308 33.68 -34.72 -2.13
N TYR B 309 34.59 -35.41 -1.43
CA TYR B 309 35.53 -36.43 -2.00
C TYR B 309 34.89 -37.82 -1.97
N SER B 310 33.79 -38.04 -1.24
CA SER B 310 33.10 -39.35 -1.13
C SER B 310 32.70 -39.85 -2.51
N GLU B 311 32.52 -41.18 -2.64
CA GLU B 311 32.07 -41.87 -3.88
C GLU B 311 30.63 -41.42 -4.18
N GLU B 312 29.88 -41.00 -3.15
CA GLU B 312 28.44 -40.62 -3.24
C GLU B 312 28.28 -39.35 -4.10
N ASN B 313 29.29 -38.48 -4.17
CA ASN B 313 29.22 -37.17 -4.88
C ASN B 313 29.04 -37.41 -6.38
N TYR C 15 20.21 -22.23 33.32
CA TYR C 15 20.43 -21.39 34.54
C TYR C 15 21.24 -22.21 35.54
N VAL C 16 22.40 -21.72 35.95
CA VAL C 16 23.25 -22.33 37.01
C VAL C 16 23.03 -21.55 38.31
N PRO C 17 22.45 -22.19 39.36
CA PRO C 17 22.31 -21.58 40.66
C PRO C 17 23.62 -20.92 41.10
N ASP C 18 23.51 -19.89 41.94
CA ASP C 18 24.69 -19.13 42.41
C ASP C 18 24.36 -18.44 43.74
N GLU C 19 25.28 -17.56 44.16
CA GLU C 19 25.12 -16.54 45.24
C GLU C 19 23.65 -16.23 45.50
N TRP C 20 22.91 -15.92 44.43
CA TRP C 20 21.55 -15.32 44.50
C TRP C 20 20.50 -16.37 44.87
N GLU C 21 20.81 -17.65 44.66
CA GLU C 21 19.86 -18.77 44.95
C GLU C 21 19.59 -18.81 46.45
N VAL C 22 18.31 -18.87 46.82
CA VAL C 22 17.76 -18.90 48.21
C VAL C 22 16.92 -20.17 48.36
N ALA C 23 16.94 -20.81 49.54
CA ALA C 23 16.16 -22.04 49.82
C ALA C 23 14.67 -21.68 49.93
N ARG C 24 13.83 -22.38 49.16
CA ARG C 24 12.35 -22.19 49.06
C ARG C 24 11.74 -22.20 50.47
N GLU C 25 12.34 -23.02 51.35
CA GLU C 25 12.04 -23.17 52.79
C GLU C 25 11.99 -21.79 53.47
N LYS C 26 12.93 -20.89 53.15
CA LYS C 26 13.10 -19.58 53.85
C LYS C 26 12.03 -18.58 53.40
N ILE C 27 11.32 -18.84 52.30
CA ILE C 27 10.35 -17.89 51.68
C ILE C 27 8.94 -18.21 52.16
N THR C 28 8.12 -17.18 52.39
CA THR C 28 6.70 -17.29 52.84
C THR C 28 5.88 -16.27 52.07
N MET C 29 4.88 -16.72 51.30
CA MET C 29 4.02 -15.86 50.44
C MET C 29 2.72 -15.56 51.19
N SER C 30 2.58 -14.35 51.74
CA SER C 30 1.43 -13.88 52.57
C SER C 30 0.17 -13.67 51.71
N ARG C 31 0.18 -12.70 50.80
CA ARG C 31 -1.03 -12.22 50.06
C ARG C 31 -0.67 -11.79 48.64
N GLU C 32 -1.63 -11.91 47.73
CA GLU C 32 -1.51 -11.45 46.31
C GLU C 32 -1.43 -9.91 46.29
N LEU C 33 -0.51 -9.35 45.51
CA LEU C 33 -0.39 -7.88 45.29
C LEU C 33 -0.93 -7.52 43.92
N GLY C 34 -1.03 -8.50 43.02
CA GLY C 34 -1.53 -8.31 41.65
C GLY C 34 -0.52 -8.83 40.65
N GLN C 35 -0.98 -9.01 39.41
CA GLN C 35 -0.19 -9.60 38.31
C GLN C 35 0.91 -8.65 37.89
N GLY C 36 2.10 -9.20 37.66
CA GLY C 36 3.24 -8.50 37.04
C GLY C 36 3.65 -9.25 35.79
N SER C 37 4.89 -9.09 35.34
CA SER C 37 5.31 -9.48 33.98
C SER C 37 5.02 -10.96 33.78
N PHE C 38 5.57 -11.85 34.60
CA PHE C 38 5.54 -13.29 34.22
C PHE C 38 4.45 -14.03 34.99
N GLY C 39 3.93 -13.43 36.06
CA GLY C 39 2.91 -14.07 36.89
C GLY C 39 2.60 -13.24 38.10
N MET C 40 1.90 -13.85 39.07
CA MET C 40 1.37 -13.12 40.26
C MET C 40 2.56 -12.68 41.10
N VAL C 41 2.50 -11.47 41.63
CA VAL C 41 3.45 -10.95 42.66
C VAL C 41 2.75 -11.02 44.00
N TYR C 42 3.41 -11.63 44.99
CA TYR C 42 2.94 -11.78 46.38
C TYR C 42 3.77 -10.89 47.29
N GLU C 43 3.13 -10.32 48.32
CA GLU C 43 3.79 -9.83 49.56
C GLU C 43 4.21 -11.07 50.36
N GLY C 44 5.27 -10.99 51.15
CA GLY C 44 5.75 -12.17 51.87
C GLY C 44 6.89 -11.83 52.80
N VAL C 45 7.67 -12.86 53.13
CA VAL C 45 8.77 -12.75 54.12
C VAL C 45 9.83 -13.78 53.71
N ALA C 46 11.10 -13.36 53.77
CA ALA C 46 12.26 -14.22 53.46
C ALA C 46 13.26 -14.14 54.61
N LYS C 47 13.75 -15.31 55.04
CA LYS C 47 14.71 -15.47 56.16
C LYS C 47 16.14 -15.31 55.60
N GLY C 48 16.89 -14.35 56.14
CA GLY C 48 18.33 -14.16 55.88
C GLY C 48 18.65 -13.94 54.42
N VAL C 49 17.92 -13.04 53.75
CA VAL C 49 18.23 -12.56 52.38
C VAL C 49 18.89 -11.18 52.49
N VAL C 50 18.70 -10.52 53.63
CA VAL C 50 19.39 -9.25 54.00
C VAL C 50 20.30 -9.54 55.20
N LYS C 51 21.49 -8.93 55.22
CA LYS C 51 22.49 -9.03 56.31
C LYS C 51 22.02 -8.12 57.47
N ASP C 52 22.12 -8.60 58.71
CA ASP C 52 21.69 -7.88 59.94
C ASP C 52 20.17 -7.66 59.85
N GLU C 53 19.44 -8.72 59.53
CA GLU C 53 17.97 -8.73 59.34
C GLU C 53 17.56 -10.19 59.18
N PRO C 54 17.19 -10.88 60.28
CA PRO C 54 16.90 -12.30 60.21
C PRO C 54 15.71 -12.57 59.28
N GLU C 55 14.69 -11.72 59.35
CA GLU C 55 13.46 -11.79 58.51
C GLU C 55 13.32 -10.46 57.76
N THR C 56 12.97 -10.51 56.47
CA THR C 56 12.75 -9.30 55.60
C THR C 56 11.39 -9.43 54.89
N ARG C 57 10.58 -8.36 54.93
CA ARG C 57 9.36 -8.20 54.11
C ARG C 57 9.79 -8.04 52.65
N VAL C 58 9.29 -8.91 51.76
CA VAL C 58 9.74 -8.97 50.33
C VAL C 58 8.51 -9.05 49.41
N ALA C 59 8.70 -8.65 48.15
CA ALA C 59 7.80 -8.97 47.03
C ALA C 59 8.34 -10.23 46.36
N ILE C 60 7.45 -11.16 46.02
CA ILE C 60 7.82 -12.46 45.39
C ILE C 60 6.99 -12.61 44.12
N LYS C 61 7.66 -12.61 42.97
CA LYS C 61 7.03 -12.91 41.67
C LYS C 61 7.19 -14.40 41.41
N THR C 62 6.09 -15.07 41.08
CA THR C 62 6.07 -16.50 40.66
C THR C 62 5.79 -16.59 39.17
N VAL C 63 6.51 -17.46 38.47
CA VAL C 63 6.06 -18.03 37.18
C VAL C 63 5.06 -19.14 37.55
N ASN C 64 3.81 -19.00 37.11
CA ASN C 64 2.74 -20.03 37.21
C ASN C 64 3.23 -21.35 36.58
N GLU C 65 2.47 -22.45 36.69
CA GLU C 65 2.82 -23.75 36.07
C GLU C 65 2.21 -23.83 34.67
N ALA C 66 1.49 -22.78 34.22
CA ALA C 66 0.91 -22.66 32.87
C ALA C 66 1.96 -22.16 31.86
N ALA C 67 3.21 -21.98 32.28
CA ALA C 67 4.30 -21.42 31.45
C ALA C 67 5.24 -22.54 31.01
N SER C 68 5.69 -22.51 29.75
CA SER C 68 6.65 -23.46 29.13
C SER C 68 8.02 -23.33 29.77
N MET C 69 8.87 -24.35 29.65
CA MET C 69 10.29 -24.35 30.10
C MET C 69 10.98 -23.15 29.43
N ARG C 70 10.62 -22.85 28.17
CA ARG C 70 11.20 -21.72 27.38
C ARG C 70 10.95 -20.39 28.11
N GLU C 71 9.78 -20.25 28.73
CA GLU C 71 9.32 -19.02 29.42
C GLU C 71 9.86 -18.98 30.85
N ARG C 72 9.93 -20.13 31.52
CA ARG C 72 10.50 -20.30 32.88
C ARG C 72 11.98 -19.90 32.86
N ILE C 73 12.68 -20.17 31.76
CA ILE C 73 14.12 -19.81 31.60
C ILE C 73 14.22 -18.33 31.27
N GLU C 74 13.36 -17.82 30.40
CA GLU C 74 13.29 -16.37 30.06
C GLU C 74 13.16 -15.58 31.37
N PHE C 75 12.20 -15.94 32.20
CA PHE C 75 11.93 -15.35 33.54
C PHE C 75 13.22 -15.19 34.33
N LEU C 76 13.99 -16.26 34.49
CA LEU C 76 15.22 -16.27 35.33
C LEU C 76 16.28 -15.37 34.70
N ASN C 77 16.49 -15.46 33.38
CA ASN C 77 17.54 -14.71 32.67
C ASN C 77 17.23 -13.21 32.74
N GLU C 78 15.98 -12.83 32.56
CA GLU C 78 15.56 -11.41 32.68
C GLU C 78 15.79 -10.94 34.11
N ALA C 79 15.41 -11.73 35.11
CA ALA C 79 15.67 -11.44 36.53
C ALA C 79 17.17 -11.26 36.75
N SER C 80 17.98 -12.15 36.16
CA SER C 80 19.45 -12.20 36.33
C SER C 80 20.10 -10.90 35.90
N VAL C 81 19.51 -10.16 34.97
CA VAL C 81 20.00 -8.82 34.56
C VAL C 81 20.10 -7.92 35.81
N MET C 82 19.15 -8.07 36.73
CA MET C 82 19.01 -7.20 37.92
C MET C 82 20.11 -7.51 38.94
N LYS C 83 20.82 -8.63 38.77
CA LYS C 83 21.94 -9.03 39.66
C LYS C 83 23.04 -7.97 39.60
N GLU C 84 23.23 -7.37 38.41
CA GLU C 84 24.28 -6.36 38.12
C GLU C 84 23.87 -4.99 38.66
N PHE C 85 22.63 -4.82 39.10
CA PHE C 85 22.06 -3.50 39.46
C PHE C 85 22.16 -3.28 40.97
N ASN C 86 22.75 -2.14 41.35
CA ASN C 86 22.79 -1.63 42.73
C ASN C 86 22.55 -0.12 42.66
N CYS C 87 21.30 0.32 42.69
CA CYS C 87 20.92 1.75 42.61
C CYS C 87 19.66 2.02 43.43
N HIS C 88 19.67 3.12 44.19
CA HIS C 88 18.63 3.48 45.19
C HIS C 88 17.30 3.65 44.46
N HIS C 89 17.33 4.06 43.20
CA HIS C 89 16.13 4.45 42.42
C HIS C 89 15.73 3.33 41.44
N VAL C 90 16.27 2.12 41.58
CA VAL C 90 15.87 0.90 40.83
C VAL C 90 15.55 -0.21 41.83
N VAL C 91 14.34 -0.77 41.75
CA VAL C 91 13.84 -1.86 42.65
C VAL C 91 14.87 -2.98 42.63
N ARG C 92 15.27 -3.45 43.82
CA ARG C 92 16.42 -4.37 44.00
C ARG C 92 15.91 -5.81 43.98
N LEU C 93 16.66 -6.67 43.26
CA LEU C 93 16.58 -8.14 43.39
C LEU C 93 17.23 -8.55 44.71
N LEU C 94 16.60 -9.45 45.47
CA LEU C 94 17.12 -9.97 46.78
C LEU C 94 17.51 -11.45 46.65
N GLY C 95 16.86 -12.20 45.75
CA GLY C 95 17.16 -13.62 45.55
C GLY C 95 16.29 -14.30 44.53
N VAL C 96 16.69 -15.51 44.18
CA VAL C 96 16.08 -16.36 43.12
C VAL C 96 15.85 -17.73 43.71
N VAL C 97 14.73 -18.37 43.37
CA VAL C 97 14.48 -19.81 43.66
C VAL C 97 14.33 -20.50 42.31
N SER C 98 15.43 -21.11 41.83
CA SER C 98 15.58 -21.64 40.46
C SER C 98 15.20 -23.12 40.42
N GLN C 99 15.09 -23.77 41.57
CA GLN C 99 14.92 -25.25 41.64
C GLN C 99 13.54 -25.59 42.19
N GLY C 100 12.81 -26.45 41.47
CA GLY C 100 11.42 -26.81 41.77
C GLY C 100 10.46 -25.82 41.17
N GLN C 101 9.16 -25.99 41.44
CA GLN C 101 8.07 -25.08 41.00
C GLN C 101 7.23 -24.71 42.22
N PRO C 102 6.66 -23.48 42.26
CA PRO C 102 6.88 -22.48 41.23
C PRO C 102 8.28 -21.84 41.35
N THR C 103 8.86 -21.43 40.23
CA THR C 103 10.12 -20.65 40.17
C THR C 103 9.87 -19.26 40.77
N LEU C 104 10.66 -18.82 41.74
CA LEU C 104 10.44 -17.53 42.46
C LEU C 104 11.55 -16.53 42.12
N VAL C 105 11.17 -15.26 42.05
CA VAL C 105 12.08 -14.08 42.09
C VAL C 105 11.65 -13.23 43.28
N ILE C 106 12.52 -13.11 44.28
CA ILE C 106 12.31 -12.30 45.51
C ILE C 106 12.90 -10.91 45.25
N MET C 107 12.23 -9.84 45.66
CA MET C 107 12.78 -8.48 45.50
C MET C 107 12.22 -7.50 46.54
N GLU C 108 12.97 -6.42 46.75
CA GLU C 108 12.60 -5.23 47.54
C GLU C 108 11.07 -5.05 47.46
N LEU C 109 10.37 -5.09 48.59
CA LEU C 109 8.92 -4.80 48.66
C LEU C 109 8.73 -3.29 48.59
N MET C 110 7.92 -2.85 47.63
CA MET C 110 7.54 -1.43 47.46
C MET C 110 6.14 -1.28 48.03
N THR C 111 6.05 -0.71 49.24
CA THR C 111 4.91 -0.88 50.15
C THR C 111 3.74 -0.01 49.72
N ARG C 112 3.96 0.99 48.86
CA ARG C 112 2.89 1.90 48.37
C ARG C 112 2.51 1.57 46.92
N GLY C 113 2.95 0.43 46.39
CA GLY C 113 2.55 -0.07 45.07
C GLY C 113 3.07 0.80 43.92
N ASP C 114 2.42 0.69 42.77
CA ASP C 114 2.82 1.36 41.50
C ASP C 114 2.43 2.84 41.57
N LEU C 115 3.20 3.67 40.87
CA LEU C 115 3.03 5.15 40.84
C LEU C 115 1.67 5.50 40.23
N LYS C 116 1.16 4.68 39.31
CA LYS C 116 -0.11 4.99 38.58
C LYS C 116 -1.26 4.95 39.59
N SER C 117 -1.39 3.82 40.30
CA SER C 117 -2.36 3.63 41.41
C SER C 117 -2.22 4.78 42.41
N TYR C 118 -0.99 5.01 42.88
CA TYR C 118 -0.70 6.07 43.87
C TYR C 118 -1.24 7.41 43.35
N LEU C 119 -0.92 7.76 42.11
CA LEU C 119 -1.32 9.07 41.52
C LEU C 119 -2.84 9.12 41.39
N ARG C 120 -3.47 7.99 41.06
CA ARG C 120 -4.95 7.91 40.90
C ARG C 120 -5.59 8.18 42.27
N SER C 121 -4.99 7.68 43.35
CA SER C 121 -5.50 7.83 44.73
C SER C 121 -5.50 9.30 45.17
N LEU C 122 -4.64 10.17 44.61
CA LEU C 122 -4.55 11.61 44.97
C LEU C 122 -5.67 12.45 44.31
N ARG C 123 -6.54 11.83 43.51
CA ARG C 123 -7.61 12.56 42.76
C ARG C 123 -8.74 12.91 43.73
N PRO C 124 -9.32 14.13 43.63
CA PRO C 124 -10.47 14.49 44.45
C PRO C 124 -11.64 13.49 44.31
N GLU C 125 -12.17 13.31 43.10
CA GLU C 125 -13.22 12.26 42.84
C GLU C 125 -12.70 10.89 43.31
N PRO C 134 -3.74 16.57 45.35
CA PRO C 134 -2.79 16.67 44.23
C PRO C 134 -1.37 16.95 44.74
N PRO C 135 -0.31 16.81 43.90
CA PRO C 135 1.08 17.04 44.33
C PRO C 135 1.63 18.43 43.96
N SER C 136 2.48 19.00 44.84
CA SER C 136 3.14 20.31 44.63
C SER C 136 4.11 20.21 43.45
N LEU C 137 4.59 21.35 42.94
CA LEU C 137 5.61 21.38 41.87
C LEU C 137 6.89 20.72 42.39
N SER C 138 7.27 21.01 43.64
CA SER C 138 8.55 20.53 44.22
C SER C 138 8.46 19.01 44.49
N LYS C 139 7.27 18.48 44.73
CA LYS C 139 7.05 17.04 45.00
C LYS C 139 7.05 16.26 43.67
N MET C 140 6.70 16.94 42.56
CA MET C 140 6.67 16.36 41.20
C MET C 140 8.09 16.34 40.61
N ILE C 141 8.81 17.45 40.76
CA ILE C 141 10.26 17.55 40.39
C ILE C 141 11.01 16.40 41.09
N GLN C 142 10.64 16.10 42.33
CA GLN C 142 11.32 15.08 43.16
C GLN C 142 11.17 13.73 42.46
N MET C 143 9.93 13.34 42.16
CA MET C 143 9.57 12.09 41.44
C MET C 143 10.32 12.04 40.12
N ALA C 144 10.26 13.11 39.33
CA ALA C 144 10.92 13.20 38.01
C ALA C 144 12.41 12.85 38.15
N GLY C 145 13.09 13.46 39.12
CA GLY C 145 14.54 13.32 39.30
C GLY C 145 14.94 11.92 39.74
N GLU C 146 14.17 11.36 40.68
CA GLU C 146 14.34 9.95 41.15
C GLU C 146 14.22 9.01 39.94
N ILE C 147 13.13 9.13 39.16
CA ILE C 147 12.87 8.28 37.97
C ILE C 147 14.01 8.48 36.98
N ALA C 148 14.32 9.73 36.68
CA ALA C 148 15.42 10.10 35.75
C ALA C 148 16.73 9.49 36.22
N ASP C 149 16.95 9.45 37.54
CA ASP C 149 18.24 9.00 38.12
C ASP C 149 18.37 7.49 37.94
N GLY C 150 17.32 6.75 38.29
CA GLY C 150 17.24 5.29 38.05
C GLY C 150 17.47 4.97 36.58
N MET C 151 16.83 5.74 35.69
CA MET C 151 16.93 5.51 34.23
C MET C 151 18.35 5.83 33.75
N ALA C 152 18.97 6.88 34.28
CA ALA C 152 20.38 7.23 33.98
C ALA C 152 21.29 6.09 34.41
N TYR C 153 21.03 5.49 35.58
CA TYR C 153 21.78 4.35 36.14
C TYR C 153 21.68 3.17 35.16
N LEU C 154 20.46 2.83 34.73
CA LEU C 154 20.21 1.70 33.80
C LEU C 154 20.93 1.94 32.47
N ASN C 155 20.89 3.16 31.93
CA ASN C 155 21.46 3.46 30.60
C ASN C 155 22.98 3.45 30.70
N ALA C 156 23.51 3.79 31.87
CA ALA C 156 24.94 3.69 32.21
C ALA C 156 25.38 2.22 32.18
N ASN C 157 24.53 1.30 32.65
CA ASN C 157 24.81 -0.17 32.65
C ASN C 157 24.32 -0.80 31.34
N LYS C 158 24.18 -0.03 30.26
CA LYS C 158 23.88 -0.52 28.89
C LYS C 158 22.53 -1.26 28.87
N PHE C 159 21.54 -0.79 29.62
CA PHE C 159 20.20 -1.43 29.69
C PHE C 159 19.13 -0.42 29.23
N VAL C 160 18.31 -0.85 28.28
CA VAL C 160 17.12 -0.13 27.77
C VAL C 160 15.90 -0.78 28.39
N HIS C 161 15.06 -0.01 29.08
CA HIS C 161 13.90 -0.52 29.85
C HIS C 161 12.80 -1.01 28.89
N ARG C 162 12.34 -0.13 27.99
CA ARG C 162 11.37 -0.41 26.91
C ARG C 162 9.93 -0.25 27.40
N ASP C 163 9.68 -0.22 28.70
CA ASP C 163 8.31 -0.11 29.25
C ASP C 163 8.26 0.84 30.46
N LEU C 164 9.01 1.93 30.42
CA LEU C 164 8.92 3.00 31.43
C LEU C 164 7.51 3.59 31.32
N ALA C 165 6.87 3.84 32.45
CA ALA C 165 5.44 4.22 32.57
C ALA C 165 5.08 4.22 34.05
N ALA C 166 4.14 5.09 34.46
CA ALA C 166 3.73 5.21 35.88
C ALA C 166 3.45 3.82 36.44
N ARG C 167 2.81 2.93 35.66
CA ARG C 167 2.40 1.59 36.15
C ARG C 167 3.63 0.74 36.50
N ASN C 168 4.81 1.03 35.94
CA ASN C 168 6.06 0.25 36.17
C ASN C 168 7.08 1.08 36.96
N CYS C 169 6.66 2.19 37.54
CA CYS C 169 7.41 2.90 38.60
C CYS C 169 6.76 2.52 39.92
N MET C 170 7.57 2.18 40.92
CA MET C 170 7.08 1.76 42.25
C MET C 170 7.37 2.86 43.27
N VAL C 171 6.54 2.92 44.32
CA VAL C 171 6.62 3.92 45.42
C VAL C 171 6.96 3.17 46.72
N ALA C 172 8.05 3.59 47.39
CA ALA C 172 8.52 3.00 48.66
C ALA C 172 7.74 3.58 49.83
N GLU C 173 7.98 3.09 51.05
CA GLU C 173 7.33 3.56 52.31
C GLU C 173 7.51 5.07 52.44
N ASP C 174 8.70 5.59 52.12
CA ASP C 174 9.06 7.03 52.29
C ASP C 174 8.80 7.83 51.01
N PHE C 175 7.97 7.31 50.09
CA PHE C 175 7.52 7.99 48.84
C PHE C 175 8.63 8.15 47.78
N THR C 176 9.79 7.51 47.99
CA THR C 176 10.83 7.40 46.94
C THR C 176 10.23 6.63 45.77
N VAL C 177 10.41 7.13 44.55
CA VAL C 177 9.93 6.42 43.33
C VAL C 177 11.12 5.69 42.71
N LYS C 178 10.90 4.47 42.24
CA LYS C 178 11.97 3.62 41.67
C LYS C 178 11.46 2.95 40.39
N ILE C 179 12.40 2.64 39.51
CA ILE C 179 12.17 1.95 38.22
C ILE C 179 11.82 0.51 38.55
N GLY C 180 10.68 0.02 38.05
CA GLY C 180 10.16 -1.33 38.28
C GLY C 180 10.12 -2.16 37.01
N ASP C 181 9.06 -2.96 36.86
CA ASP C 181 8.92 -4.12 35.94
C ASP C 181 9.16 -3.70 34.48
N PHE C 182 10.02 -4.43 33.78
CA PHE C 182 10.35 -4.24 32.34
C PHE C 182 9.97 -5.49 31.53
N GLY C 183 9.83 -6.61 32.22
CA GLY C 183 9.40 -7.92 31.70
C GLY C 183 8.28 -7.83 30.68
N MET C 184 7.33 -6.94 30.89
CA MET C 184 6.04 -6.97 30.17
C MET C 184 6.23 -6.95 28.64
N THR C 185 7.28 -6.30 28.15
CA THR C 185 7.49 -5.97 26.70
C THR C 185 8.44 -6.96 26.03
N ARG C 186 9.11 -7.80 26.82
CA ARG C 186 10.18 -8.69 26.31
C ARG C 186 9.58 -9.96 25.71
N ASP C 187 9.86 -10.23 24.44
CA ASP C 187 9.49 -11.51 23.78
C ASP C 187 10.54 -12.57 24.16
N ILE C 188 10.15 -13.84 24.05
CA ILE C 188 10.96 -15.02 24.46
C ILE C 188 12.10 -15.22 23.45
N TYR C 189 11.91 -14.80 22.19
CA TYR C 189 12.71 -15.25 21.02
C TYR C 189 13.57 -14.11 20.43
N GLU C 190 13.01 -12.88 20.34
CA GLU C 190 13.60 -11.68 19.71
C GLU C 190 15.15 -11.69 19.73
N THR C 191 15.77 -11.09 18.71
CA THR C 191 17.24 -10.99 18.46
C THR C 191 17.64 -12.09 17.46
N ASP C 192 17.63 -13.36 17.88
CA ASP C 192 17.88 -14.51 16.98
C ASP C 192 16.69 -14.70 16.02
N TYR C 193 15.47 -14.85 16.54
CA TYR C 193 14.24 -15.12 15.74
C TYR C 193 13.21 -13.98 15.89
N TYR C 194 12.20 -13.94 15.02
CA TYR C 194 11.23 -12.80 14.89
C TYR C 194 9.77 -13.27 14.91
N GLY C 200 4.25 -9.65 19.68
CA GLY C 200 3.96 -9.70 21.14
C GLY C 200 3.11 -8.52 21.65
N LEU C 201 3.71 -7.58 22.40
CA LEU C 201 2.99 -6.71 23.40
C LEU C 201 3.63 -5.32 23.48
N LEU C 202 2.90 -4.26 23.11
CA LEU C 202 3.51 -2.91 22.91
C LEU C 202 2.73 -1.84 23.67
N PRO C 203 3.42 -1.05 24.52
CA PRO C 203 2.78 0.11 25.14
C PRO C 203 2.74 1.34 24.20
N VAL C 204 1.84 1.34 23.23
CA VAL C 204 1.81 2.35 22.12
C VAL C 204 1.76 3.77 22.72
N ARG C 205 1.05 3.96 23.83
CA ARG C 205 0.84 5.31 24.39
C ARG C 205 2.15 5.85 25.01
N TRP C 206 3.10 4.96 25.32
CA TRP C 206 4.40 5.34 25.93
C TRP C 206 5.54 5.25 24.91
N MET C 207 5.25 4.87 23.67
CA MET C 207 6.29 4.53 22.65
C MET C 207 6.60 5.71 21.74
N SER C 208 7.88 5.93 21.51
CA SER C 208 8.43 6.93 20.58
C SER C 208 8.02 6.56 19.14
N PRO C 209 8.03 7.53 18.22
CA PRO C 209 7.78 7.28 16.81
C PRO C 209 8.66 6.18 16.21
N GLU C 210 9.97 6.19 16.49
CA GLU C 210 10.90 5.20 15.90
C GLU C 210 10.59 3.82 16.50
N SER C 211 10.11 3.77 17.74
CA SER C 211 9.67 2.50 18.39
C SER C 211 8.43 1.97 17.68
N LEU C 212 7.46 2.85 17.37
CA LEU C 212 6.22 2.47 16.67
C LEU C 212 6.54 2.05 15.23
N LYS C 213 7.42 2.78 14.53
CA LYS C 213 7.67 2.60 13.08
C LYS C 213 8.49 1.32 12.87
N ASP C 214 9.60 1.17 13.60
CA ASP C 214 10.69 0.21 13.26
C ASP C 214 11.00 -0.73 14.44
N GLY C 215 10.29 -0.62 15.55
CA GLY C 215 10.61 -1.41 16.77
C GLY C 215 12.01 -1.13 17.26
N VAL C 216 12.47 0.11 17.12
CA VAL C 216 13.77 0.58 17.67
C VAL C 216 13.53 0.99 19.11
N PHE C 217 14.32 0.44 20.03
CA PHE C 217 14.26 0.79 21.47
C PHE C 217 15.67 1.12 21.93
N THR C 218 15.90 2.39 22.27
CA THR C 218 17.21 2.90 22.72
C THR C 218 16.97 3.69 23.98
N THR C 219 18.03 4.14 24.64
CA THR C 219 17.96 5.11 25.76
C THR C 219 17.04 6.26 25.36
N TYR C 220 17.11 6.68 24.10
CA TYR C 220 16.45 7.90 23.58
C TYR C 220 14.94 7.63 23.50
N SER C 221 14.55 6.38 23.22
CA SER C 221 13.14 5.92 23.23
C SER C 221 12.65 5.90 24.69
N ASP C 222 13.50 5.50 25.63
CA ASP C 222 13.20 5.49 27.10
C ASP C 222 12.93 6.93 27.54
N VAL C 223 13.68 7.90 27.01
CA VAL C 223 13.49 9.35 27.32
C VAL C 223 12.09 9.78 26.86
N TRP C 224 11.64 9.36 25.67
CA TRP C 224 10.26 9.64 25.20
C TRP C 224 9.28 9.16 26.27
N SER C 225 9.38 7.91 26.69
CA SER C 225 8.50 7.31 27.71
C SER C 225 8.53 8.19 28.97
N PHE C 226 9.71 8.66 29.36
CA PHE C 226 9.92 9.47 30.57
C PHE C 226 9.04 10.73 30.49
N GLY C 227 9.04 11.38 29.34
CA GLY C 227 8.15 12.52 29.07
C GLY C 227 6.70 12.15 29.33
N VAL C 228 6.28 10.96 28.92
CA VAL C 228 4.87 10.51 29.09
C VAL C 228 4.62 10.28 30.59
N VAL C 229 5.60 9.83 31.35
CA VAL C 229 5.45 9.62 32.81
C VAL C 229 5.31 10.99 33.50
N LEU C 230 6.08 12.00 33.08
CA LEU C 230 5.90 13.37 33.64
C LEU C 230 4.43 13.78 33.43
N TRP C 231 3.92 13.57 32.22
CA TRP C 231 2.53 13.91 31.82
C TRP C 231 1.55 13.15 32.70
N GLU C 232 1.83 11.87 33.00
CA GLU C 232 0.99 11.05 33.90
C GLU C 232 1.00 11.70 35.28
N ILE C 233 2.18 12.12 35.75
CA ILE C 233 2.35 12.75 37.10
C ILE C 233 1.51 14.04 37.16
N ALA C 234 1.56 14.85 36.10
CA ALA C 234 0.89 16.17 36.07
C ALA C 234 -0.62 16.00 35.84
N THR C 235 -1.12 14.87 35.33
CA THR C 235 -2.57 14.63 35.10
C THR C 235 -3.12 13.69 36.17
N LEU C 236 -2.34 13.36 37.19
CA LEU C 236 -2.67 12.29 38.17
C LEU C 236 -3.18 11.06 37.39
N ALA C 237 -2.35 10.58 36.46
CA ALA C 237 -2.52 9.33 35.70
C ALA C 237 -3.87 9.30 34.97
N GLU C 238 -4.14 10.30 34.11
CA GLU C 238 -5.07 10.15 32.97
C GLU C 238 -4.44 9.14 31.98
N GLN C 239 -5.26 8.42 31.22
CA GLN C 239 -4.75 7.58 30.11
C GLN C 239 -4.21 8.55 29.07
N PRO C 240 -2.93 8.45 28.68
CA PRO C 240 -2.41 9.32 27.62
C PRO C 240 -3.17 9.05 26.32
N TYR C 241 -3.52 10.12 25.59
CA TYR C 241 -4.27 10.06 24.32
C TYR C 241 -5.64 9.41 24.55
N GLN C 242 -6.32 9.74 25.65
CA GLN C 242 -7.66 9.14 25.99
C GLN C 242 -8.60 9.48 24.84
N GLY C 243 -9.50 8.57 24.48
CA GLY C 243 -10.45 8.80 23.39
C GLY C 243 -9.88 8.41 22.04
N LEU C 244 -8.56 8.27 21.92
CA LEU C 244 -7.94 7.58 20.76
C LEU C 244 -7.79 6.09 21.09
N SER C 245 -8.14 5.20 20.15
CA SER C 245 -7.83 3.75 20.24
C SER C 245 -6.33 3.56 20.09
N ASN C 246 -5.79 2.40 20.46
CA ASN C 246 -4.35 2.06 20.29
C ASN C 246 -3.92 2.26 18.82
N GLU C 247 -4.71 1.78 17.84
CA GLU C 247 -4.39 1.93 16.39
C GLU C 247 -4.31 3.42 16.04
N GLN C 248 -5.21 4.24 16.58
CA GLN C 248 -5.26 5.69 16.30
C GLN C 248 -4.02 6.37 16.86
N VAL C 249 -3.57 5.94 18.04
CA VAL C 249 -2.39 6.55 18.74
C VAL C 249 -1.15 6.26 17.91
N LEU C 250 -1.06 5.06 17.34
CA LEU C 250 0.06 4.62 16.49
C LEU C 250 0.20 5.60 15.31
N ARG C 251 -0.88 5.86 14.58
CA ARG C 251 -0.95 6.82 13.45
C ARG C 251 -0.60 8.22 13.97
N PHE C 252 -1.32 8.68 14.99
CA PHE C 252 -1.26 10.06 15.54
C PHE C 252 0.18 10.43 15.91
N VAL C 253 0.88 9.58 16.67
CA VAL C 253 2.24 9.86 17.21
C VAL C 253 3.25 9.79 16.06
N MET C 254 3.13 8.80 15.18
CA MET C 254 4.02 8.63 14.01
C MET C 254 3.91 9.85 13.10
N GLU C 255 2.75 10.51 13.07
CA GLU C 255 2.52 11.69 12.20
C GLU C 255 2.81 12.98 12.97
N GLY C 256 3.50 12.90 14.11
CA GLY C 256 4.01 14.07 14.84
C GLY C 256 3.05 14.58 15.91
N GLY C 257 1.96 13.85 16.15
CA GLY C 257 1.02 14.12 17.25
C GLY C 257 1.73 14.14 18.59
N LEU C 258 1.25 15.00 19.48
CA LEU C 258 1.80 15.26 20.84
C LEU C 258 0.66 15.39 21.85
N LEU C 259 0.93 15.04 23.10
CA LEU C 259 -0.02 15.19 24.21
C LEU C 259 -0.20 16.68 24.49
N ASP C 260 -1.46 17.09 24.75
CA ASP C 260 -1.80 18.46 25.17
C ASP C 260 -1.22 18.71 26.56
N LYS C 261 -0.57 19.85 26.77
CA LYS C 261 -0.10 20.31 28.11
C LYS C 261 -1.24 20.15 29.12
N PRO C 262 -1.02 19.42 30.24
CA PRO C 262 -2.09 19.16 31.20
C PRO C 262 -2.60 20.46 31.84
N ASP C 263 -3.86 20.44 32.27
CA ASP C 263 -4.53 21.48 33.10
C ASP C 263 -3.56 21.93 34.20
N ASN C 264 -3.27 23.23 34.24
CA ASN C 264 -2.48 23.90 35.32
C ASN C 264 -1.11 23.22 35.47
N CYS C 265 -0.50 22.74 34.38
CA CYS C 265 0.84 22.09 34.44
C CYS C 265 1.90 23.17 34.55
N PRO C 266 2.83 23.07 35.52
CA PRO C 266 3.98 23.99 35.58
C PRO C 266 4.74 24.03 34.25
N ASP C 267 5.19 25.21 33.85
CA ASP C 267 5.94 25.42 32.57
C ASP C 267 7.27 24.68 32.65
N MET C 268 7.88 24.65 33.84
CA MET C 268 9.12 23.88 34.15
C MET C 268 9.01 22.49 33.53
N LEU C 269 7.90 21.80 33.85
CA LEU C 269 7.65 20.37 33.53
C LEU C 269 7.27 20.20 32.07
N PHE C 270 6.33 21.00 31.55
CA PHE C 270 5.88 20.87 30.14
C PHE C 270 7.06 21.13 29.20
N GLU C 271 7.97 22.02 29.59
CA GLU C 271 9.21 22.33 28.81
C GLU C 271 10.00 21.02 28.70
N LEU C 272 10.03 20.24 29.78
CA LEU C 272 10.77 18.96 29.88
C LEU C 272 10.12 17.93 28.96
N MET C 273 8.78 17.82 29.00
CA MET C 273 7.99 16.91 28.14
C MET C 273 8.30 17.20 26.68
N ARG C 274 8.31 18.48 26.28
CA ARG C 274 8.53 18.90 24.87
C ARG C 274 9.93 18.45 24.42
N MET C 275 10.93 18.58 25.29
CA MET C 275 12.32 18.15 25.02
C MET C 275 12.35 16.64 24.80
N CYS C 276 11.58 15.89 25.59
CA CYS C 276 11.56 14.40 25.55
C CYS C 276 10.83 13.92 24.31
N TRP C 277 9.86 14.68 23.82
CA TRP C 277 8.98 14.31 22.66
C TRP C 277 9.47 14.92 21.34
N GLN C 278 10.74 15.28 21.25
CA GLN C 278 11.39 15.59 19.96
C GLN C 278 11.22 14.37 19.04
N TYR C 279 10.59 14.57 17.88
CA TYR C 279 10.36 13.48 16.90
C TYR C 279 11.68 12.76 16.64
N ASN C 280 12.76 13.50 16.42
CA ASN C 280 14.09 12.91 16.12
C ASN C 280 14.80 12.57 17.42
N PRO C 281 15.21 11.31 17.65
CA PRO C 281 15.86 10.92 18.90
C PRO C 281 17.11 11.74 19.23
N LYS C 282 17.94 12.04 18.24
CA LYS C 282 19.21 12.82 18.40
C LYS C 282 18.93 14.11 19.16
N MET C 283 17.78 14.73 18.94
CA MET C 283 17.42 16.06 19.51
C MET C 283 16.83 15.90 20.92
N ARG C 284 16.75 14.69 21.46
CA ARG C 284 16.20 14.47 22.83
C ARG C 284 17.34 14.55 23.84
N PRO C 285 17.09 15.06 25.06
CA PRO C 285 18.12 15.04 26.10
C PRO C 285 18.40 13.63 26.61
N SER C 286 19.62 13.40 27.13
CA SER C 286 19.93 12.18 27.93
C SER C 286 19.30 12.32 29.31
N PHE C 287 19.27 11.25 30.09
CA PHE C 287 18.68 11.28 31.45
C PHE C 287 19.55 12.15 32.35
N LEU C 288 20.87 12.08 32.17
CA LEU C 288 21.85 12.95 32.89
C LEU C 288 21.51 14.43 32.63
N GLU C 289 21.36 14.84 31.37
CA GLU C 289 20.97 16.21 30.96
C GLU C 289 19.66 16.60 31.66
N ILE C 290 18.69 15.69 31.71
CA ILE C 290 17.38 15.96 32.38
C ILE C 290 17.66 16.30 33.84
N ILE C 291 18.51 15.52 34.51
CA ILE C 291 18.80 15.68 35.97
C ILE C 291 19.51 17.02 36.20
N SER C 292 20.57 17.31 35.43
CA SER C 292 21.28 18.62 35.42
C SER C 292 20.28 19.77 35.42
N SER C 293 19.24 19.68 34.59
CA SER C 293 18.26 20.78 34.37
C SER C 293 17.37 20.97 35.61
N ILE C 294 17.32 20.02 36.55
CA ILE C 294 16.40 20.09 37.75
C ILE C 294 17.14 19.85 39.07
N LYS C 295 18.46 19.64 39.06
CA LYS C 295 19.24 19.23 40.26
C LYS C 295 19.14 20.30 41.34
N GLU C 296 18.99 21.57 40.93
CA GLU C 296 18.83 22.75 41.83
C GLU C 296 17.59 22.51 42.70
N GLU C 297 16.50 22.05 42.11
CA GLU C 297 15.17 21.96 42.76
C GLU C 297 14.99 20.59 43.43
N MET C 298 15.99 19.71 43.35
CA MET C 298 15.98 18.37 44.01
C MET C 298 16.21 18.56 45.51
N GLU C 299 15.72 17.65 46.35
CA GLU C 299 15.85 17.73 47.83
C GLU C 299 17.28 17.43 48.24
N PRO C 300 17.68 17.76 49.49
CA PRO C 300 19.07 17.65 49.92
C PRO C 300 19.59 16.21 49.91
N GLY C 301 18.77 15.27 50.42
CA GLY C 301 19.04 13.83 50.48
C GLY C 301 19.52 13.26 49.15
N PHE C 302 18.94 13.68 48.03
CA PHE C 302 19.20 13.18 46.66
C PHE C 302 20.71 13.09 46.40
N ARG C 303 21.53 13.98 46.98
CA ARG C 303 23.01 14.00 46.78
C ARG C 303 23.63 12.68 47.25
N GLU C 304 23.18 12.14 48.39
CA GLU C 304 23.81 10.94 49.03
C GLU C 304 23.33 9.68 48.30
N VAL C 305 22.04 9.56 47.97
CA VAL C 305 21.41 8.30 47.43
C VAL C 305 21.55 8.18 45.91
N SER C 306 21.67 9.29 45.16
CA SER C 306 21.54 9.33 43.68
C SER C 306 22.75 8.68 43.00
N PHE C 307 22.53 8.19 41.79
CA PHE C 307 23.56 7.75 40.82
C PHE C 307 24.23 8.97 40.19
N TYR C 308 23.44 10.04 39.97
CA TYR C 308 23.89 11.30 39.32
C TYR C 308 25.16 11.78 40.02
N TYR C 309 25.11 11.87 41.35
CA TYR C 309 26.21 12.38 42.22
C TYR C 309 27.17 11.28 42.62
N SER C 310 26.81 10.00 42.45
CA SER C 310 27.68 8.85 42.81
C SER C 310 29.02 8.93 42.08
N GLU C 311 30.05 8.28 42.64
CA GLU C 311 31.40 8.19 42.02
C GLU C 311 31.33 7.38 40.73
N GLU C 312 30.31 6.52 40.60
CA GLU C 312 30.11 5.60 39.45
C GLU C 312 29.83 6.40 38.16
N ASN C 313 29.29 7.62 38.28
CA ASN C 313 28.93 8.47 37.10
C ASN C 313 30.19 8.86 36.32
N TYR D 15 -18.70 18.99 -36.24
CA TYR D 15 -19.85 19.90 -35.95
C TYR D 15 -20.50 20.30 -37.26
N VAL D 16 -21.81 20.05 -37.42
CA VAL D 16 -22.60 20.50 -38.60
C VAL D 16 -23.40 21.74 -38.22
N PRO D 17 -23.11 22.92 -38.82
CA PRO D 17 -23.88 24.14 -38.56
C PRO D 17 -25.38 23.84 -38.69
N ASP D 18 -26.21 24.60 -37.98
CA ASP D 18 -27.68 24.37 -37.99
C ASP D 18 -28.41 25.66 -37.58
N GLU D 19 -29.72 25.53 -37.37
CA GLU D 19 -30.63 26.53 -36.74
C GLU D 19 -29.85 27.46 -35.81
N TRP D 20 -29.03 26.89 -34.92
CA TRP D 20 -28.39 27.62 -33.79
C TRP D 20 -27.25 28.51 -34.28
N GLU D 21 -26.68 28.22 -35.46
CA GLU D 21 -25.56 28.99 -36.04
C GLU D 21 -26.02 30.42 -36.32
N VAL D 22 -25.25 31.40 -35.86
CA VAL D 22 -25.51 32.87 -35.96
C VAL D 22 -24.33 33.51 -36.70
N ALA D 23 -24.59 34.51 -37.56
CA ALA D 23 -23.56 35.24 -38.32
C ALA D 23 -22.77 36.12 -37.35
N ARG D 24 -21.44 35.99 -37.38
CA ARG D 24 -20.47 36.70 -36.50
C ARG D 24 -20.71 38.21 -36.57
N GLU D 25 -21.13 38.68 -37.74
CA GLU D 25 -21.57 40.07 -38.06
C GLU D 25 -22.60 40.56 -37.01
N LYS D 26 -23.55 39.71 -36.61
CA LYS D 26 -24.70 40.11 -35.73
C LYS D 26 -24.25 40.24 -34.26
N ILE D 27 -23.07 39.72 -33.90
CA ILE D 27 -22.55 39.65 -32.50
C ILE D 27 -21.65 40.86 -32.24
N THR D 28 -21.72 41.42 -31.04
CA THR D 28 -20.92 42.61 -30.60
C THR D 28 -20.46 42.37 -29.16
N MET D 29 -19.15 42.31 -28.93
CA MET D 29 -18.54 42.03 -27.61
C MET D 29 -18.17 43.35 -26.93
N SER D 30 -18.95 43.75 -25.91
CA SER D 30 -18.77 45.01 -25.12
C SER D 30 -17.52 44.95 -24.23
N ARG D 31 -17.50 44.09 -23.21
CA ARG D 31 -16.41 44.04 -22.19
C ARG D 31 -16.28 42.64 -21.59
N GLU D 32 -15.09 42.36 -21.04
CA GLU D 32 -14.74 41.08 -20.34
C GLU D 32 -15.59 40.95 -19.07
N LEU D 33 -16.15 39.77 -18.81
CA LEU D 33 -16.86 39.44 -17.55
C LEU D 33 -15.98 38.55 -16.67
N GLY D 34 -14.97 37.92 -17.26
CA GLY D 34 -14.04 37.02 -16.55
C GLY D 34 -14.00 35.65 -17.20
N GLN D 35 -12.98 34.87 -16.84
CA GLN D 35 -12.71 33.52 -17.43
C GLN D 35 -13.81 32.54 -17.02
N GLY D 36 -14.28 31.74 -17.97
CA GLY D 36 -15.15 30.58 -17.75
C GLY D 36 -14.47 29.32 -18.28
N SER D 37 -15.24 28.28 -18.59
CA SER D 37 -14.69 26.93 -18.82
C SER D 37 -13.63 26.98 -19.92
N PHE D 38 -13.97 27.42 -21.12
CA PHE D 38 -13.05 27.18 -22.27
C PHE D 38 -12.27 28.45 -22.61
N GLY D 39 -12.68 29.60 -22.07
CA GLY D 39 -11.99 30.88 -22.34
C GLY D 39 -12.77 32.04 -21.77
N MET D 40 -12.43 33.26 -22.20
CA MET D 40 -13.01 34.51 -21.65
C MET D 40 -14.49 34.55 -22.00
N VAL D 41 -15.32 34.98 -21.05
CA VAL D 41 -16.76 35.31 -21.28
C VAL D 41 -16.88 36.84 -21.35
N TYR D 42 -17.52 37.35 -22.40
CA TYR D 42 -17.77 38.79 -22.63
C TYR D 42 -19.26 39.07 -22.49
N GLU D 43 -19.59 40.26 -21.95
CA GLU D 43 -20.91 40.91 -22.13
C GLU D 43 -20.99 41.39 -23.58
N GLY D 44 -22.18 41.47 -24.16
CA GLY D 44 -22.31 41.91 -25.55
C GLY D 44 -23.75 42.05 -25.99
N VAL D 45 -23.95 41.96 -27.29
CA VAL D 45 -25.27 42.16 -27.93
C VAL D 45 -25.31 41.31 -29.21
N ALA D 46 -26.43 40.64 -29.46
CA ALA D 46 -26.64 39.80 -30.66
C ALA D 46 -27.97 40.18 -31.31
N LYS D 47 -27.94 40.36 -32.64
CA LYS D 47 -29.12 40.78 -33.45
C LYS D 47 -29.92 39.52 -33.83
N GLY D 48 -31.20 39.50 -33.46
CA GLY D 48 -32.19 38.48 -33.88
C GLY D 48 -31.80 37.07 -33.51
N VAL D 49 -31.42 36.86 -32.26
CA VAL D 49 -31.20 35.51 -31.67
C VAL D 49 -32.41 35.15 -30.82
N VAL D 50 -33.19 36.17 -30.41
CA VAL D 50 -34.49 36.01 -29.71
C VAL D 50 -35.59 36.56 -30.64
N LYS D 51 -36.74 35.88 -30.69
CA LYS D 51 -37.94 36.32 -31.45
C LYS D 51 -38.64 37.44 -30.67
N ASP D 52 -39.10 38.47 -31.36
CA ASP D 52 -39.77 39.68 -30.77
C ASP D 52 -38.75 40.39 -29.90
N GLU D 53 -37.54 40.60 -30.44
CA GLU D 53 -36.39 41.26 -29.78
C GLU D 53 -35.32 41.43 -30.84
N PRO D 54 -35.26 42.60 -31.52
CA PRO D 54 -34.33 42.78 -32.63
C PRO D 54 -32.87 42.65 -32.14
N GLU D 55 -32.59 43.20 -30.96
CA GLU D 55 -31.26 43.15 -30.30
C GLU D 55 -31.45 42.53 -28.92
N THR D 56 -30.54 41.64 -28.50
CA THR D 56 -30.55 40.97 -27.16
C THR D 56 -29.20 41.15 -26.47
N ARG D 57 -29.19 41.57 -25.21
CA ARG D 57 -27.99 41.56 -24.32
C ARG D 57 -27.64 40.10 -24.03
N VAL D 58 -26.40 39.69 -24.34
CA VAL D 58 -25.96 38.28 -24.25
C VAL D 58 -24.60 38.18 -23.55
N ALA D 59 -24.32 37.02 -22.98
CA ALA D 59 -22.98 36.56 -22.58
C ALA D 59 -22.39 35.78 -23.75
N ILE D 60 -21.12 36.03 -24.08
CA ILE D 60 -20.42 35.37 -25.21
C ILE D 60 -19.15 34.75 -24.67
N LYS D 61 -19.06 33.42 -24.69
CA LYS D 61 -17.83 32.68 -24.32
C LYS D 61 -17.07 32.42 -25.61
N THR D 62 -15.78 32.77 -25.62
CA THR D 62 -14.84 32.50 -26.74
C THR D 62 -13.86 31.40 -26.33
N VAL D 63 -13.61 30.45 -27.23
CA VAL D 63 -12.37 29.63 -27.21
C VAL D 63 -11.27 30.52 -27.78
N ASN D 64 -10.23 30.78 -26.97
CA ASN D 64 -8.99 31.50 -27.39
C ASN D 64 -8.37 30.81 -28.62
N GLU D 65 -7.33 31.38 -29.23
CA GLU D 65 -6.63 30.76 -30.38
C GLU D 65 -5.47 29.90 -29.87
N ALA D 66 -5.25 29.83 -28.56
CA ALA D 66 -4.24 28.97 -27.90
C ALA D 66 -4.77 27.52 -27.72
N ALA D 67 -5.96 27.22 -28.23
CA ALA D 67 -6.64 25.92 -28.05
C ALA D 67 -6.53 25.09 -29.33
N SER D 68 -6.29 23.78 -29.17
CA SER D 68 -6.20 22.78 -30.26
C SER D 68 -7.56 22.60 -30.93
N MET D 69 -7.59 22.10 -32.17
CA MET D 69 -8.81 21.72 -32.91
C MET D 69 -9.59 20.73 -32.04
N ARG D 70 -8.90 19.84 -31.32
CA ARG D 70 -9.50 18.81 -30.43
C ARG D 70 -10.35 19.49 -29.34
N GLU D 71 -9.88 20.63 -28.83
CA GLU D 71 -10.53 21.40 -27.73
C GLU D 71 -11.63 22.30 -28.30
N ARG D 72 -11.41 22.89 -29.47
CA ARG D 72 -12.39 23.75 -30.20
C ARG D 72 -13.63 22.91 -30.54
N ILE D 73 -13.45 21.62 -30.83
CA ILE D 73 -14.57 20.69 -31.16
C ILE D 73 -15.27 20.31 -29.86
N GLU D 74 -14.50 20.01 -28.81
CA GLU D 74 -15.04 19.67 -27.46
C GLU D 74 -16.01 20.80 -27.05
N PHE D 75 -15.52 22.04 -27.10
CA PHE D 75 -16.26 23.28 -26.78
C PHE D 75 -17.65 23.27 -27.43
N LEU D 76 -17.71 23.06 -28.75
CA LEU D 76 -18.98 23.12 -29.52
C LEU D 76 -19.92 22.00 -29.10
N ASN D 77 -19.39 20.77 -28.97
CA ASN D 77 -20.21 19.57 -28.66
C ASN D 77 -20.80 19.72 -27.25
N GLU D 78 -20.01 20.20 -26.29
CA GLU D 78 -20.49 20.44 -24.91
C GLU D 78 -21.59 21.51 -24.95
N ALA D 79 -21.38 22.59 -25.68
CA ALA D 79 -22.38 23.67 -25.86
C ALA D 79 -23.66 23.07 -26.46
N SER D 80 -23.50 22.21 -27.46
CA SER D 80 -24.61 21.60 -28.23
C SER D 80 -25.57 20.82 -27.33
N VAL D 81 -25.08 20.29 -26.21
CA VAL D 81 -25.94 19.61 -25.20
C VAL D 81 -27.05 20.58 -24.77
N MET D 82 -26.72 21.87 -24.66
CA MET D 82 -27.62 22.91 -24.11
C MET D 82 -28.72 23.24 -25.11
N LYS D 83 -28.60 22.79 -26.36
CA LYS D 83 -29.61 23.01 -27.43
C LYS D 83 -30.91 22.32 -27.01
N GLU D 84 -30.81 21.19 -26.31
CA GLU D 84 -31.94 20.33 -25.89
C GLU D 84 -32.61 20.92 -24.64
N PHE D 85 -32.00 21.92 -24.00
CA PHE D 85 -32.45 22.44 -22.69
C PHE D 85 -33.35 23.67 -22.88
N ASN D 86 -34.52 23.62 -22.25
CA ASN D 86 -35.47 24.75 -22.14
C ASN D 86 -36.00 24.74 -20.69
N CYS D 87 -35.31 25.40 -19.77
CA CYS D 87 -35.71 25.45 -18.34
C CYS D 87 -35.36 26.80 -17.73
N HIS D 88 -36.31 27.36 -16.96
CA HIS D 88 -36.22 28.73 -16.40
C HIS D 88 -34.99 28.84 -15.50
N HIS D 89 -34.62 27.73 -14.86
CA HIS D 89 -33.58 27.68 -13.80
C HIS D 89 -32.27 27.10 -14.34
N VAL D 90 -32.10 27.00 -15.66
CA VAL D 90 -30.82 26.62 -16.33
C VAL D 90 -30.49 27.67 -17.39
N VAL D 91 -29.31 28.28 -17.29
CA VAL D 91 -28.81 29.34 -18.22
C VAL D 91 -28.96 28.82 -19.64
N ARG D 92 -29.56 29.65 -20.51
CA ARG D 92 -30.00 29.23 -21.87
C ARG D 92 -28.90 29.51 -22.87
N LEU D 93 -28.66 28.58 -23.78
CA LEU D 93 -27.94 28.80 -25.07
C LEU D 93 -28.84 29.62 -26.01
N LEU D 94 -28.28 30.64 -26.65
CA LEU D 94 -29.00 31.51 -27.63
C LEU D 94 -28.45 31.30 -29.04
N GLY D 95 -27.18 30.91 -29.20
CA GLY D 95 -26.58 30.65 -30.52
C GLY D 95 -25.12 30.27 -30.47
N VAL D 96 -24.62 29.81 -31.61
CA VAL D 96 -23.24 29.28 -31.79
C VAL D 96 -22.64 29.98 -33.01
N VAL D 97 -21.35 30.30 -32.95
CA VAL D 97 -20.57 30.75 -34.12
C VAL D 97 -19.46 29.71 -34.34
N SER D 98 -19.71 28.76 -35.23
CA SER D 98 -18.91 27.53 -35.42
C SER D 98 -17.85 27.75 -36.50
N GLN D 99 -17.98 28.82 -37.29
CA GLN D 99 -17.13 29.05 -38.50
C GLN D 99 -16.25 30.27 -38.26
N GLY D 100 -14.95 30.08 -38.48
CA GLY D 100 -13.91 31.11 -38.22
C GLY D 100 -13.46 31.09 -36.78
N GLN D 101 -12.60 32.04 -36.40
CA GLN D 101 -12.08 32.22 -35.03
C GLN D 101 -12.25 33.67 -34.61
N PRO D 102 -12.49 33.96 -33.31
CA PRO D 102 -12.66 32.91 -32.30
C PRO D 102 -14.02 32.21 -32.44
N THR D 103 -14.10 30.93 -32.08
CA THR D 103 -15.37 30.15 -32.01
C THR D 103 -16.20 30.70 -30.85
N LEU D 104 -17.46 31.09 -31.08
CA LEU D 104 -18.31 31.75 -30.04
C LEU D 104 -19.44 30.83 -29.61
N VAL D 105 -19.78 30.89 -28.32
CA VAL D 105 -21.04 30.36 -27.75
C VAL D 105 -21.75 31.54 -27.08
N ILE D 106 -22.90 31.93 -27.61
CA ILE D 106 -23.75 33.06 -27.12
C ILE D 106 -24.75 32.45 -26.15
N MET D 107 -25.04 33.10 -25.03
CA MET D 107 -26.06 32.60 -24.08
C MET D 107 -26.64 33.72 -23.22
N GLU D 108 -27.82 33.44 -22.67
CA GLU D 108 -28.55 34.27 -21.67
C GLU D 108 -27.52 35.01 -20.82
N LEU D 109 -27.56 36.34 -20.81
CA LEU D 109 -26.70 37.15 -19.91
C LEU D 109 -27.30 37.13 -18.52
N MET D 110 -26.49 36.73 -17.54
CA MET D 110 -26.86 36.74 -16.11
C MET D 110 -26.20 37.96 -15.49
N THR D 111 -27.02 38.99 -15.24
CA THR D 111 -26.54 40.38 -15.07
C THR D 111 -25.96 40.62 -13.69
N ARG D 112 -26.21 39.71 -12.74
CA ARG D 112 -25.68 39.80 -11.34
C ARG D 112 -24.54 38.80 -11.12
N GLY D 113 -24.02 38.19 -12.18
CA GLY D 113 -22.83 37.30 -12.16
C GLY D 113 -23.09 36.00 -11.42
N ASP D 114 -22.00 35.36 -10.95
CA ASP D 114 -22.02 34.06 -10.27
C ASP D 114 -22.52 34.24 -8.82
N LEU D 115 -23.18 33.22 -8.29
CA LEU D 115 -23.81 33.21 -6.95
C LEU D 115 -22.74 33.40 -5.88
N LYS D 116 -21.51 32.94 -6.11
CA LYS D 116 -20.41 33.02 -5.11
C LYS D 116 -20.07 34.49 -4.87
N SER D 117 -19.74 35.21 -5.94
CA SER D 117 -19.49 36.67 -5.96
C SER D 117 -20.66 37.39 -5.29
N TYR D 118 -21.87 37.10 -5.77
CA TYR D 118 -23.10 37.73 -5.25
C TYR D 118 -23.19 37.52 -3.74
N LEU D 119 -22.98 36.30 -3.27
CA LEU D 119 -23.10 35.95 -1.82
C LEU D 119 -22.00 36.67 -1.05
N ARG D 120 -20.80 36.78 -1.64
CA ARG D 120 -19.64 37.45 -1.00
C ARG D 120 -19.99 38.92 -0.80
N SER D 121 -20.68 39.53 -1.77
CA SER D 121 -21.06 40.96 -1.75
C SER D 121 -22.05 41.25 -0.60
N LEU D 122 -22.83 40.28 -0.12
CA LEU D 122 -23.82 40.46 0.98
C LEU D 122 -23.16 40.47 2.36
N ARG D 123 -21.84 40.29 2.45
CA ARG D 123 -21.12 40.18 3.76
C ARG D 123 -20.98 41.58 4.38
N PRO D 124 -21.20 41.72 5.70
CA PRO D 124 -21.01 43.02 6.36
C PRO D 124 -19.60 43.58 6.16
N GLU D 125 -18.57 42.86 6.62
CA GLU D 125 -17.13 43.17 6.36
C GLU D 125 -16.95 43.24 4.84
N PRO D 134 -27.05 40.25 5.04
CA PRO D 134 -27.22 38.78 4.99
C PRO D 134 -28.62 38.38 4.53
N PRO D 135 -28.87 37.12 4.11
CA PRO D 135 -30.17 36.73 3.54
C PRO D 135 -31.11 36.02 4.53
N SER D 136 -32.42 36.28 4.40
CA SER D 136 -33.48 35.68 5.25
C SER D 136 -33.55 34.18 4.98
N LEU D 137 -34.25 33.44 5.83
CA LEU D 137 -34.49 31.98 5.64
C LEU D 137 -35.28 31.79 4.34
N SER D 138 -36.28 32.63 4.10
CA SER D 138 -37.20 32.48 2.95
C SER D 138 -36.48 32.82 1.65
N LYS D 139 -35.46 33.68 1.71
CA LYS D 139 -34.69 34.11 0.50
C LYS D 139 -33.66 33.01 0.15
N MET D 140 -33.23 32.23 1.15
CA MET D 140 -32.25 31.12 0.99
C MET D 140 -32.97 29.88 0.47
N ILE D 141 -34.14 29.56 1.05
CA ILE D 141 -35.04 28.47 0.55
C ILE D 141 -35.32 28.72 -0.93
N GLN D 142 -35.49 29.98 -1.32
CA GLN D 142 -35.84 30.37 -2.71
C GLN D 142 -34.71 29.92 -3.64
N MET D 143 -33.48 30.34 -3.32
CA MET D 143 -32.25 29.97 -4.06
C MET D 143 -32.13 28.44 -4.13
N ALA D 144 -32.27 27.77 -2.99
CA ALA D 144 -32.17 26.29 -2.90
C ALA D 144 -33.11 25.64 -3.91
N GLY D 145 -34.37 26.07 -3.94
CA GLY D 145 -35.44 25.46 -4.75
C GLY D 145 -35.23 25.69 -6.22
N GLU D 146 -34.82 26.91 -6.59
CA GLU D 146 -34.45 27.29 -7.98
C GLU D 146 -33.32 26.37 -8.45
N ILE D 147 -32.24 26.27 -7.68
CA ILE D 147 -31.04 25.44 -8.02
C ILE D 147 -31.50 23.99 -8.13
N ALA D 148 -32.21 23.50 -7.11
CA ALA D 148 -32.75 22.13 -7.06
C ALA D 148 -33.61 21.87 -8.31
N ASP D 149 -34.39 22.86 -8.75
CA ASP D 149 -35.37 22.70 -9.86
C ASP D 149 -34.59 22.54 -11.17
N GLY D 150 -33.64 23.44 -11.41
CA GLY D 150 -32.73 23.34 -12.56
C GLY D 150 -32.04 21.99 -12.60
N MET D 151 -31.54 21.53 -11.45
CA MET D 151 -30.79 20.25 -11.36
C MET D 151 -31.75 19.08 -11.61
N ALA D 152 -32.98 19.15 -11.11
CA ALA D 152 -34.04 18.14 -11.37
C ALA D 152 -34.30 18.07 -12.88
N TYR D 153 -34.36 19.23 -13.54
CA TYR D 153 -34.58 19.36 -15.00
C TYR D 153 -33.44 18.65 -15.73
N LEU D 154 -32.19 18.94 -15.37
CA LEU D 154 -30.99 18.34 -16.01
C LEU D 154 -30.99 16.83 -15.81
N ASN D 155 -31.34 16.32 -14.62
CA ASN D 155 -31.26 14.87 -14.32
C ASN D 155 -32.40 14.17 -15.05
N ALA D 156 -33.51 14.87 -15.27
CA ALA D 156 -34.65 14.40 -16.09
C ALA D 156 -34.19 14.23 -17.54
N ASN D 157 -33.33 15.12 -18.05
CA ASN D 157 -32.77 15.05 -19.43
C ASN D 157 -31.48 14.22 -19.45
N LYS D 158 -31.26 13.34 -18.47
CA LYS D 158 -30.14 12.36 -18.41
C LYS D 158 -28.79 13.10 -18.46
N PHE D 159 -28.67 14.25 -17.78
CA PHE D 159 -27.42 15.04 -17.72
C PHE D 159 -26.94 15.16 -16.26
N VAL D 160 -25.70 14.80 -16.05
CA VAL D 160 -24.97 14.95 -14.76
C VAL D 160 -24.06 16.16 -14.89
N HIS D 161 -24.19 17.15 -14.01
CA HIS D 161 -23.45 18.44 -14.11
C HIS D 161 -21.96 18.23 -13.80
N ARG D 162 -21.65 17.68 -12.63
CA ARG D 162 -20.28 17.28 -12.18
C ARG D 162 -19.54 18.45 -11.54
N ASP D 163 -20.02 19.68 -11.68
CA ASP D 163 -19.36 20.87 -11.09
C ASP D 163 -20.38 21.85 -10.55
N LEU D 164 -21.45 21.35 -9.92
CA LEU D 164 -22.39 22.21 -9.18
C LEU D 164 -21.62 22.84 -8.01
N ALA D 165 -21.83 24.14 -7.79
CA ALA D 165 -21.07 24.98 -6.84
C ALA D 165 -21.52 26.42 -7.01
N ALA D 166 -21.48 27.22 -5.96
CA ALA D 166 -21.94 28.63 -6.00
C ALA D 166 -21.30 29.34 -7.20
N ARG D 167 -20.03 29.07 -7.48
CA ARG D 167 -19.28 29.76 -8.56
C ARG D 167 -19.88 29.43 -9.94
N ASN D 168 -20.61 28.32 -10.08
CA ASN D 168 -21.21 27.88 -11.37
C ASN D 168 -22.74 27.97 -11.32
N CYS D 169 -23.28 28.62 -10.32
CA CYS D 169 -24.69 29.09 -10.29
C CYS D 169 -24.68 30.57 -10.64
N MET D 170 -25.58 31.00 -11.52
CA MET D 170 -25.63 32.41 -11.98
C MET D 170 -26.89 33.08 -11.41
N VAL D 171 -26.84 34.40 -11.23
CA VAL D 171 -27.94 35.25 -10.68
C VAL D 171 -28.43 36.20 -11.77
N ALA D 172 -29.73 36.17 -12.08
CA ALA D 172 -30.37 37.02 -13.11
C ALA D 172 -30.69 38.40 -12.52
N GLU D 173 -31.18 39.33 -13.35
CA GLU D 173 -31.57 40.70 -12.94
C GLU D 173 -32.55 40.63 -11.77
N ASP D 174 -33.52 39.71 -11.82
CA ASP D 174 -34.62 39.58 -10.82
C ASP D 174 -34.25 38.61 -9.70
N PHE D 175 -32.95 38.31 -9.52
CA PHE D 175 -32.38 37.49 -8.40
C PHE D 175 -32.71 36.01 -8.55
N THR D 176 -33.28 35.58 -9.68
CA THR D 176 -33.46 34.14 -9.99
C THR D 176 -32.07 33.51 -10.07
N VAL D 177 -31.86 32.37 -9.42
CA VAL D 177 -30.58 31.63 -9.52
C VAL D 177 -30.77 30.50 -10.53
N LYS D 178 -29.77 30.28 -11.38
CA LYS D 178 -29.83 29.26 -12.44
C LYS D 178 -28.52 28.47 -12.46
N ILE D 179 -28.61 27.24 -12.95
CA ILE D 179 -27.47 26.32 -13.14
C ILE D 179 -26.64 26.85 -14.30
N GLY D 180 -25.34 27.04 -14.09
CA GLY D 180 -24.40 27.58 -15.09
C GLY D 180 -23.34 26.57 -15.49
N ASP D 181 -22.11 27.05 -15.64
CA ASP D 181 -20.96 26.41 -16.34
C ASP D 181 -20.65 25.04 -15.76
N PHE D 182 -20.56 24.02 -16.62
CA PHE D 182 -20.21 22.63 -16.27
C PHE D 182 -18.92 22.20 -16.97
N GLY D 183 -18.57 22.92 -18.04
CA GLY D 183 -17.36 22.77 -18.86
C GLY D 183 -16.12 22.47 -18.03
N MET D 184 -15.98 23.12 -16.88
CA MET D 184 -14.69 23.18 -16.17
C MET D 184 -14.11 21.79 -15.90
N THR D 185 -14.95 20.77 -15.69
CA THR D 185 -14.57 19.44 -15.15
C THR D 185 -14.45 18.41 -16.28
N ARG D 186 -14.88 18.77 -17.49
CA ARG D 186 -14.98 17.80 -18.62
C ARG D 186 -13.63 17.65 -19.30
N ASP D 187 -13.10 16.43 -19.35
CA ASP D 187 -11.84 16.10 -20.06
C ASP D 187 -12.19 15.93 -21.55
N ILE D 188 -11.18 16.10 -22.41
CA ILE D 188 -11.31 16.11 -23.89
C ILE D 188 -11.53 14.67 -24.37
N TYR D 189 -11.06 13.67 -23.63
CA TYR D 189 -10.85 12.27 -24.11
C TYR D 189 -11.82 11.28 -23.44
N GLU D 190 -12.03 11.42 -22.12
CA GLU D 190 -12.83 10.50 -21.24
C GLU D 190 -13.93 9.76 -22.02
N THR D 191 -14.25 8.54 -21.58
CA THR D 191 -15.26 7.58 -22.14
C THR D 191 -14.52 6.56 -23.02
N ASP D 192 -14.02 6.98 -24.19
CA ASP D 192 -13.19 6.11 -25.07
C ASP D 192 -11.81 5.89 -24.45
N TYR D 193 -11.09 6.97 -24.14
CA TYR D 193 -9.72 6.94 -23.57
C TYR D 193 -9.68 7.52 -22.14
N TYR D 194 -8.58 7.22 -21.43
CA TYR D 194 -8.32 7.55 -20.00
C TYR D 194 -6.91 8.15 -19.89
N ARG D 195 -6.76 9.25 -19.13
CA ARG D 195 -5.48 10.01 -18.99
C ARG D 195 -4.98 9.95 -17.55
N GLY D 200 -6.33 17.10 -15.50
CA GLY D 200 -7.71 16.76 -15.07
C GLY D 200 -8.10 17.49 -13.78
N LEU D 201 -9.04 18.44 -13.88
CA LEU D 201 -9.45 19.43 -12.83
C LEU D 201 -10.62 18.88 -11.98
N LEU D 202 -10.43 18.79 -10.66
CA LEU D 202 -11.47 18.22 -9.75
C LEU D 202 -11.83 19.19 -8.64
N PRO D 203 -13.13 19.50 -8.48
CA PRO D 203 -13.58 20.29 -7.35
C PRO D 203 -13.72 19.48 -6.05
N VAL D 204 -12.61 19.14 -5.40
CA VAL D 204 -12.58 18.16 -4.27
C VAL D 204 -13.56 18.62 -3.17
N ARG D 205 -13.66 19.93 -2.94
CA ARG D 205 -14.49 20.45 -1.82
C ARG D 205 -15.98 20.25 -2.11
N TRP D 206 -16.36 20.07 -3.38
CA TRP D 206 -17.77 19.88 -3.79
C TRP D 206 -18.06 18.42 -4.15
N MET D 207 -17.08 17.52 -4.06
CA MET D 207 -17.16 16.13 -4.59
C MET D 207 -17.56 15.15 -3.49
N SER D 208 -18.49 14.26 -3.85
CA SER D 208 -18.96 13.12 -3.01
C SER D 208 -17.81 12.16 -2.81
N PRO D 209 -17.88 11.33 -1.75
CA PRO D 209 -16.88 10.28 -1.52
C PRO D 209 -16.67 9.35 -2.73
N GLU D 210 -17.75 8.90 -3.37
CA GLU D 210 -17.62 7.94 -4.52
C GLU D 210 -16.99 8.68 -5.70
N SER D 211 -17.20 10.00 -5.83
CA SER D 211 -16.54 10.84 -6.86
C SER D 211 -15.04 10.91 -6.57
N LEU D 212 -14.68 11.13 -5.30
CA LEU D 212 -13.26 11.20 -4.88
C LEU D 212 -12.58 9.83 -5.03
N LYS D 213 -13.25 8.74 -4.65
CA LYS D 213 -12.66 7.39 -4.60
C LYS D 213 -12.47 6.84 -6.01
N ASP D 214 -13.53 6.88 -6.82
CA ASP D 214 -13.67 6.06 -8.07
C ASP D 214 -13.96 6.93 -9.30
N GLY D 215 -14.02 8.25 -9.16
CA GLY D 215 -14.43 9.14 -10.25
C GLY D 215 -15.81 8.80 -10.78
N VAL D 216 -16.72 8.38 -9.89
CA VAL D 216 -18.15 8.14 -10.21
C VAL D 216 -18.87 9.47 -10.09
N PHE D 217 -19.59 9.86 -11.14
CA PHE D 217 -20.41 11.09 -11.15
C PHE D 217 -21.82 10.70 -11.60
N THR D 218 -22.78 10.81 -10.71
CA THR D 218 -24.21 10.47 -10.97
C THR D 218 -25.04 11.64 -10.48
N THR D 219 -26.34 11.62 -10.74
CA THR D 219 -27.32 12.57 -10.14
C THR D 219 -27.05 12.66 -8.63
N TYR D 220 -26.72 11.53 -8.00
CA TYR D 220 -26.62 11.39 -6.53
C TYR D 220 -25.37 12.12 -6.06
N SER D 221 -24.31 12.15 -6.89
CA SER D 221 -23.07 12.93 -6.64
C SER D 221 -23.39 14.43 -6.79
N ASP D 222 -24.24 14.79 -7.75
CA ASP D 222 -24.72 16.19 -7.97
C ASP D 222 -25.47 16.64 -6.70
N VAL D 223 -26.28 15.76 -6.09
CA VAL D 223 -27.02 16.06 -4.83
C VAL D 223 -26.01 16.38 -3.71
N TRP D 224 -24.92 15.63 -3.59
CA TRP D 224 -23.84 15.94 -2.60
C TRP D 224 -23.40 17.39 -2.82
N SER D 225 -23.04 17.74 -4.05
CA SER D 225 -22.58 19.10 -4.39
C SER D 225 -23.64 20.11 -3.94
N PHE D 226 -24.91 19.80 -4.16
CA PHE D 226 -26.05 20.68 -3.85
C PHE D 226 -26.03 21.02 -2.36
N GLY D 227 -25.81 20.02 -1.52
CA GLY D 227 -25.61 20.19 -0.08
C GLY D 227 -24.51 21.20 0.22
N VAL D 228 -23.40 21.12 -0.53
CA VAL D 228 -22.25 22.03 -0.33
C VAL D 228 -22.67 23.45 -0.74
N VAL D 229 -23.49 23.59 -1.78
CA VAL D 229 -23.97 24.93 -2.23
C VAL D 229 -24.91 25.51 -1.17
N LEU D 230 -25.77 24.73 -0.53
CA LEU D 230 -26.61 25.22 0.59
C LEU D 230 -25.69 25.82 1.65
N TRP D 231 -24.63 25.08 2.00
CA TRP D 231 -23.63 25.46 3.02
C TRP D 231 -22.96 26.77 2.58
N GLU D 232 -22.64 26.91 1.30
CA GLU D 232 -22.06 28.16 0.73
C GLU D 232 -23.06 29.30 0.95
N ILE D 233 -24.35 29.05 0.66
CA ILE D 233 -25.43 30.06 0.79
C ILE D 233 -25.53 30.50 2.25
N ALA D 234 -25.47 29.56 3.20
CA ALA D 234 -25.65 29.82 4.64
C ALA D 234 -24.40 30.48 5.23
N THR D 235 -23.22 30.35 4.60
CA THR D 235 -21.96 30.96 5.12
C THR D 235 -21.58 32.19 4.30
N LEU D 236 -22.47 32.63 3.40
CA LEU D 236 -22.16 33.67 2.38
C LEU D 236 -20.79 33.35 1.76
N ALA D 237 -20.68 32.14 1.21
CA ALA D 237 -19.55 31.65 0.40
C ALA D 237 -18.22 31.75 1.18
N GLU D 238 -18.15 31.11 2.36
CA GLU D 238 -16.86 30.64 2.93
C GLU D 238 -16.32 29.52 2.04
N GLN D 239 -15.01 29.35 1.96
CA GLN D 239 -14.41 28.17 1.29
C GLN D 239 -14.79 26.95 2.14
N PRO D 240 -15.47 25.94 1.56
CA PRO D 240 -15.78 24.74 2.33
C PRO D 240 -14.48 24.05 2.75
N TYR D 241 -14.44 23.57 4.00
CA TYR D 241 -13.28 22.88 4.61
C TYR D 241 -12.08 23.83 4.63
N GLN D 242 -12.28 25.12 4.96
CA GLN D 242 -11.19 26.13 5.00
C GLN D 242 -10.15 25.63 6.01
N GLY D 243 -8.88 25.85 5.74
CA GLY D 243 -7.80 25.41 6.65
C GLY D 243 -7.36 23.98 6.35
N LEU D 244 -8.17 23.19 5.65
CA LEU D 244 -7.71 21.90 5.06
C LEU D 244 -7.19 22.17 3.65
N SER D 245 -6.05 21.60 3.28
CA SER D 245 -5.54 21.58 1.89
C SER D 245 -6.45 20.66 1.06
N ASN D 246 -6.40 20.75 -0.27
CA ASN D 246 -7.17 19.86 -1.19
C ASN D 246 -6.87 18.38 -0.87
N GLU D 247 -5.59 17.99 -0.66
CA GLU D 247 -5.22 16.59 -0.33
C GLU D 247 -5.89 16.17 0.97
N GLN D 248 -5.93 17.07 1.96
CA GLN D 248 -6.53 16.79 3.30
C GLN D 248 -8.04 16.58 3.15
N VAL D 249 -8.69 17.37 2.30
CA VAL D 249 -10.17 17.31 2.09
C VAL D 249 -10.51 15.96 1.47
N LEU D 250 -9.68 15.50 0.55
CA LEU D 250 -9.85 14.19 -0.14
C LEU D 250 -9.90 13.07 0.90
N ARG D 251 -8.91 13.01 1.80
CA ARG D 251 -8.83 12.04 2.93
C ARG D 251 -10.05 12.22 3.83
N PHE D 252 -10.27 13.44 4.31
CA PHE D 252 -11.29 13.81 5.34
C PHE D 252 -12.67 13.36 4.90
N VAL D 253 -13.08 13.68 3.67
CA VAL D 253 -14.46 13.41 3.15
C VAL D 253 -14.61 11.91 2.88
N MET D 254 -13.59 11.28 2.30
CA MET D 254 -13.61 9.83 2.01
C MET D 254 -13.73 9.06 3.32
N GLU D 255 -13.22 9.60 4.42
CA GLU D 255 -13.24 8.92 5.74
C GLU D 255 -14.48 9.38 6.54
N GLY D 256 -15.48 9.98 5.88
CA GLY D 256 -16.79 10.28 6.47
C GLY D 256 -16.87 11.66 7.11
N GLY D 257 -15.83 12.49 6.93
CA GLY D 257 -15.82 13.90 7.34
C GLY D 257 -16.99 14.65 6.71
N LEU D 258 -17.51 15.63 7.46
CA LEU D 258 -18.66 16.48 7.08
C LEU D 258 -18.38 17.93 7.48
N LEU D 259 -18.99 18.88 6.76
CA LEU D 259 -18.88 20.32 7.09
C LEU D 259 -19.66 20.57 8.39
N ASP D 260 -19.11 21.41 9.26
CA ASP D 260 -19.75 21.86 10.52
C ASP D 260 -20.93 22.74 10.12
N LYS D 261 -22.10 22.52 10.75
CA LYS D 261 -23.30 23.39 10.62
C LYS D 261 -22.87 24.85 10.80
N PRO D 262 -23.15 25.75 9.83
CA PRO D 262 -22.69 27.13 9.93
C PRO D 262 -23.33 27.85 11.12
N ASP D 263 -22.63 28.85 11.68
CA ASP D 263 -23.14 29.70 12.79
C ASP D 263 -24.52 30.23 12.37
N ASN D 264 -25.50 30.04 13.25
CA ASN D 264 -26.90 30.56 13.10
C ASN D 264 -27.48 30.08 11.76
N CYS D 265 -27.17 28.87 11.32
CA CYS D 265 -27.81 28.24 10.14
C CYS D 265 -29.19 27.73 10.56
N PRO D 266 -30.26 28.06 9.81
CA PRO D 266 -31.58 27.46 10.05
C PRO D 266 -31.52 25.93 10.08
N ASP D 267 -32.26 25.30 10.99
CA ASP D 267 -32.32 23.82 11.13
C ASP D 267 -32.91 23.21 9.87
N MET D 268 -33.90 23.89 9.28
CA MET D 268 -34.55 23.56 7.99
C MET D 268 -33.46 23.14 6.99
N LEU D 269 -32.45 24.01 6.84
CA LEU D 269 -31.40 23.93 5.79
C LEU D 269 -30.35 22.89 6.17
N PHE D 270 -29.85 22.91 7.40
CA PHE D 270 -28.80 21.95 7.84
C PHE D 270 -29.35 20.53 7.74
N GLU D 271 -30.64 20.34 8.00
CA GLU D 271 -31.33 19.03 7.89
C GLU D 271 -31.18 18.56 6.44
N LEU D 272 -31.29 19.49 5.50
CA LEU D 272 -31.21 19.22 4.04
C LEU D 272 -29.77 18.84 3.68
N MET D 273 -28.79 19.58 4.18
CA MET D 273 -27.35 19.32 3.96
C MET D 273 -27.03 17.89 4.43
N ARG D 274 -27.52 17.48 5.61
CA ARG D 274 -27.23 16.16 6.21
C ARG D 274 -27.77 15.06 5.29
N MET D 275 -28.96 15.27 4.73
CA MET D 275 -29.61 14.31 3.80
C MET D 275 -28.74 14.18 2.53
N CYS D 276 -28.18 15.28 2.07
CA CYS D 276 -27.39 15.33 0.81
C CYS D 276 -26.02 14.67 1.03
N TRP D 277 -25.49 14.76 2.25
CA TRP D 277 -24.12 14.26 2.61
C TRP D 277 -24.16 12.84 3.23
N GLN D 278 -25.22 12.08 2.98
CA GLN D 278 -25.23 10.63 3.24
C GLN D 278 -24.06 9.99 2.49
N TYR D 279 -23.16 9.34 3.21
CA TYR D 279 -21.96 8.70 2.62
C TYR D 279 -22.42 7.80 1.45
N ASN D 280 -23.47 7.01 1.65
CA ASN D 280 -23.96 6.07 0.61
C ASN D 280 -24.91 6.81 -0.30
N PRO D 281 -24.68 6.85 -1.64
CA PRO D 281 -25.54 7.58 -2.56
C PRO D 281 -27.01 7.16 -2.49
N LYS D 282 -27.29 5.86 -2.38
CA LYS D 282 -28.65 5.26 -2.30
C LYS D 282 -29.48 6.00 -1.26
N MET D 283 -28.86 6.40 -0.14
CA MET D 283 -29.56 7.02 1.01
C MET D 283 -29.75 8.52 0.81
N ARG D 284 -29.33 9.09 -0.33
CA ARG D 284 -29.47 10.55 -0.60
C ARG D 284 -30.81 10.79 -1.28
N PRO D 285 -31.47 11.93 -1.03
CA PRO D 285 -32.68 12.30 -1.77
C PRO D 285 -32.37 12.65 -3.23
N SER D 286 -33.35 12.46 -4.12
CA SER D 286 -33.33 13.02 -5.50
C SER D 286 -33.61 14.53 -5.40
N PHE D 287 -33.42 15.26 -6.49
CA PHE D 287 -33.66 16.73 -6.53
C PHE D 287 -35.16 16.99 -6.37
N LEU D 288 -35.99 16.15 -7.01
CA LEU D 288 -37.47 16.20 -6.88
C LEU D 288 -37.85 16.08 -5.39
N GLU D 289 -37.35 15.06 -4.68
CA GLU D 289 -37.58 14.84 -3.23
C GLU D 289 -37.18 16.10 -2.45
N ILE D 290 -36.04 16.70 -2.80
CA ILE D 290 -35.56 17.94 -2.11
C ILE D 290 -36.63 19.03 -2.30
N ILE D 291 -37.15 19.19 -3.52
CA ILE D 291 -38.13 20.26 -3.86
C ILE D 291 -39.43 20.02 -3.10
N SER D 292 -39.98 18.80 -3.14
CA SER D 292 -41.17 18.35 -2.35
C SER D 292 -41.03 18.82 -0.89
N SER D 293 -39.85 18.66 -0.31
CA SER D 293 -39.60 18.95 1.12
C SER D 293 -39.63 20.46 1.40
N ILE D 294 -39.55 21.33 0.38
CA ILE D 294 -39.49 22.81 0.57
C ILE D 294 -40.51 23.57 -0.29
N LYS D 295 -41.36 22.88 -1.06
CA LYS D 295 -42.28 23.50 -2.04
C LYS D 295 -43.25 24.44 -1.30
N GLU D 296 -43.59 24.11 -0.04
CA GLU D 296 -44.47 24.90 0.83
C GLU D 296 -43.87 26.30 0.99
N GLU D 297 -42.56 26.38 1.22
CA GLU D 297 -41.85 27.64 1.60
C GLU D 297 -41.38 28.37 0.34
N MET D 298 -41.62 27.83 -0.87
CA MET D 298 -41.26 28.47 -2.17
C MET D 298 -42.23 29.62 -2.44
N GLU D 299 -41.81 30.64 -3.19
CA GLU D 299 -42.64 31.82 -3.53
C GLU D 299 -43.69 31.44 -4.56
N PRO D 300 -44.73 32.27 -4.75
CA PRO D 300 -45.89 31.91 -5.56
C PRO D 300 -45.55 31.65 -7.03
N GLY D 301 -44.73 32.54 -7.62
CA GLY D 301 -44.27 32.49 -9.02
C GLY D 301 -43.71 31.13 -9.40
N PHE D 302 -42.96 30.47 -8.50
CA PHE D 302 -42.25 29.19 -8.74
C PHE D 302 -43.17 28.18 -9.43
N ARG D 303 -44.48 28.21 -9.17
CA ARG D 303 -45.48 27.26 -9.76
C ARG D 303 -45.49 27.38 -11.29
N GLU D 304 -45.42 28.59 -11.83
CA GLU D 304 -45.57 28.84 -13.30
C GLU D 304 -44.24 28.55 -14.00
N VAL D 305 -43.08 28.96 -13.43
CA VAL D 305 -41.74 28.91 -14.10
C VAL D 305 -41.04 27.54 -13.91
N SER D 306 -41.33 26.80 -12.84
CA SER D 306 -40.54 25.62 -12.40
C SER D 306 -40.76 24.44 -13.34
N PHE D 307 -39.76 23.55 -13.38
CA PHE D 307 -39.82 22.20 -14.00
C PHE D 307 -40.63 21.26 -13.09
N TYR D 308 -40.50 21.44 -11.77
CA TYR D 308 -41.15 20.59 -10.75
C TYR D 308 -42.65 20.49 -11.06
N TYR D 309 -43.28 21.65 -11.28
CA TYR D 309 -44.75 21.78 -11.53
C TYR D 309 -45.06 21.68 -13.03
N SER D 310 -44.07 21.76 -13.92
CA SER D 310 -44.27 21.66 -15.40
C SER D 310 -44.94 20.33 -15.74
N GLU D 311 -45.62 20.30 -16.90
CA GLU D 311 -46.31 19.08 -17.41
C GLU D 311 -45.25 18.04 -17.78
N GLU D 312 -44.01 18.48 -18.05
CA GLU D 312 -42.87 17.62 -18.48
C GLU D 312 -42.46 16.64 -17.36
N ASN D 313 -42.71 16.99 -16.10
CA ASN D 313 -42.31 16.16 -14.92
C ASN D 313 -43.05 14.80 -14.95
N TYR E 15 13.64 11.05 -41.19
CA TYR E 15 12.85 10.41 -42.30
C TYR E 15 13.58 10.65 -43.61
N VAL E 16 13.86 9.60 -44.37
CA VAL E 16 14.46 9.70 -45.74
C VAL E 16 13.35 9.49 -46.76
N PRO E 17 12.99 10.52 -47.57
CA PRO E 17 12.00 10.36 -48.64
C PRO E 17 12.35 9.13 -49.49
N ASP E 18 11.34 8.52 -50.09
CA ASP E 18 11.54 7.29 -50.90
C ASP E 18 10.40 7.12 -51.89
N GLU E 19 10.36 5.96 -52.54
CA GLU E 19 9.24 5.42 -53.37
C GLU E 19 7.90 6.04 -52.94
N TRP E 20 7.61 6.04 -51.65
CA TRP E 20 6.27 6.36 -51.08
C TRP E 20 6.01 7.86 -51.12
N GLU E 21 7.06 8.68 -51.18
CA GLU E 21 6.93 10.16 -51.23
C GLU E 21 6.19 10.56 -52.51
N VAL E 22 5.16 11.40 -52.35
CA VAL E 22 4.23 11.90 -53.41
C VAL E 22 4.31 13.43 -53.42
N ALA E 23 4.29 14.03 -54.61
CA ALA E 23 4.35 15.51 -54.78
C ALA E 23 3.04 16.13 -54.30
N ARG E 24 3.12 17.12 -53.40
CA ARG E 24 1.96 17.79 -52.75
C ARG E 24 0.99 18.31 -53.82
N GLU E 25 1.56 18.70 -54.96
CA GLU E 25 0.90 19.10 -56.24
C GLU E 25 -0.17 18.07 -56.64
N LYS E 26 0.10 16.76 -56.52
CA LYS E 26 -0.78 15.66 -57.00
C LYS E 26 -1.97 15.45 -56.05
N ILE E 27 -1.93 16.00 -54.84
CA ILE E 27 -2.93 15.78 -53.76
C ILE E 27 -3.95 16.92 -53.79
N THR E 28 -5.21 16.59 -53.52
CA THR E 28 -6.35 17.55 -53.42
C THR E 28 -7.21 17.16 -52.22
N MET E 29 -7.33 18.04 -51.24
CA MET E 29 -8.10 17.79 -49.99
C MET E 29 -9.49 18.41 -50.11
N SER E 30 -10.52 17.59 -50.34
CA SER E 30 -11.94 17.98 -50.55
C SER E 30 -12.58 18.52 -49.26
N ARG E 31 -12.78 17.69 -48.23
CA ARG E 31 -13.54 18.07 -47.02
C ARG E 31 -13.10 17.25 -45.79
N GLU E 32 -13.35 17.79 -44.60
CA GLU E 32 -13.02 17.16 -43.29
C GLU E 32 -13.87 15.90 -43.10
N LEU E 33 -13.26 14.81 -42.64
CA LEU E 33 -13.97 13.55 -42.27
C LEU E 33 -14.03 13.42 -40.76
N GLY E 34 -13.18 14.14 -40.03
CA GLY E 34 -13.13 14.12 -38.56
C GLY E 34 -11.73 13.80 -38.06
N GLN E 35 -11.50 14.05 -36.79
CA GLN E 35 -10.17 13.91 -36.13
C GLN E 35 -9.78 12.44 -36.04
N GLY E 36 -8.52 12.14 -36.35
CA GLY E 36 -7.89 10.83 -36.10
C GLY E 36 -6.67 11.02 -35.22
N SER E 37 -5.72 10.10 -35.27
CA SER E 37 -4.66 9.99 -34.26
C SER E 37 -3.89 11.32 -34.18
N PHE E 38 -3.30 11.79 -35.26
CA PHE E 38 -2.31 12.89 -35.16
C PHE E 38 -2.92 14.23 -35.57
N GLY E 39 -4.08 14.20 -36.22
CA GLY E 39 -4.76 15.44 -36.66
C GLY E 39 -5.95 15.12 -37.52
N MET E 40 -6.45 16.13 -38.24
CA MET E 40 -7.70 16.01 -39.03
C MET E 40 -7.43 15.05 -40.18
N VAL E 41 -8.41 14.19 -40.48
CA VAL E 41 -8.43 13.34 -41.71
C VAL E 41 -9.40 13.98 -42.69
N TYR E 42 -8.94 14.18 -43.93
CA TYR E 42 -9.72 14.76 -45.06
C TYR E 42 -10.00 13.68 -46.09
N GLU E 43 -11.17 13.75 -46.73
CA GLU E 43 -11.46 13.11 -48.04
C GLU E 43 -10.69 13.90 -49.11
N GLY E 44 -10.30 13.28 -50.21
CA GLY E 44 -9.56 13.97 -51.26
C GLY E 44 -9.32 13.11 -52.49
N VAL E 45 -8.27 13.46 -53.24
CA VAL E 45 -7.92 12.80 -54.52
C VAL E 45 -6.40 12.93 -54.70
N ALA E 46 -5.75 11.86 -55.13
CA ALA E 46 -4.29 11.81 -55.37
C ALA E 46 -4.02 11.22 -56.75
N LYS E 47 -3.14 11.88 -57.52
CA LYS E 47 -2.79 11.49 -58.91
C LYS E 47 -1.66 10.45 -58.85
N GLY E 48 -1.89 9.28 -59.44
CA GLY E 48 -0.89 8.23 -59.69
C GLY E 48 -0.26 7.72 -58.42
N VAL E 49 -1.08 7.39 -57.42
CA VAL E 49 -0.64 6.68 -56.18
C VAL E 49 -1.04 5.21 -56.30
N VAL E 50 -1.97 4.90 -57.19
CA VAL E 50 -2.36 3.51 -57.58
C VAL E 50 -2.00 3.33 -59.07
N LYS E 51 -1.48 2.16 -59.43
CA LYS E 51 -1.19 1.77 -60.85
C LYS E 51 -2.50 1.34 -61.52
N ASP E 52 -2.71 1.74 -62.77
CA ASP E 52 -3.95 1.52 -63.56
C ASP E 52 -5.09 2.29 -62.87
N GLU E 53 -4.82 3.55 -62.54
CA GLU E 53 -5.77 4.50 -61.90
C GLU E 53 -5.07 5.86 -61.87
N PRO E 54 -5.32 6.73 -62.87
CA PRO E 54 -4.61 8.01 -62.95
C PRO E 54 -4.90 8.87 -61.71
N GLU E 55 -6.16 8.86 -61.26
CA GLU E 55 -6.64 9.59 -60.06
C GLU E 55 -7.28 8.56 -59.11
N THR E 56 -7.04 8.69 -57.80
CA THR E 56 -7.60 7.81 -56.73
C THR E 56 -8.26 8.66 -55.64
N ARG E 57 -9.48 8.31 -55.24
CA ARG E 57 -10.16 8.87 -54.02
C ARG E 57 -9.40 8.35 -52.80
N VAL E 58 -8.93 9.25 -51.94
CA VAL E 58 -8.05 8.91 -50.78
C VAL E 58 -8.53 9.61 -49.51
N ALA E 59 -8.17 9.05 -48.37
CA ALA E 59 -8.19 9.71 -47.06
C ALA E 59 -6.80 10.30 -46.83
N ILE E 60 -6.75 11.53 -46.33
CA ILE E 60 -5.49 12.27 -46.08
C ILE E 60 -5.50 12.72 -44.63
N LYS E 61 -4.58 12.18 -43.82
CA LYS E 61 -4.36 12.64 -42.43
C LYS E 61 -3.26 13.70 -42.47
N THR E 62 -3.52 14.85 -41.85
CA THR E 62 -2.54 15.96 -41.67
C THR E 62 -2.10 16.01 -40.21
N VAL E 63 -0.80 16.18 -39.98
CA VAL E 63 -0.28 16.75 -38.71
C VAL E 63 -0.48 18.26 -38.81
N ASN E 64 -1.27 18.83 -37.90
CA ASN E 64 -1.46 20.30 -37.71
C ASN E 64 -0.08 20.98 -37.56
N GLU E 65 -0.03 22.31 -37.51
CA GLU E 65 1.24 23.05 -37.30
C GLU E 65 1.43 23.32 -35.80
N ALA E 66 0.49 22.88 -34.95
CA ALA E 66 0.56 22.96 -33.47
C ALA E 66 1.41 21.82 -32.88
N ALA E 67 2.01 20.98 -33.73
CA ALA E 67 2.78 19.78 -33.31
C ALA E 67 4.28 20.06 -33.44
N SER E 68 5.05 19.59 -32.45
CA SER E 68 6.53 19.68 -32.38
C SER E 68 7.16 18.83 -33.48
N MET E 69 8.41 19.12 -33.85
CA MET E 69 9.24 18.32 -34.79
C MET E 69 9.26 16.88 -34.27
N ARG E 70 9.31 16.69 -32.95
CA ARG E 70 9.36 15.35 -32.30
C ARG E 70 8.11 14.55 -32.67
N GLU E 71 6.96 15.22 -32.77
CA GLU E 71 5.63 14.60 -33.05
C GLU E 71 5.44 14.42 -34.56
N ARG E 72 5.91 15.38 -35.36
CA ARG E 72 5.88 15.35 -36.85
C ARG E 72 6.70 14.15 -37.34
N ILE E 73 7.78 13.80 -36.64
CA ILE E 73 8.66 12.64 -36.99
C ILE E 73 7.96 11.37 -36.54
N GLU E 74 7.38 11.36 -35.34
CA GLU E 74 6.61 10.21 -34.81
C GLU E 74 5.55 9.81 -35.84
N PHE E 75 4.76 10.78 -36.27
CA PHE E 75 3.70 10.64 -37.30
C PHE E 75 4.21 9.84 -38.51
N LEU E 76 5.31 10.28 -39.11
CA LEU E 76 5.87 9.67 -40.35
C LEU E 76 6.32 8.24 -40.06
N ASN E 77 7.05 8.02 -38.96
CA ASN E 77 7.64 6.70 -38.62
C ASN E 77 6.53 5.69 -38.36
N GLU E 78 5.47 6.11 -37.65
CA GLU E 78 4.30 5.24 -37.38
C GLU E 78 3.63 4.89 -38.71
N ALA E 79 3.43 5.88 -39.58
CA ALA E 79 2.85 5.67 -40.93
C ALA E 79 3.74 4.68 -41.69
N SER E 80 5.06 4.86 -41.62
CA SER E 80 6.07 4.08 -42.38
C SER E 80 5.95 2.58 -42.07
N VAL E 81 5.47 2.21 -40.89
CA VAL E 81 5.22 0.79 -40.54
C VAL E 81 4.28 0.19 -41.59
N MET E 82 3.32 0.98 -42.06
CA MET E 82 2.23 0.54 -42.96
C MET E 82 2.76 0.30 -44.37
N LYS E 83 3.98 0.76 -44.67
CA LYS E 83 4.65 0.55 -45.98
C LYS E 83 4.82 -0.95 -46.22
N GLU E 84 5.09 -1.70 -45.14
CA GLU E 84 5.42 -3.15 -45.15
C GLU E 84 4.11 -3.95 -45.24
N PHE E 85 2.94 -3.32 -45.11
CA PHE E 85 1.63 -4.00 -45.07
C PHE E 85 0.99 -4.03 -46.45
N ASN E 86 0.57 -5.22 -46.87
CA ASN E 86 -0.26 -5.47 -48.08
C ASN E 86 -1.31 -6.50 -47.68
N CYS E 87 -2.46 -6.08 -47.16
CA CYS E 87 -3.55 -7.02 -46.73
C CYS E 87 -4.92 -6.37 -46.95
N HIS E 88 -5.86 -7.15 -47.49
CA HIS E 88 -7.20 -6.70 -47.93
C HIS E 88 -7.95 -6.15 -46.73
N HIS E 89 -7.67 -6.67 -45.53
CA HIS E 89 -8.46 -6.38 -44.30
C HIS E 89 -7.72 -5.39 -43.40
N VAL E 90 -6.67 -4.73 -43.90
CA VAL E 90 -5.93 -3.64 -43.19
C VAL E 90 -5.89 -2.42 -44.11
N VAL E 91 -6.39 -1.27 -43.65
CA VAL E 91 -6.44 0.01 -44.44
C VAL E 91 -5.03 0.27 -44.96
N ARG E 92 -4.94 0.56 -46.26
CA ARG E 92 -3.64 0.63 -46.99
C ARG E 92 -3.10 2.05 -46.97
N LEU E 93 -1.79 2.19 -46.72
CA LEU E 93 -1.01 3.41 -47.03
C LEU E 93 -0.82 3.51 -48.55
N LEU E 94 -1.05 4.69 -49.12
CA LEU E 94 -0.90 4.96 -50.58
C LEU E 94 0.28 5.91 -50.83
N GLY E 95 0.62 6.78 -49.88
CA GLY E 95 1.75 7.72 -50.02
C GLY E 95 1.95 8.64 -48.84
N VAL E 96 3.08 9.32 -48.84
CA VAL E 96 3.55 10.23 -47.77
C VAL E 96 3.96 11.54 -48.40
N VAL E 97 3.67 12.67 -47.76
CA VAL E 97 4.22 14.00 -48.14
C VAL E 97 5.06 14.48 -46.95
N SER E 98 6.36 14.26 -47.03
CA SER E 98 7.34 14.44 -45.92
C SER E 98 7.95 15.84 -45.98
N GLN E 99 7.78 16.56 -47.09
CA GLN E 99 8.48 17.85 -47.33
C GLN E 99 7.46 18.99 -47.35
N GLY E 100 7.72 20.02 -46.54
CA GLY E 100 6.81 21.16 -46.31
C GLY E 100 5.79 20.84 -45.25
N GLN E 101 4.86 21.77 -45.02
CA GLN E 101 3.74 21.63 -44.06
C GLN E 101 2.44 21.97 -44.77
N PRO E 102 1.30 21.33 -44.41
CA PRO E 102 1.28 20.27 -43.40
C PRO E 102 1.87 18.98 -43.96
N THR E 103 2.48 18.16 -43.08
CA THR E 103 2.97 16.80 -43.40
C THR E 103 1.74 15.90 -43.65
N LEU E 104 1.67 15.21 -44.79
CA LEU E 104 0.47 14.41 -45.16
C LEU E 104 0.81 12.92 -45.14
N VAL E 105 -0.18 12.13 -44.73
CA VAL E 105 -0.21 10.65 -44.94
C VAL E 105 -1.49 10.34 -45.71
N ILE E 106 -1.34 9.86 -46.94
CA ILE E 106 -2.44 9.51 -47.88
C ILE E 106 -2.72 8.02 -47.67
N MET E 107 -3.99 7.61 -47.64
CA MET E 107 -4.34 6.17 -47.51
C MET E 107 -5.74 5.85 -48.06
N GLU E 108 -5.94 4.59 -48.39
CA GLU E 108 -7.22 3.99 -48.82
C GLU E 108 -8.39 4.73 -48.15
N LEU E 109 -9.29 5.32 -48.93
CA LEU E 109 -10.51 5.95 -48.39
C LEU E 109 -11.54 4.88 -48.05
N MET E 110 -12.01 4.89 -46.81
CA MET E 110 -13.06 3.99 -46.29
C MET E 110 -14.34 4.81 -46.26
N THR E 111 -15.22 4.58 -47.23
CA THR E 111 -16.29 5.54 -47.63
C THR E 111 -17.47 5.46 -46.66
N ARG E 112 -17.55 4.41 -45.83
CA ARG E 112 -18.66 4.24 -44.83
C ARG E 112 -18.16 4.54 -43.41
N GLY E 113 -16.97 5.13 -43.27
CA GLY E 113 -16.44 5.61 -41.99
C GLY E 113 -16.10 4.47 -41.02
N ASP E 114 -16.02 4.80 -39.74
CA ASP E 114 -15.63 3.86 -38.65
C ASP E 114 -16.81 2.91 -38.34
N LEU E 115 -16.49 1.70 -37.91
CA LEU E 115 -17.45 0.61 -37.62
C LEU E 115 -18.40 1.04 -36.49
N LYS E 116 -17.92 1.86 -35.55
CA LYS E 116 -18.71 2.28 -34.36
C LYS E 116 -19.89 3.13 -34.83
N SER E 117 -19.59 4.20 -35.58
CA SER E 117 -20.59 5.09 -36.24
C SER E 117 -21.55 4.24 -37.07
N TYR E 118 -20.99 3.39 -37.94
CA TYR E 118 -21.78 2.51 -38.83
C TYR E 118 -22.75 1.68 -37.99
N LEU E 119 -22.27 1.05 -36.92
CA LEU E 119 -23.10 0.15 -36.06
C LEU E 119 -24.17 1.00 -35.37
N ARG E 120 -23.82 2.23 -34.96
CA ARG E 120 -24.76 3.14 -34.25
C ARG E 120 -25.90 3.50 -35.22
N SER E 121 -25.58 3.68 -36.49
CA SER E 121 -26.56 4.07 -37.55
C SER E 121 -27.59 2.96 -37.77
N LEU E 122 -27.28 1.68 -37.48
CA LEU E 122 -28.21 0.53 -37.67
C LEU E 122 -29.26 0.45 -36.55
N ARG E 123 -29.20 1.33 -35.55
CA ARG E 123 -30.10 1.27 -34.36
C ARG E 123 -31.49 1.79 -34.75
N PRO E 124 -32.58 1.14 -34.29
CA PRO E 124 -33.93 1.70 -34.47
C PRO E 124 -34.06 3.14 -33.92
N GLU E 125 -33.82 3.34 -32.61
CA GLU E 125 -34.46 4.38 -31.75
C GLU E 125 -34.61 5.72 -32.49
N PRO E 134 -30.56 -3.75 -37.98
CA PRO E 134 -29.56 -4.54 -37.25
C PRO E 134 -28.84 -5.53 -38.18
N PRO E 135 -27.73 -6.19 -37.76
CA PRO E 135 -27.05 -7.19 -38.58
C PRO E 135 -27.41 -8.63 -38.22
N SER E 136 -27.53 -9.51 -39.23
CA SER E 136 -27.81 -10.97 -39.08
C SER E 136 -26.62 -11.63 -38.39
N LEU E 137 -26.76 -12.88 -37.95
CA LEU E 137 -25.65 -13.68 -37.38
C LEU E 137 -24.57 -13.85 -38.45
N SER E 138 -24.95 -14.13 -39.70
CA SER E 138 -24.00 -14.43 -40.79
C SER E 138 -23.27 -13.16 -41.20
N LYS E 139 -23.88 -11.99 -41.02
CA LYS E 139 -23.28 -10.69 -41.41
C LYS E 139 -22.31 -10.24 -40.30
N MET E 140 -22.52 -10.70 -39.07
CA MET E 140 -21.66 -10.42 -37.88
C MET E 140 -20.44 -11.34 -37.92
N ILE E 141 -20.63 -12.62 -38.19
CA ILE E 141 -19.52 -13.60 -38.42
C ILE E 141 -18.60 -13.04 -39.50
N GLN E 142 -19.18 -12.41 -40.53
CA GLN E 142 -18.41 -11.87 -41.68
C GLN E 142 -17.45 -10.79 -41.16
N MET E 143 -17.99 -9.81 -40.44
CA MET E 143 -17.22 -8.71 -39.81
C MET E 143 -16.13 -9.30 -38.91
N ALA E 144 -16.49 -10.23 -38.04
CA ALA E 144 -15.57 -10.89 -37.09
C ALA E 144 -14.37 -11.45 -37.86
N GLY E 145 -14.62 -12.20 -38.93
CA GLY E 145 -13.59 -12.93 -39.70
C GLY E 145 -12.66 -11.99 -40.43
N GLU E 146 -13.23 -10.94 -41.05
CA GLU E 146 -12.48 -9.85 -41.72
C GLU E 146 -11.53 -9.20 -40.69
N ILE E 147 -12.05 -8.77 -39.54
CA ILE E 147 -11.27 -8.11 -38.46
C ILE E 147 -10.19 -9.09 -38.00
N ALA E 148 -10.59 -10.31 -37.68
CA ALA E 148 -9.69 -11.39 -37.22
C ALA E 148 -8.58 -11.60 -38.25
N ASP E 149 -8.91 -11.52 -39.54
CA ASP E 149 -7.96 -11.84 -40.64
C ASP E 149 -6.91 -10.74 -40.71
N GLY E 150 -7.36 -9.48 -40.72
CA GLY E 150 -6.46 -8.31 -40.67
C GLY E 150 -5.53 -8.40 -39.48
N MET E 151 -6.08 -8.74 -38.31
CA MET E 151 -5.30 -8.81 -37.06
C MET E 151 -4.30 -9.97 -37.13
N ALA E 152 -4.69 -11.11 -37.70
CA ALA E 152 -3.79 -12.26 -37.93
C ALA E 152 -2.63 -11.83 -38.84
N TYR E 153 -2.93 -11.04 -39.88
CA TYR E 153 -1.93 -10.50 -40.84
C TYR E 153 -0.93 -9.63 -40.08
N LEU E 154 -1.42 -8.69 -39.27
CA LEU E 154 -0.57 -7.77 -38.48
C LEU E 154 0.31 -8.56 -37.50
N ASN E 155 -0.23 -9.59 -36.84
CA ASN E 155 0.53 -10.33 -35.79
C ASN E 155 1.57 -11.21 -36.48
N ALA E 156 1.28 -11.64 -37.70
CA ALA E 156 2.23 -12.37 -38.57
C ALA E 156 3.41 -11.45 -38.92
N ASN E 157 3.17 -10.16 -39.15
CA ASN E 157 4.22 -9.14 -39.46
C ASN E 157 4.74 -8.50 -38.17
N LYS E 158 4.62 -9.19 -37.02
CA LYS E 158 5.22 -8.79 -35.71
C LYS E 158 4.70 -7.41 -35.29
N PHE E 159 3.43 -7.12 -35.51
CA PHE E 159 2.80 -5.82 -35.15
C PHE E 159 1.64 -6.04 -34.17
N VAL E 160 1.71 -5.35 -33.03
CA VAL E 160 0.64 -5.31 -32.00
C VAL E 160 -0.08 -3.98 -32.16
N HIS E 161 -1.39 -4.00 -32.34
CA HIS E 161 -2.22 -2.80 -32.66
C HIS E 161 -2.32 -1.91 -31.42
N ARG E 162 -2.83 -2.46 -30.31
CA ARG E 162 -2.90 -1.80 -28.96
C ARG E 162 -4.19 -1.00 -28.81
N ASP E 163 -4.90 -0.72 -29.89
CA ASP E 163 -6.15 0.10 -29.84
C ASP E 163 -7.21 -0.46 -30.79
N LEU E 164 -7.31 -1.79 -30.89
CA LEU E 164 -8.42 -2.44 -31.62
C LEU E 164 -9.70 -2.10 -30.88
N ALA E 165 -10.74 -1.74 -31.62
CA ALA E 165 -12.02 -1.19 -31.12
C ALA E 165 -12.84 -0.79 -32.33
N ALA E 166 -14.17 -0.86 -32.23
CA ALA E 166 -15.09 -0.55 -33.36
C ALA E 166 -14.68 0.81 -33.95
N ARG E 167 -14.31 1.78 -33.11
CA ARG E 167 -14.01 3.15 -33.55
C ARG E 167 -12.77 3.17 -34.46
N ASN E 168 -11.89 2.16 -34.37
CA ASN E 168 -10.63 2.09 -35.18
C ASN E 168 -10.70 0.94 -36.19
N CYS E 169 -11.88 0.39 -36.41
CA CYS E 169 -12.18 -0.49 -37.58
C CYS E 169 -12.93 0.38 -38.58
N MET E 170 -12.56 0.30 -39.86
CA MET E 170 -13.20 1.10 -40.92
C MET E 170 -14.04 0.19 -41.82
N VAL E 171 -15.08 0.77 -42.43
CA VAL E 171 -16.04 0.07 -43.34
C VAL E 171 -15.88 0.63 -44.76
N ALA E 172 -15.63 -0.23 -45.74
CA ALA E 172 -15.43 0.13 -47.17
C ALA E 172 -16.79 0.28 -47.86
N GLU E 173 -16.80 0.71 -49.13
CA GLU E 173 -18.02 0.89 -49.95
C GLU E 173 -18.84 -0.42 -49.96
N ASP E 174 -18.17 -1.56 -50.09
CA ASP E 174 -18.81 -2.90 -50.21
C ASP E 174 -18.98 -3.59 -48.85
N PHE E 175 -18.93 -2.82 -47.74
CA PHE E 175 -19.21 -3.28 -46.34
C PHE E 175 -18.08 -4.17 -45.78
N THR E 176 -16.95 -4.30 -46.49
CA THR E 176 -15.74 -4.97 -45.95
C THR E 176 -15.26 -4.17 -44.74
N VAL E 177 -14.95 -4.83 -43.63
CA VAL E 177 -14.38 -4.16 -42.43
C VAL E 177 -12.88 -4.37 -42.44
N LYS E 178 -12.13 -3.33 -42.09
CA LYS E 178 -10.64 -3.37 -42.08
C LYS E 178 -10.11 -2.72 -40.81
N ILE E 179 -8.92 -3.14 -40.41
CA ILE E 179 -8.17 -2.63 -39.23
C ILE E 179 -7.68 -1.23 -39.58
N GLY E 180 -8.00 -0.25 -38.75
CA GLY E 180 -7.65 1.17 -38.96
C GLY E 180 -6.70 1.70 -37.91
N ASP E 181 -6.95 2.95 -37.46
CA ASP E 181 -6.02 3.83 -36.72
C ASP E 181 -5.51 3.16 -35.43
N PHE E 182 -4.19 3.14 -35.24
CA PHE E 182 -3.51 2.61 -34.03
C PHE E 182 -2.73 3.71 -33.32
N GLY E 183 -2.44 4.78 -34.06
CA GLY E 183 -1.77 6.02 -33.59
C GLY E 183 -2.23 6.46 -32.22
N MET E 184 -3.50 6.34 -31.91
CA MET E 184 -4.11 7.02 -30.75
C MET E 184 -3.37 6.67 -29.43
N THR E 185 -2.81 5.47 -29.30
CA THR E 185 -2.28 4.91 -28.02
C THR E 185 -0.76 5.04 -27.96
N ARG E 186 -0.12 5.42 -29.05
CA ARG E 186 1.36 5.40 -29.17
C ARG E 186 1.95 6.68 -28.59
N ASP E 187 2.81 6.56 -27.58
CA ASP E 187 3.58 7.69 -26.99
C ASP E 187 4.80 7.96 -27.88
N ILE E 188 5.39 9.16 -27.78
CA ILE E 188 6.52 9.65 -28.61
C ILE E 188 7.81 8.93 -28.15
N TYR E 189 7.91 8.53 -26.89
CA TYR E 189 9.20 8.22 -26.20
C TYR E 189 9.33 6.74 -25.84
N GLU E 190 8.24 6.10 -25.38
CA GLU E 190 8.15 4.66 -24.95
C GLU E 190 9.17 3.78 -25.68
N THR E 191 9.62 2.71 -25.00
CA THR E 191 10.66 1.71 -25.41
C THR E 191 11.99 2.11 -24.77
N ASP E 192 12.61 3.18 -25.28
CA ASP E 192 13.86 3.75 -24.69
C ASP E 192 13.56 4.42 -23.34
N TYR E 193 12.62 5.38 -23.31
CA TYR E 193 12.23 6.17 -22.10
C TYR E 193 10.78 5.92 -21.69
N TYR E 194 10.32 6.46 -20.55
CA TYR E 194 9.07 6.07 -19.84
C TYR E 194 8.15 7.28 -19.54
N LEU E 201 -2.35 7.87 -22.86
CA LEU E 201 -3.74 7.62 -23.33
C LEU E 201 -4.06 6.11 -23.39
N LEU E 202 -5.02 5.64 -22.59
CA LEU E 202 -5.36 4.20 -22.49
C LEU E 202 -6.84 3.93 -22.74
N PRO E 203 -7.16 3.02 -23.67
CA PRO E 203 -8.54 2.57 -23.85
C PRO E 203 -8.97 1.49 -22.83
N VAL E 204 -9.26 1.90 -21.59
CA VAL E 204 -9.43 0.94 -20.45
C VAL E 204 -10.52 -0.09 -20.79
N ARG E 205 -11.57 0.33 -21.47
CA ARG E 205 -12.73 -0.56 -21.73
C ARG E 205 -12.35 -1.65 -22.74
N TRP E 206 -11.29 -1.46 -23.52
CA TRP E 206 -10.84 -2.42 -24.54
C TRP E 206 -9.58 -3.19 -24.08
N MET E 207 -9.07 -2.89 -22.88
CA MET E 207 -7.74 -3.39 -22.42
C MET E 207 -7.88 -4.66 -21.58
N SER E 208 -7.00 -5.62 -21.86
CA SER E 208 -6.83 -6.89 -21.10
C SER E 208 -6.36 -6.57 -19.68
N PRO E 209 -6.55 -7.49 -18.73
CA PRO E 209 -6.03 -7.34 -17.37
C PRO E 209 -4.52 -7.06 -17.32
N GLU E 210 -3.71 -7.79 -18.09
CA GLU E 210 -2.23 -7.63 -18.05
C GLU E 210 -1.88 -6.25 -18.65
N SER E 211 -2.67 -5.75 -19.60
CA SER E 211 -2.51 -4.39 -20.17
C SER E 211 -2.81 -3.35 -19.08
N LEU E 212 -3.89 -3.54 -18.33
CA LEU E 212 -4.28 -2.62 -17.23
C LEU E 212 -3.26 -2.68 -16.10
N LYS E 213 -2.78 -3.86 -15.73
CA LYS E 213 -1.92 -4.05 -14.53
C LYS E 213 -0.52 -3.51 -14.84
N ASP E 214 0.08 -3.93 -15.95
CA ASP E 214 1.55 -3.81 -16.21
C ASP E 214 1.86 -3.08 -17.53
N GLY E 215 0.86 -2.60 -18.25
CA GLY E 215 1.07 -2.00 -19.59
C GLY E 215 1.71 -2.98 -20.55
N VAL E 216 1.38 -4.27 -20.43
CA VAL E 216 1.81 -5.33 -21.38
C VAL E 216 0.83 -5.32 -22.55
N PHE E 217 1.35 -5.22 -23.77
CA PHE E 217 0.55 -5.26 -25.01
C PHE E 217 1.17 -6.31 -25.94
N THR E 218 0.46 -7.40 -26.18
CA THR E 218 0.91 -8.52 -27.02
C THR E 218 -0.23 -8.83 -27.98
N THR E 219 0.01 -9.72 -28.94
CA THR E 219 -1.05 -10.28 -29.81
C THR E 219 -2.23 -10.71 -28.93
N TYR E 220 -1.94 -11.27 -27.76
CA TYR E 220 -2.94 -11.93 -26.87
C TYR E 220 -3.81 -10.84 -26.23
N SER E 221 -3.23 -9.66 -25.99
CA SER E 221 -3.96 -8.46 -25.50
C SER E 221 -4.86 -7.93 -26.64
N ASP E 222 -4.38 -7.98 -27.88
CA ASP E 222 -5.16 -7.58 -29.09
C ASP E 222 -6.38 -8.51 -29.20
N VAL E 223 -6.23 -9.80 -28.91
CA VAL E 223 -7.34 -10.80 -28.92
C VAL E 223 -8.40 -10.40 -27.90
N TRP E 224 -8.00 -9.96 -26.70
CA TRP E 224 -8.96 -9.44 -25.69
C TRP E 224 -9.79 -8.32 -26.33
N SER E 225 -9.13 -7.34 -26.91
CA SER E 225 -9.79 -6.19 -27.56
C SER E 225 -10.79 -6.71 -28.60
N PHE E 226 -10.38 -7.72 -29.36
CA PHE E 226 -11.20 -8.33 -30.45
C PHE E 226 -12.53 -8.81 -29.87
N GLY E 227 -12.47 -9.51 -28.73
CA GLY E 227 -13.66 -9.91 -27.98
C GLY E 227 -14.56 -8.73 -27.68
N VAL E 228 -13.97 -7.59 -27.29
CA VAL E 228 -14.76 -6.37 -26.93
C VAL E 228 -15.42 -5.84 -28.22
N VAL E 229 -14.75 -5.94 -29.37
CA VAL E 229 -15.32 -5.47 -30.65
C VAL E 229 -16.48 -6.39 -31.05
N LEU E 230 -16.38 -7.70 -30.85
CA LEU E 230 -17.54 -8.60 -31.10
C LEU E 230 -18.73 -8.10 -30.28
N TRP E 231 -18.50 -7.81 -29.00
CA TRP E 231 -19.53 -7.32 -28.04
C TRP E 231 -20.11 -6.01 -28.56
N GLU E 232 -19.27 -5.12 -29.09
CA GLU E 232 -19.72 -3.84 -29.70
C GLU E 232 -20.64 -4.17 -30.88
N ILE E 233 -20.23 -5.13 -31.72
CA ILE E 233 -21.00 -5.54 -32.93
C ILE E 233 -22.37 -6.07 -32.50
N ALA E 234 -22.43 -6.90 -31.45
CA ALA E 234 -23.67 -7.54 -30.97
C ALA E 234 -24.56 -6.54 -30.23
N THR E 235 -24.04 -5.43 -29.71
CA THR E 235 -24.83 -4.42 -28.97
C THR E 235 -25.07 -3.18 -29.85
N LEU E 236 -24.71 -3.24 -31.13
CA LEU E 236 -24.66 -2.06 -32.02
C LEU E 236 -24.01 -0.89 -31.27
N ALA E 237 -22.79 -1.13 -30.80
CA ALA E 237 -21.88 -0.13 -30.18
C ALA E 237 -22.55 0.57 -28.99
N GLU E 238 -22.98 -0.19 -27.99
CA GLU E 238 -23.11 0.32 -26.59
C GLU E 238 -21.71 0.59 -26.05
N GLN E 239 -21.56 1.53 -25.13
CA GLN E 239 -20.27 1.73 -24.42
C GLN E 239 -20.04 0.50 -23.56
N PRO E 240 -18.93 -0.23 -23.73
CA PRO E 240 -18.66 -1.39 -22.87
C PRO E 240 -18.53 -0.92 -21.42
N TYR E 241 -19.12 -1.68 -20.49
CA TYR E 241 -19.11 -1.43 -19.03
C TYR E 241 -19.80 -0.09 -18.77
N GLN E 242 -20.91 0.22 -19.45
CA GLN E 242 -21.63 1.51 -19.27
C GLN E 242 -22.05 1.59 -17.81
N GLY E 243 -22.02 2.77 -17.20
CA GLY E 243 -22.40 2.93 -15.79
C GLY E 243 -21.24 2.71 -14.85
N LEU E 244 -20.17 2.06 -15.30
CA LEU E 244 -18.88 2.08 -14.58
C LEU E 244 -18.04 3.25 -15.10
N SER E 245 -17.39 4.00 -14.22
CA SER E 245 -16.37 5.01 -14.59
C SER E 245 -15.12 4.29 -15.10
N ASN E 246 -14.22 4.99 -15.79
CA ASN E 246 -12.93 4.41 -16.27
C ASN E 246 -12.14 3.79 -15.08
N GLU E 247 -12.06 4.46 -13.92
CA GLU E 247 -11.34 3.92 -12.74
C GLU E 247 -12.00 2.62 -12.28
N GLN E 248 -13.33 2.56 -12.30
CA GLN E 248 -14.10 1.37 -11.87
C GLN E 248 -13.85 0.19 -12.82
N VAL E 249 -13.75 0.47 -14.12
CA VAL E 249 -13.53 -0.57 -15.17
C VAL E 249 -12.16 -1.20 -14.95
N LEU E 250 -11.18 -0.36 -14.61
CA LEU E 250 -9.79 -0.81 -14.35
C LEU E 250 -9.78 -1.85 -13.22
N ARG E 251 -10.41 -1.53 -12.09
CA ARG E 251 -10.59 -2.44 -10.91
C ARG E 251 -11.35 -3.68 -11.35
N PHE E 252 -12.53 -3.49 -11.94
CA PHE E 252 -13.51 -4.55 -12.27
C PHE E 252 -12.86 -5.63 -13.14
N VAL E 253 -12.17 -5.23 -14.22
CA VAL E 253 -11.61 -6.18 -15.23
C VAL E 253 -10.39 -6.88 -14.61
N MET E 254 -9.55 -6.13 -13.89
CA MET E 254 -8.34 -6.70 -13.23
C MET E 254 -8.78 -7.73 -12.20
N GLU E 255 -9.96 -7.59 -11.61
CA GLU E 255 -10.47 -8.53 -10.57
C GLU E 255 -11.35 -9.60 -11.20
N GLY E 256 -11.27 -9.80 -12.52
CA GLY E 256 -11.89 -10.94 -13.23
C GLY E 256 -13.29 -10.63 -13.74
N GLY E 257 -13.72 -9.37 -13.64
CA GLY E 257 -14.97 -8.86 -14.23
C GLY E 257 -15.02 -9.15 -15.73
N LEU E 258 -16.24 -9.40 -16.23
CA LEU E 258 -16.52 -9.68 -17.66
C LEU E 258 -17.76 -8.91 -18.11
N LEU E 259 -17.85 -8.59 -19.40
CA LEU E 259 -19.05 -7.95 -19.99
C LEU E 259 -20.18 -8.98 -20.00
N ASP E 260 -21.39 -8.52 -19.68
CA ASP E 260 -22.63 -9.34 -19.65
C ASP E 260 -22.95 -9.69 -21.10
N LYS E 261 -23.26 -10.96 -21.40
CA LYS E 261 -23.72 -11.42 -22.74
C LYS E 261 -24.85 -10.49 -23.19
N PRO E 262 -24.76 -9.85 -24.38
CA PRO E 262 -25.78 -8.91 -24.81
C PRO E 262 -27.14 -9.61 -25.03
N ASP E 263 -28.24 -8.88 -24.84
CA ASP E 263 -29.62 -9.40 -25.06
C ASP E 263 -29.69 -10.05 -26.45
N ASN E 264 -30.15 -11.31 -26.50
CA ASN E 264 -30.38 -12.09 -27.75
C ASN E 264 -29.09 -12.13 -28.58
N CYS E 265 -27.92 -12.21 -27.93
CA CYS E 265 -26.63 -12.45 -28.61
C CYS E 265 -26.54 -13.93 -29.00
N PRO E 266 -26.22 -14.25 -30.27
CA PRO E 266 -25.97 -15.64 -30.66
C PRO E 266 -24.93 -16.33 -29.75
N ASP E 267 -25.15 -17.59 -29.40
CA ASP E 267 -24.24 -18.37 -28.52
C ASP E 267 -22.90 -18.54 -29.22
N MET E 268 -22.93 -18.72 -30.55
CA MET E 268 -21.74 -18.79 -31.44
C MET E 268 -20.75 -17.70 -31.02
N LEU E 269 -21.24 -16.46 -30.94
CA LEU E 269 -20.44 -15.23 -30.74
C LEU E 269 -20.02 -15.07 -29.29
N PHE E 270 -20.95 -15.23 -28.35
CA PHE E 270 -20.63 -15.06 -26.91
C PHE E 270 -19.58 -16.10 -26.50
N GLU E 271 -19.63 -17.30 -27.09
CA GLU E 271 -18.64 -18.37 -26.84
C GLU E 271 -17.26 -17.83 -27.25
N LEU E 272 -17.21 -17.08 -28.34
CA LEU E 272 -15.96 -16.50 -28.90
C LEU E 272 -15.46 -15.41 -27.95
N MET E 273 -16.34 -14.53 -27.46
CA MET E 273 -16.00 -13.46 -26.49
C MET E 273 -15.37 -14.09 -25.26
N ARG E 274 -15.96 -15.17 -24.73
CA ARG E 274 -15.48 -15.84 -23.49
C ARG E 274 -14.07 -16.36 -23.71
N MET E 275 -13.80 -16.94 -24.87
CA MET E 275 -12.45 -17.46 -25.25
C MET E 275 -11.45 -16.30 -25.27
N CYS E 276 -11.86 -15.14 -25.76
CA CYS E 276 -10.98 -13.94 -25.91
C CYS E 276 -10.71 -13.31 -24.55
N TRP E 277 -11.67 -13.42 -23.62
CA TRP E 277 -11.62 -12.78 -22.28
C TRP E 277 -11.12 -13.75 -21.19
N GLN E 278 -10.40 -14.80 -21.58
CA GLN E 278 -9.61 -15.62 -20.64
C GLN E 278 -8.67 -14.68 -19.89
N TYR E 279 -8.76 -14.64 -18.56
CA TYR E 279 -7.90 -13.81 -17.69
C TYR E 279 -6.43 -14.05 -18.09
N ASN E 280 -6.03 -15.31 -18.23
CA ASN E 280 -4.63 -15.67 -18.56
C ASN E 280 -4.44 -15.60 -20.06
N PRO E 281 -3.47 -14.81 -20.58
CA PRO E 281 -3.28 -14.70 -22.03
C PRO E 281 -3.01 -16.04 -22.72
N LYS E 282 -2.20 -16.90 -22.12
CA LYS E 282 -1.83 -18.24 -22.65
C LYS E 282 -3.09 -19.01 -23.05
N MET E 283 -4.18 -18.85 -22.32
CA MET E 283 -5.45 -19.62 -22.51
C MET E 283 -6.32 -18.96 -23.58
N ARG E 284 -5.89 -17.86 -24.20
CA ARG E 284 -6.70 -17.17 -25.25
C ARG E 284 -6.32 -17.75 -26.60
N PRO E 285 -7.28 -17.83 -27.55
CA PRO E 285 -6.96 -18.22 -28.92
C PRO E 285 -6.12 -17.18 -29.65
N SER E 286 -5.32 -17.61 -30.63
CA SER E 286 -4.68 -16.74 -31.63
C SER E 286 -5.76 -16.28 -32.62
N PHE E 287 -5.45 -15.30 -33.47
CA PHE E 287 -6.41 -14.79 -34.47
C PHE E 287 -6.67 -15.88 -35.52
N LEU E 288 -5.63 -16.63 -35.89
CA LEU E 288 -5.72 -17.79 -36.81
C LEU E 288 -6.75 -18.79 -36.24
N GLU E 289 -6.59 -19.21 -34.97
CA GLU E 289 -7.52 -20.13 -34.26
C GLU E 289 -8.95 -19.57 -34.34
N ILE E 290 -9.11 -18.27 -34.13
CA ILE E 290 -10.46 -17.63 -34.18
C ILE E 290 -11.04 -17.86 -35.59
N ILE E 291 -10.25 -17.64 -36.63
CA ILE E 291 -10.70 -17.73 -38.05
C ILE E 291 -11.07 -19.19 -38.37
N SER E 292 -10.19 -20.15 -38.04
CA SER E 292 -10.46 -21.61 -38.14
C SER E 292 -11.84 -21.94 -37.59
N SER E 293 -12.20 -21.38 -36.44
CA SER E 293 -13.45 -21.70 -35.72
C SER E 293 -14.68 -21.16 -36.47
N ILE E 294 -14.52 -20.24 -37.43
CA ILE E 294 -15.67 -19.60 -38.14
C ILE E 294 -15.53 -19.65 -39.66
N LYS E 295 -14.47 -20.28 -40.21
CA LYS E 295 -14.16 -20.23 -41.66
C LYS E 295 -15.30 -20.88 -42.46
N GLU E 296 -15.99 -21.86 -41.87
CA GLU E 296 -17.15 -22.56 -42.46
C GLU E 296 -18.24 -21.53 -42.79
N GLU E 297 -18.50 -20.60 -41.87
CA GLU E 297 -19.65 -19.66 -41.94
C GLU E 297 -19.24 -18.37 -42.67
N MET E 298 -17.97 -18.26 -43.11
CA MET E 298 -17.45 -17.09 -43.89
C MET E 298 -18.01 -17.16 -45.31
N GLU E 299 -18.12 -16.02 -46.00
CA GLU E 299 -18.63 -15.95 -47.39
C GLU E 299 -17.57 -16.49 -48.35
N PRO E 300 -17.98 -16.83 -49.60
CA PRO E 300 -17.10 -17.53 -50.53
C PRO E 300 -15.86 -16.72 -50.93
N GLY E 301 -16.07 -15.43 -51.21
CA GLY E 301 -15.03 -14.46 -51.60
C GLY E 301 -13.83 -14.46 -50.65
N PHE E 302 -14.07 -14.60 -49.34
CA PHE E 302 -13.03 -14.55 -48.27
C PHE E 302 -11.82 -15.41 -48.63
N ARG E 303 -12.00 -16.50 -49.37
CA ARG E 303 -10.89 -17.41 -49.80
C ARG E 303 -9.84 -16.66 -50.61
N GLU E 304 -10.28 -15.80 -51.54
CA GLU E 304 -9.37 -15.12 -52.50
C GLU E 304 -8.67 -13.94 -51.80
N VAL E 305 -9.40 -13.14 -51.01
CA VAL E 305 -8.90 -11.84 -50.43
C VAL E 305 -8.14 -12.04 -49.11
N SER E 306 -8.42 -13.10 -48.34
CA SER E 306 -7.97 -13.27 -46.93
C SER E 306 -6.46 -13.57 -46.87
N PHE E 307 -5.86 -13.22 -45.75
CA PHE E 307 -4.49 -13.62 -45.33
C PHE E 307 -4.51 -15.08 -44.86
N TYR E 308 -5.61 -15.48 -44.22
CA TYR E 308 -5.77 -16.84 -43.65
C TYR E 308 -5.44 -17.89 -44.72
N TYR E 309 -6.04 -17.73 -45.91
CA TYR E 309 -5.91 -18.67 -47.05
C TYR E 309 -4.71 -18.31 -47.94
N SER E 310 -4.14 -17.11 -47.81
CA SER E 310 -2.98 -16.64 -48.61
C SER E 310 -1.80 -17.62 -48.48
N GLU E 311 -0.92 -17.60 -49.47
CA GLU E 311 0.34 -18.41 -49.55
C GLU E 311 1.25 -17.96 -48.39
N GLU E 312 1.11 -16.71 -47.94
CA GLU E 312 1.99 -16.05 -46.93
C GLU E 312 1.81 -16.72 -45.56
N ASN E 313 0.66 -17.33 -45.29
CA ASN E 313 0.33 -17.93 -43.97
C ASN E 313 1.26 -19.13 -43.71
N TYR F 15 -8.28 -10.16 42.51
CA TYR F 15 -9.70 -10.10 42.95
C TYR F 15 -9.78 -10.31 44.46
N VAL F 16 -10.42 -9.37 45.17
CA VAL F 16 -10.72 -9.47 46.62
C VAL F 16 -12.18 -9.88 46.80
N PRO F 17 -12.45 -11.08 47.36
CA PRO F 17 -13.80 -11.51 47.70
C PRO F 17 -14.55 -10.39 48.44
N ASP F 18 -15.88 -10.37 48.32
CA ASP F 18 -16.70 -9.32 48.97
C ASP F 18 -18.13 -9.82 49.16
N GLU F 19 -19.02 -8.89 49.55
CA GLU F 19 -20.50 -9.01 49.57
C GLU F 19 -20.98 -10.07 48.56
N TRP F 20 -20.50 -9.99 47.32
CA TRP F 20 -21.03 -10.75 46.15
C TRP F 20 -20.58 -12.22 46.21
N GLU F 21 -19.51 -12.51 46.94
CA GLU F 21 -18.98 -13.89 47.09
C GLU F 21 -20.04 -14.77 47.76
N VAL F 22 -20.31 -15.93 47.17
CA VAL F 22 -21.32 -16.94 47.58
C VAL F 22 -20.58 -18.27 47.81
N ALA F 23 -21.00 -19.03 48.82
CA ALA F 23 -20.40 -20.33 49.17
C ALA F 23 -20.74 -21.36 48.09
N ARG F 24 -19.72 -22.04 47.54
CA ARG F 24 -19.84 -23.05 46.45
C ARG F 24 -20.90 -24.11 46.81
N GLU F 25 -20.98 -24.41 48.10
CA GLU F 25 -21.97 -25.27 48.79
C GLU F 25 -23.40 -24.88 48.38
N LYS F 26 -23.73 -23.59 48.27
CA LYS F 26 -25.11 -23.09 48.02
C LYS F 26 -25.50 -23.28 46.53
N ILE F 27 -24.53 -23.53 45.65
CA ILE F 27 -24.71 -23.57 44.17
C ILE F 27 -24.92 -25.03 43.74
N THR F 28 -25.78 -25.26 42.75
CA THR F 28 -26.09 -26.57 42.13
C THR F 28 -26.20 -26.39 40.61
N MET F 29 -25.37 -27.07 39.82
CA MET F 29 -25.37 -26.99 38.33
C MET F 29 -26.18 -28.15 37.75
N SER F 30 -27.39 -27.87 37.25
CA SER F 30 -28.34 -28.85 36.63
C SER F 30 -27.83 -29.39 35.29
N ARG F 31 -27.74 -28.56 34.25
CA ARG F 31 -27.41 -29.01 32.87
C ARG F 31 -26.77 -27.88 32.05
N GLU F 32 -26.03 -28.26 31.01
CA GLU F 32 -25.34 -27.32 30.07
C GLU F 32 -26.40 -26.52 29.28
N LEU F 33 -26.20 -25.22 29.12
CA LEU F 33 -27.05 -24.34 28.26
C LEU F 33 -26.28 -23.99 26.98
N GLY F 34 -24.95 -24.17 26.98
CA GLY F 34 -24.10 -23.86 25.83
C GLY F 34 -22.99 -22.89 26.19
N GLN F 35 -21.96 -22.80 25.35
CA GLN F 35 -20.75 -21.98 25.59
C GLN F 35 -21.09 -20.49 25.56
N GLY F 36 -20.54 -19.73 26.49
CA GLY F 36 -20.55 -18.26 26.49
C GLY F 36 -19.13 -17.74 26.49
N SER F 37 -18.90 -16.51 26.96
CA SER F 37 -17.64 -15.78 26.74
C SER F 37 -16.47 -16.61 27.26
N PHE F 38 -16.45 -16.97 28.54
CA PHE F 38 -15.19 -17.51 29.13
C PHE F 38 -15.24 -19.03 29.24
N GLY F 39 -16.43 -19.61 29.14
CA GLY F 39 -16.60 -21.06 29.26
C GLY F 39 -18.08 -21.45 29.26
N MET F 40 -18.38 -22.68 29.66
CA MET F 40 -19.75 -23.25 29.57
C MET F 40 -20.64 -22.49 30.53
N VAL F 41 -21.87 -22.20 30.10
CA VAL F 41 -22.96 -21.67 30.97
C VAL F 41 -23.90 -22.83 31.29
N TYR F 42 -24.18 -23.04 32.58
CA TYR F 42 -25.10 -24.09 33.10
C TYR F 42 -26.36 -23.42 33.64
N GLU F 43 -27.49 -24.10 33.49
CA GLU F 43 -28.71 -23.88 34.32
C GLU F 43 -28.40 -24.44 35.70
N GLY F 44 -29.01 -23.90 36.76
CA GLY F 44 -28.74 -24.37 38.12
C GLY F 44 -29.65 -23.76 39.14
N VAL F 45 -29.19 -23.77 40.39
CA VAL F 45 -29.96 -23.30 41.57
C VAL F 45 -28.94 -22.77 42.60
N ALA F 46 -29.25 -21.63 43.20
CA ALA F 46 -28.40 -20.96 44.21
C ALA F 46 -29.26 -20.59 45.42
N LYS F 47 -28.78 -20.90 46.62
CA LYS F 47 -29.49 -20.66 47.90
C LYS F 47 -29.20 -19.22 48.36
N GLY F 48 -30.27 -18.44 48.56
CA GLY F 48 -30.25 -17.11 49.19
C GLY F 48 -29.39 -16.12 48.43
N VAL F 49 -29.56 -16.02 47.12
CA VAL F 49 -28.90 -14.98 46.27
C VAL F 49 -29.94 -13.90 45.95
N VAL F 50 -31.24 -14.25 46.06
CA VAL F 50 -32.38 -13.31 45.91
C VAL F 50 -33.11 -13.20 47.27
N LYS F 51 -33.59 -12.02 47.60
CA LYS F 51 -34.39 -11.71 48.82
C LYS F 51 -35.81 -12.25 48.63
N ASP F 52 -36.38 -12.89 49.65
CA ASP F 52 -37.74 -13.49 49.61
C ASP F 52 -37.78 -14.58 48.54
N GLU F 53 -36.78 -15.47 48.58
CA GLU F 53 -36.57 -16.58 47.63
C GLU F 53 -35.43 -17.42 48.18
N PRO F 54 -35.74 -18.50 48.95
CA PRO F 54 -34.70 -19.28 49.61
C PRO F 54 -33.77 -19.91 48.57
N GLU F 55 -34.35 -20.40 47.47
CA GLU F 55 -33.68 -21.07 46.33
C GLU F 55 -34.07 -20.29 45.08
N THR F 56 -33.11 -20.03 44.17
CA THR F 56 -33.34 -19.31 42.88
C THR F 56 -32.75 -20.12 41.72
N ARG F 57 -33.54 -20.29 40.65
CA ARG F 57 -33.05 -20.77 39.34
C ARG F 57 -32.12 -19.72 38.74
N VAL F 58 -30.88 -20.12 38.44
CA VAL F 58 -29.79 -19.20 37.99
C VAL F 58 -29.09 -19.78 36.76
N ALA F 59 -28.45 -18.90 35.99
CA ALA F 59 -27.42 -19.26 34.99
C ALA F 59 -26.06 -19.16 35.69
N ILE F 60 -25.20 -20.16 35.46
CA ILE F 60 -23.84 -20.21 36.07
C ILE F 60 -22.83 -20.37 34.94
N LYS F 61 -21.99 -19.35 34.75
CA LYS F 61 -20.86 -19.42 33.79
C LYS F 61 -19.63 -19.88 34.59
N THR F 62 -18.95 -20.90 34.09
CA THR F 62 -17.68 -21.44 34.64
C THR F 62 -16.51 -21.05 33.71
N VAL F 63 -15.42 -20.59 34.30
CA VAL F 63 -14.09 -20.66 33.66
C VAL F 63 -13.61 -22.11 33.83
N ASN F 64 -13.37 -22.80 32.72
CA ASN F 64 -12.72 -24.14 32.65
C ASN F 64 -11.38 -24.11 33.41
N GLU F 65 -10.73 -25.27 33.59
CA GLU F 65 -9.39 -25.35 34.24
C GLU F 65 -8.29 -25.24 33.19
N ALA F 66 -8.65 -25.11 31.90
CA ALA F 66 -7.72 -24.91 30.77
C ALA F 66 -7.35 -23.43 30.62
N ALA F 67 -7.77 -22.56 31.55
CA ALA F 67 -7.55 -21.10 31.49
C ALA F 67 -6.41 -20.70 32.42
N SER F 68 -5.54 -19.78 31.98
CA SER F 68 -4.43 -19.18 32.76
C SER F 68 -4.97 -18.34 33.90
N MET F 69 -4.15 -18.10 34.94
CA MET F 69 -4.46 -17.17 36.06
C MET F 69 -4.83 -15.81 35.48
N ARG F 70 -4.15 -15.40 34.40
CA ARG F 70 -4.36 -14.10 33.72
C ARG F 70 -5.81 -14.00 33.23
N GLU F 71 -6.37 -15.12 32.74
CA GLU F 71 -7.72 -15.21 32.15
C GLU F 71 -8.77 -15.38 33.25
N ARG F 72 -8.46 -16.16 34.29
CA ARG F 72 -9.33 -16.39 35.47
C ARG F 72 -9.57 -15.06 36.18
N ILE F 73 -8.59 -14.16 36.19
CA ILE F 73 -8.69 -12.81 36.83
C ILE F 73 -9.51 -11.91 35.90
N GLU F 74 -9.24 -11.95 34.59
CA GLU F 74 -10.00 -11.17 33.58
C GLU F 74 -11.49 -11.46 33.76
N PHE F 75 -11.85 -12.74 33.78
CA PHE F 75 -13.22 -13.27 33.98
C PHE F 75 -13.91 -12.55 35.15
N LEU F 76 -13.28 -12.54 36.32
CA LEU F 76 -13.87 -12.00 37.57
C LEU F 76 -14.01 -10.49 37.45
N ASN F 77 -13.00 -9.79 36.94
CA ASN F 77 -12.99 -8.31 36.84
C ASN F 77 -14.07 -7.84 35.87
N GLU F 78 -14.21 -8.54 34.75
CA GLU F 78 -15.29 -8.24 33.75
C GLU F 78 -16.64 -8.46 34.42
N ALA F 79 -16.83 -9.57 35.12
CA ALA F 79 -18.06 -9.87 35.88
C ALA F 79 -18.32 -8.74 36.90
N SER F 80 -17.28 -8.31 37.59
CA SER F 80 -17.34 -7.31 38.69
C SER F 80 -17.93 -5.99 38.20
N VAL F 81 -17.76 -5.67 36.92
CA VAL F 81 -18.37 -4.46 36.31
C VAL F 81 -19.88 -4.50 36.55
N MET F 82 -20.46 -5.70 36.48
CA MET F 82 -21.92 -5.91 36.53
C MET F 82 -22.45 -5.70 37.96
N LYS F 83 -21.55 -5.64 38.95
CA LYS F 83 -21.92 -5.40 40.38
C LYS F 83 -22.58 -4.02 40.49
N GLU F 84 -22.12 -3.06 39.69
CA GLU F 84 -22.54 -1.64 39.70
C GLU F 84 -23.86 -1.49 38.94
N PHE F 85 -24.32 -2.53 38.24
CA PHE F 85 -25.50 -2.47 37.35
C PHE F 85 -26.74 -2.95 38.09
N ASN F 86 -27.78 -2.12 38.04
CA ASN F 86 -29.15 -2.42 38.52
C ASN F 86 -30.13 -1.88 37.48
N CYS F 87 -30.46 -2.66 36.44
CA CYS F 87 -31.36 -2.24 35.35
C CYS F 87 -32.15 -3.44 34.84
N HIS F 88 -33.45 -3.25 34.66
CA HIS F 88 -34.44 -4.30 34.30
C HIS F 88 -34.04 -4.90 32.96
N HIS F 89 -33.41 -4.10 32.08
CA HIS F 89 -33.12 -4.49 30.67
C HIS F 89 -31.66 -4.91 30.48
N VAL F 90 -30.92 -5.13 31.58
CA VAL F 90 -29.54 -5.69 31.57
C VAL F 90 -29.51 -6.91 32.49
N VAL F 91 -29.11 -8.08 31.97
CA VAL F 91 -29.05 -9.37 32.72
C VAL F 91 -28.23 -9.11 34.00
N ARG F 92 -28.76 -9.54 35.14
CA ARG F 92 -28.26 -9.19 36.49
C ARG F 92 -27.25 -10.23 36.94
N LEU F 93 -26.14 -9.78 37.52
CA LEU F 93 -25.23 -10.59 38.36
C LEU F 93 -25.91 -10.88 39.70
N LEU F 94 -25.86 -12.12 40.19
CA LEU F 94 -26.44 -12.55 41.49
C LEU F 94 -25.33 -12.92 42.48
N GLY F 95 -24.17 -13.39 42.00
CA GLY F 95 -23.06 -13.75 42.89
C GLY F 95 -21.86 -14.28 42.15
N VAL F 96 -20.76 -14.38 42.88
CA VAL F 96 -19.43 -14.80 42.37
C VAL F 96 -18.91 -15.91 43.29
N VAL F 97 -18.25 -16.92 42.73
CA VAL F 97 -17.47 -17.93 43.50
C VAL F 97 -16.00 -17.79 43.06
N SER F 98 -15.23 -17.03 43.82
CA SER F 98 -13.85 -16.60 43.49
C SER F 98 -12.82 -17.57 44.06
N GLN F 99 -13.23 -18.45 44.98
CA GLN F 99 -12.29 -19.30 45.76
C GLN F 99 -12.49 -20.77 45.37
N GLY F 100 -11.39 -21.41 44.97
CA GLY F 100 -11.38 -22.77 44.40
C GLY F 100 -11.66 -22.73 42.92
N GLN F 101 -11.75 -23.91 42.31
CA GLN F 101 -12.07 -24.12 40.89
C GLN F 101 -13.21 -25.14 40.78
N PRO F 102 -14.10 -25.02 39.77
CA PRO F 102 -14.05 -23.93 38.80
C PRO F 102 -14.53 -22.61 39.42
N THR F 103 -13.98 -21.48 38.95
CA THR F 103 -14.44 -20.12 39.28
C THR F 103 -15.83 -19.91 38.67
N LEU F 104 -16.84 -19.52 39.47
CA LEU F 104 -18.24 -19.39 39.00
C LEU F 104 -18.64 -17.91 38.99
N VAL F 105 -19.45 -17.55 38.00
CA VAL F 105 -20.26 -16.29 37.98
C VAL F 105 -21.72 -16.71 37.84
N ILE F 106 -22.51 -16.43 38.87
CA ILE F 106 -23.97 -16.76 38.94
C ILE F 106 -24.72 -15.53 38.43
N MET F 107 -25.76 -15.70 37.62
CA MET F 107 -26.57 -14.55 37.17
C MET F 107 -28.00 -14.97 36.79
N GLU F 108 -28.89 -13.97 36.81
CA GLU F 108 -30.29 -14.05 36.33
C GLU F 108 -30.39 -15.08 35.20
N LEU F 109 -31.19 -16.13 35.37
CA LEU F 109 -31.45 -17.13 34.31
C LEU F 109 -32.44 -16.53 33.33
N MET F 110 -32.07 -16.51 32.05
CA MET F 110 -32.93 -16.04 30.95
C MET F 110 -33.48 -17.29 30.27
N THR F 111 -34.75 -17.60 30.54
CA THR F 111 -35.33 -18.95 30.39
C THR F 111 -35.65 -19.24 28.93
N ARG F 112 -35.70 -18.22 28.07
CA ARG F 112 -35.99 -18.35 26.62
C ARG F 112 -34.72 -18.17 25.78
N GLY F 113 -33.54 -18.20 26.41
CA GLY F 113 -32.22 -18.18 25.74
C GLY F 113 -31.92 -16.87 25.04
N ASP F 114 -31.01 -16.94 24.06
CA ASP F 114 -30.53 -15.76 23.29
C ASP F 114 -31.59 -15.37 22.26
N LEU F 115 -31.65 -14.08 21.92
CA LEU F 115 -32.66 -13.49 21.02
C LEU F 115 -32.52 -14.09 19.61
N LYS F 116 -31.30 -14.47 19.22
CA LYS F 116 -31.03 -15.01 17.85
C LYS F 116 -31.77 -16.33 17.70
N SER F 117 -31.50 -17.29 18.61
CA SER F 117 -32.19 -18.60 18.70
C SER F 117 -33.69 -18.37 18.75
N TYR F 118 -34.14 -17.52 19.66
CA TYR F 118 -35.59 -17.23 19.84
C TYR F 118 -36.18 -16.76 18.51
N LEU F 119 -35.53 -15.82 17.83
CA LEU F 119 -36.03 -15.24 16.55
C LEU F 119 -36.03 -16.33 15.48
N ARG F 120 -35.02 -17.20 15.49
CA ARG F 120 -34.89 -18.31 14.50
C ARG F 120 -36.08 -19.26 14.69
N SER F 121 -36.48 -19.51 15.93
CA SER F 121 -37.59 -20.43 16.28
C SER F 121 -38.94 -19.91 15.74
N LEU F 122 -39.10 -18.60 15.53
CA LEU F 122 -40.37 -17.99 15.01
C LEU F 122 -40.53 -18.19 13.49
N ARG F 123 -39.55 -18.78 12.81
CA ARG F 123 -39.54 -18.88 11.32
C ARG F 123 -40.49 -19.99 10.91
N PRO F 124 -41.26 -19.82 9.81
CA PRO F 124 -41.87 -20.96 9.12
C PRO F 124 -40.85 -22.06 8.78
N PRO F 134 -44.18 -15.44 13.86
CA PRO F 134 -43.48 -14.16 13.67
C PRO F 134 -43.83 -13.15 14.76
N PRO F 135 -43.08 -12.02 14.92
CA PRO F 135 -43.48 -10.91 15.78
C PRO F 135 -44.17 -9.77 15.00
N SER F 136 -45.19 -9.16 15.60
CA SER F 136 -45.90 -7.95 15.12
C SER F 136 -44.94 -6.75 15.07
N LEU F 137 -45.33 -5.65 14.43
CA LEU F 137 -44.57 -4.37 14.44
C LEU F 137 -44.47 -3.88 15.88
N SER F 138 -45.55 -3.96 16.66
CA SER F 138 -45.60 -3.40 18.04
C SER F 138 -44.76 -4.27 18.97
N LYS F 139 -44.60 -5.55 18.66
CA LYS F 139 -43.80 -6.51 19.48
C LYS F 139 -42.32 -6.34 19.14
N MET F 140 -41.99 -5.83 17.96
CA MET F 140 -40.60 -5.55 17.49
C MET F 140 -40.13 -4.21 18.05
N ILE F 141 -40.99 -3.20 18.00
CA ILE F 141 -40.74 -1.87 18.64
C ILE F 141 -40.43 -2.13 20.13
N GLN F 142 -41.12 -3.08 20.74
CA GLN F 142 -40.99 -3.41 22.18
C GLN F 142 -39.55 -3.88 22.44
N MET F 143 -39.11 -4.89 21.68
CA MET F 143 -37.73 -5.45 21.74
C MET F 143 -36.71 -4.31 21.53
N ALA F 144 -36.89 -3.51 20.49
CA ALA F 144 -36.00 -2.37 20.17
C ALA F 144 -35.83 -1.47 21.40
N GLY F 145 -36.94 -1.09 22.02
CA GLY F 145 -36.95 -0.11 23.13
C GLY F 145 -36.31 -0.67 24.39
N GLU F 146 -36.60 -1.94 24.69
CA GLU F 146 -35.98 -2.68 25.82
C GLU F 146 -34.46 -2.69 25.60
N ILE F 147 -33.99 -3.12 24.43
CA ILE F 147 -32.54 -3.19 24.09
C ILE F 147 -31.95 -1.78 24.19
N ALA F 148 -32.58 -0.82 23.56
CA ALA F 148 -32.17 0.60 23.56
C ALA F 148 -32.07 1.10 25.01
N ASP F 149 -32.99 0.67 25.88
CA ASP F 149 -33.09 1.19 27.26
C ASP F 149 -31.91 0.63 28.06
N GLY F 150 -31.68 -0.68 27.98
CA GLY F 150 -30.50 -1.33 28.59
C GLY F 150 -29.22 -0.66 28.14
N MET F 151 -29.10 -0.39 26.84
CA MET F 151 -27.88 0.21 26.25
C MET F 151 -27.73 1.66 26.75
N ALA F 152 -28.83 2.40 26.85
CA ALA F 152 -28.84 3.78 27.42
C ALA F 152 -28.34 3.72 28.87
N TYR F 153 -28.79 2.72 29.64
CA TYR F 153 -28.40 2.49 31.05
C TYR F 153 -26.88 2.28 31.10
N LEU F 154 -26.37 1.37 30.28
CA LEU F 154 -24.91 1.05 30.21
C LEU F 154 -24.11 2.30 29.83
N ASN F 155 -24.56 3.09 28.87
CA ASN F 155 -23.76 4.26 28.37
C ASN F 155 -23.79 5.34 29.43
N ALA F 156 -24.88 5.40 30.20
CA ALA F 156 -25.03 6.29 31.38
C ALA F 156 -23.99 5.91 32.44
N ASN F 157 -23.72 4.61 32.64
CA ASN F 157 -22.72 4.11 33.62
C ASN F 157 -21.35 3.95 32.95
N LYS F 158 -21.08 4.71 31.87
CA LYS F 158 -19.75 4.83 31.22
C LYS F 158 -19.27 3.46 30.73
N PHE F 159 -20.17 2.64 30.19
CA PHE F 159 -19.85 1.27 29.68
C PHE F 159 -20.20 1.15 28.19
N VAL F 160 -19.22 0.76 27.40
CA VAL F 160 -19.36 0.43 25.95
C VAL F 160 -19.39 -1.08 25.84
N HIS F 161 -20.42 -1.65 25.24
CA HIS F 161 -20.66 -3.12 25.19
C HIS F 161 -19.66 -3.77 24.23
N ARG F 162 -19.63 -3.33 22.98
CA ARG F 162 -18.65 -3.74 21.93
C ARG F 162 -19.12 -4.99 21.18
N ASP F 163 -20.11 -5.71 21.70
CA ASP F 163 -20.60 -6.94 21.03
C ASP F 163 -22.12 -7.05 21.14
N LEU F 164 -22.81 -5.93 20.99
CA LEU F 164 -24.29 -5.93 20.87
C LEU F 164 -24.64 -6.67 19.59
N ALA F 165 -25.65 -7.54 19.66
CA ALA F 165 -26.01 -8.49 18.59
C ALA F 165 -27.08 -9.42 19.16
N ALA F 166 -28.00 -9.90 18.32
CA ALA F 166 -29.11 -10.77 18.73
C ALA F 166 -28.57 -11.91 19.59
N ARG F 167 -27.42 -12.48 19.23
CA ARG F 167 -26.84 -13.65 19.95
C ARG F 167 -26.46 -13.28 21.39
N ASN F 168 -26.25 -12.01 21.71
CA ASN F 168 -25.85 -11.53 23.07
C ASN F 168 -26.95 -10.70 23.72
N CYS F 169 -28.16 -10.73 23.15
CA CYS F 169 -29.39 -10.26 23.81
C CYS F 169 -30.11 -11.50 24.32
N MET F 170 -30.60 -11.46 25.56
CA MET F 170 -31.28 -12.62 26.17
C MET F 170 -32.78 -12.31 26.30
N VAL F 171 -33.61 -13.36 26.27
CA VAL F 171 -35.10 -13.29 26.39
C VAL F 171 -35.55 -13.95 27.70
N ALA F 172 -36.28 -13.22 28.54
CA ALA F 172 -36.79 -13.68 29.86
C ALA F 172 -38.07 -14.49 29.68
N GLU F 173 -38.60 -15.06 30.76
CA GLU F 173 -39.85 -15.87 30.78
C GLU F 173 -40.98 -15.04 30.16
N ASP F 174 -41.07 -13.75 30.49
CA ASP F 174 -42.18 -12.84 30.06
C ASP F 174 -41.82 -12.11 28.76
N PHE F 175 -40.85 -12.60 27.99
CA PHE F 175 -40.44 -12.12 26.63
C PHE F 175 -39.73 -10.76 26.70
N THR F 176 -39.38 -10.27 27.89
CA THR F 176 -38.51 -9.08 28.05
C THR F 176 -37.15 -9.41 27.44
N VAL F 177 -36.60 -8.51 26.62
CA VAL F 177 -35.25 -8.68 26.04
C VAL F 177 -34.28 -7.85 26.88
N LYS F 178 -33.10 -8.40 27.16
CA LYS F 178 -32.08 -7.74 28.00
C LYS F 178 -30.71 -7.88 27.34
N ILE F 179 -29.84 -6.92 27.66
CA ILE F 179 -28.44 -6.89 27.19
C ILE F 179 -27.68 -7.99 27.92
N GLY F 180 -27.01 -8.87 27.17
CA GLY F 180 -26.26 -10.01 27.74
C GLY F 180 -24.77 -9.90 27.51
N ASP F 181 -24.14 -11.04 27.16
CA ASP F 181 -22.68 -11.29 27.19
C ASP F 181 -21.91 -10.29 26.33
N PHE F 182 -20.88 -9.67 26.89
CA PHE F 182 -19.96 -8.70 26.23
C PHE F 182 -18.53 -9.22 26.24
N GLY F 183 -18.27 -10.18 27.14
CA GLY F 183 -16.99 -10.91 27.32
C GLY F 183 -16.34 -11.25 26.01
N MET F 184 -17.11 -11.66 25.03
CA MET F 184 -16.58 -12.35 23.82
C MET F 184 -15.50 -11.51 23.13
N THR F 185 -15.57 -10.19 23.17
CA THR F 185 -14.74 -9.25 22.35
C THR F 185 -13.57 -8.70 23.16
N ARG F 186 -13.56 -8.92 24.47
CA ARG F 186 -12.61 -8.26 25.40
C ARG F 186 -11.28 -9.03 25.41
N ASP F 187 -10.19 -8.36 25.05
CA ASP F 187 -8.82 -8.91 25.13
C ASP F 187 -8.32 -8.73 26.57
N ILE F 188 -7.31 -9.50 26.96
CA ILE F 188 -6.76 -9.54 28.35
C ILE F 188 -5.91 -8.29 28.59
N TYR F 189 -5.33 -7.70 27.54
CA TYR F 189 -4.21 -6.72 27.67
C TYR F 189 -4.60 -5.29 27.24
N GLU F 190 -5.39 -5.17 26.16
CA GLU F 190 -5.85 -3.90 25.51
C GLU F 190 -5.94 -2.74 26.52
N THR F 191 -5.70 -1.51 26.05
CA THR F 191 -5.69 -0.21 26.79
C THR F 191 -4.23 0.14 27.14
N ASP F 192 -3.62 -0.59 28.09
CA ASP F 192 -2.19 -0.44 28.42
C ASP F 192 -1.31 -0.97 27.27
N TYR F 193 -1.50 -2.23 26.85
CA TYR F 193 -0.71 -2.90 25.79
C TYR F 193 -1.58 -3.23 24.57
N TYR F 194 -0.91 -3.48 23.43
CA TYR F 194 -1.49 -3.73 22.09
C TYR F 194 -0.83 -4.97 21.46
N ARG F 195 -1.59 -5.89 20.84
CA ARG F 195 -1.08 -7.08 20.12
C ARG F 195 -1.33 -6.95 18.61
N LYS F 199 -4.15 -8.71 17.88
CA LYS F 199 -4.73 -10.08 17.78
C LYS F 199 -5.89 -10.20 18.78
N GLY F 200 -7.12 -10.26 18.27
CA GLY F 200 -8.34 -10.37 19.09
C GLY F 200 -9.43 -11.22 18.43
N LEU F 201 -10.68 -10.79 18.58
CA LEU F 201 -11.93 -11.42 18.10
C LEU F 201 -12.96 -10.33 17.75
N LEU F 202 -13.42 -10.24 16.49
CA LEU F 202 -14.21 -9.08 16.02
C LEU F 202 -15.52 -9.51 15.36
N PRO F 203 -16.66 -8.96 15.81
CA PRO F 203 -17.92 -9.18 15.11
C PRO F 203 -18.09 -8.25 13.89
N VAL F 204 -17.43 -8.53 12.78
CA VAL F 204 -17.31 -7.59 11.62
C VAL F 204 -18.71 -7.20 11.15
N ARG F 205 -19.66 -8.14 11.17
CA ARG F 205 -21.02 -7.87 10.61
C ARG F 205 -21.78 -6.88 11.50
N TRP F 206 -21.37 -6.73 12.76
CA TRP F 206 -22.04 -5.83 13.73
C TRP F 206 -21.22 -4.56 13.97
N MET F 207 -20.07 -4.41 13.32
CA MET F 207 -19.08 -3.34 13.64
C MET F 207 -19.25 -2.14 12.71
N SER F 208 -19.20 -0.96 13.32
CA SER F 208 -19.20 0.36 12.64
C SER F 208 -17.93 0.49 11.80
N PRO F 209 -17.95 1.37 10.77
CA PRO F 209 -16.76 1.63 9.98
C PRO F 209 -15.53 2.06 10.82
N GLU F 210 -15.71 2.93 11.81
CA GLU F 210 -14.58 3.43 12.63
C GLU F 210 -14.07 2.27 13.50
N SER F 211 -14.94 1.33 13.90
CA SER F 211 -14.55 0.12 14.64
C SER F 211 -13.71 -0.78 13.72
N LEU F 212 -14.12 -0.96 12.48
CA LEU F 212 -13.39 -1.79 11.48
C LEU F 212 -12.05 -1.13 11.13
N LYS F 213 -12.02 0.18 10.93
CA LYS F 213 -10.83 0.90 10.41
C LYS F 213 -9.78 0.99 11.51
N ASP F 214 -10.17 1.46 12.70
CA ASP F 214 -9.22 1.97 13.74
C ASP F 214 -9.43 1.27 15.10
N GLY F 215 -10.33 0.30 15.19
CA GLY F 215 -10.66 -0.35 16.47
C GLY F 215 -11.17 0.65 17.50
N VAL F 216 -11.91 1.65 17.04
CA VAL F 216 -12.60 2.64 17.93
C VAL F 216 -13.93 2.04 18.35
N PHE F 217 -14.19 1.98 19.65
CA PHE F 217 -15.46 1.48 20.20
C PHE F 217 -16.00 2.52 21.18
N THR F 218 -17.11 3.15 20.84
CA THR F 218 -17.76 4.21 21.66
C THR F 218 -19.23 3.84 21.77
N THR F 219 -19.99 4.59 22.58
CA THR F 219 -21.47 4.50 22.61
C THR F 219 -21.99 4.51 21.16
N TYR F 220 -21.38 5.32 20.29
CA TYR F 220 -21.86 5.61 18.93
C TYR F 220 -21.65 4.38 18.06
N SER F 221 -20.59 3.61 18.33
CA SER F 221 -20.30 2.31 17.66
C SER F 221 -21.34 1.28 18.14
N ASP F 222 -21.73 1.33 19.42
CA ASP F 222 -22.79 0.46 20.01
C ASP F 222 -24.11 0.75 19.29
N VAL F 223 -24.40 2.01 18.99
CA VAL F 223 -25.62 2.42 18.23
C VAL F 223 -25.62 1.78 16.85
N TRP F 224 -24.48 1.76 16.15
CA TRP F 224 -24.36 1.06 14.85
C TRP F 224 -24.83 -0.39 15.03
N SER F 225 -24.25 -1.09 16.00
CA SER F 225 -24.59 -2.51 16.29
C SER F 225 -26.10 -2.62 16.50
N PHE F 226 -26.68 -1.68 17.24
CA PHE F 226 -28.12 -1.66 17.60
C PHE F 226 -28.95 -1.69 16.32
N GLY F 227 -28.58 -0.87 15.34
CA GLY F 227 -29.20 -0.88 14.01
C GLY F 227 -29.16 -2.28 13.40
N VAL F 228 -28.03 -2.98 13.54
CA VAL F 228 -27.87 -4.35 12.96
C VAL F 228 -28.81 -5.31 13.71
N VAL F 229 -29.00 -5.11 15.02
CA VAL F 229 -29.92 -5.98 15.82
C VAL F 229 -31.36 -5.72 15.39
N LEU F 230 -31.75 -4.48 15.12
CA LEU F 230 -33.11 -4.21 14.56
C LEU F 230 -33.30 -5.03 13.29
N TRP F 231 -32.30 -5.00 12.41
CA TRP F 231 -32.29 -5.72 11.10
C TRP F 231 -32.41 -7.23 11.37
N GLU F 232 -31.72 -7.74 12.39
CA GLU F 232 -31.81 -9.16 12.80
C GLU F 232 -33.26 -9.46 13.22
N ILE F 233 -33.85 -8.56 14.01
CA ILE F 233 -35.24 -8.71 14.53
C ILE F 233 -36.21 -8.76 13.34
N ALA F 234 -36.03 -7.88 12.34
CA ALA F 234 -36.93 -7.76 11.18
C ALA F 234 -36.73 -8.93 10.19
N THR F 235 -35.59 -9.60 10.20
CA THR F 235 -35.31 -10.73 9.27
C THR F 235 -35.43 -12.06 9.99
N LEU F 236 -35.89 -12.06 11.24
CA LEU F 236 -35.85 -13.25 12.14
C LEU F 236 -34.46 -13.89 12.04
N ALA F 237 -33.44 -13.07 12.32
CA ALA F 237 -32.02 -13.47 12.45
C ALA F 237 -31.53 -14.19 11.18
N GLU F 238 -31.61 -13.54 10.02
CA GLU F 238 -30.73 -13.83 8.86
C GLU F 238 -29.31 -13.38 9.25
N GLN F 239 -28.28 -14.01 8.70
CA GLN F 239 -26.89 -13.52 8.89
C GLN F 239 -26.80 -12.21 8.14
N PRO F 240 -26.41 -11.10 8.80
CA PRO F 240 -26.25 -9.84 8.10
C PRO F 240 -25.13 -9.97 7.06
N TYR F 241 -25.36 -9.41 5.86
CA TYR F 241 -24.42 -9.42 4.71
C TYR F 241 -24.19 -10.87 4.28
N GLN F 242 -25.23 -11.72 4.25
CA GLN F 242 -25.12 -13.15 3.85
C GLN F 242 -24.55 -13.16 2.42
N GLY F 243 -23.72 -14.13 2.10
CA GLY F 243 -23.11 -14.24 0.76
C GLY F 243 -21.81 -13.48 0.70
N LEU F 244 -21.59 -12.50 1.57
CA LEU F 244 -20.25 -11.85 1.72
C LEU F 244 -19.45 -12.60 2.78
N SER F 245 -18.17 -12.87 2.54
CA SER F 245 -17.22 -13.39 3.55
C SER F 245 -16.93 -12.28 4.56
N ASN F 246 -16.39 -12.62 5.72
CA ASN F 246 -15.99 -11.63 6.76
C ASN F 246 -15.03 -10.58 6.15
N GLU F 247 -14.01 -10.99 5.36
CA GLU F 247 -13.07 -10.04 4.72
C GLU F 247 -13.82 -9.08 3.80
N GLN F 248 -14.79 -9.59 3.05
CA GLN F 248 -15.61 -8.79 2.10
C GLN F 248 -16.46 -7.77 2.87
N VAL F 249 -17.01 -8.14 4.02
CA VAL F 249 -17.90 -7.28 4.84
C VAL F 249 -17.06 -6.11 5.36
N LEU F 250 -15.81 -6.39 5.76
CA LEU F 250 -14.86 -5.39 6.27
C LEU F 250 -14.68 -4.29 5.22
N ARG F 251 -14.35 -4.67 3.97
CA ARG F 251 -14.19 -3.75 2.80
C ARG F 251 -15.53 -3.01 2.57
N PHE F 252 -16.61 -3.78 2.39
CA PHE F 252 -17.95 -3.30 1.97
C PHE F 252 -18.45 -2.19 2.91
N VAL F 253 -18.39 -2.41 4.22
CA VAL F 253 -18.95 -1.47 5.24
C VAL F 253 -18.04 -0.25 5.35
N MET F 254 -16.72 -0.44 5.33
CA MET F 254 -15.74 0.67 5.38
C MET F 254 -15.93 1.57 4.16
N GLU F 255 -16.38 1.02 3.03
CA GLU F 255 -16.57 1.79 1.78
C GLU F 255 -18.02 2.30 1.69
N GLY F 256 -18.77 2.29 2.79
CA GLY F 256 -20.09 2.93 2.88
C GLY F 256 -21.23 1.99 2.57
N GLY F 257 -20.95 0.70 2.37
CA GLY F 257 -21.95 -0.36 2.21
C GLY F 257 -22.91 -0.38 3.39
N LEU F 258 -24.17 -0.73 3.11
CA LEU F 258 -25.30 -0.78 4.08
C LEU F 258 -26.12 -2.04 3.81
N LEU F 259 -26.81 -2.52 4.85
CA LEU F 259 -27.75 -3.67 4.71
C LEU F 259 -28.97 -3.19 3.94
N ASP F 260 -29.47 -4.03 3.01
CA ASP F 260 -30.72 -3.77 2.25
C ASP F 260 -31.86 -3.86 3.24
N LYS F 261 -32.81 -2.90 3.20
CA LYS F 261 -34.07 -2.93 3.98
C LYS F 261 -34.70 -4.31 3.83
N PRO F 262 -35.00 -5.04 4.92
CA PRO F 262 -35.53 -6.41 4.82
C PRO F 262 -36.91 -6.43 4.15
N ASP F 263 -37.26 -7.53 3.48
CA ASP F 263 -38.56 -7.71 2.76
C ASP F 263 -39.72 -7.24 3.67
N ASN F 264 -40.49 -6.25 3.23
CA ASN F 264 -41.70 -5.72 3.90
C ASN F 264 -41.39 -5.36 5.36
N CYS F 265 -40.23 -4.77 5.61
CA CYS F 265 -39.82 -4.22 6.93
C CYS F 265 -40.58 -2.91 7.15
N PRO F 266 -41.23 -2.74 8.32
CA PRO F 266 -41.86 -1.46 8.67
C PRO F 266 -40.95 -0.25 8.48
N ASP F 267 -41.49 0.85 7.94
CA ASP F 267 -40.69 2.08 7.65
C ASP F 267 -40.20 2.67 8.97
N MET F 268 -41.01 2.58 10.02
CA MET F 268 -40.68 3.01 11.40
C MET F 268 -39.27 2.53 11.74
N LEU F 269 -39.04 1.22 11.54
CA LEU F 269 -37.81 0.50 11.97
C LEU F 269 -36.64 0.80 11.02
N PHE F 270 -36.86 0.70 9.70
CA PHE F 270 -35.78 0.93 8.71
C PHE F 270 -35.28 2.37 8.84
N GLU F 271 -36.16 3.31 9.17
CA GLU F 271 -35.79 4.74 9.39
C GLU F 271 -34.78 4.78 10.55
N LEU F 272 -35.00 3.95 11.55
CA LEU F 272 -34.14 3.87 12.77
C LEU F 272 -32.78 3.27 12.38
N MET F 273 -32.77 2.19 11.60
CA MET F 273 -31.55 1.54 11.10
C MET F 273 -30.70 2.57 10.35
N ARG F 274 -31.30 3.37 9.47
CA ARG F 274 -30.59 4.37 8.63
C ARG F 274 -29.92 5.40 9.53
N MET F 275 -30.61 5.84 10.59
CA MET F 275 -30.08 6.81 11.57
C MET F 275 -28.85 6.20 12.27
N CYS F 276 -28.92 4.91 12.59
CA CYS F 276 -27.85 4.18 13.34
C CYS F 276 -26.64 3.97 12.44
N TRP F 277 -26.85 3.80 11.14
CA TRP F 277 -25.81 3.46 10.14
C TRP F 277 -25.26 4.71 9.42
N GLN F 278 -25.43 5.90 10.00
CA GLN F 278 -24.69 7.10 9.57
C GLN F 278 -23.19 6.78 9.63
N TYR F 279 -22.49 6.89 8.50
CA TYR F 279 -21.04 6.59 8.42
C TYR F 279 -20.32 7.37 9.51
N ASN F 280 -20.64 8.65 9.68
CA ASN F 280 -19.97 9.51 10.69
C ASN F 280 -20.66 9.33 12.04
N PRO F 281 -19.92 8.93 13.10
CA PRO F 281 -20.54 8.70 14.41
C PRO F 281 -21.31 9.90 14.96
N LYS F 282 -20.76 11.11 14.81
CA LYS F 282 -21.36 12.39 15.28
C LYS F 282 -22.82 12.48 14.84
N MET F 283 -23.14 12.00 13.63
CA MET F 283 -24.48 12.13 13.02
C MET F 283 -25.40 11.00 13.48
N ARG F 284 -24.98 10.11 14.38
CA ARG F 284 -25.82 8.99 14.87
C ARG F 284 -26.58 9.47 16.10
N PRO F 285 -27.82 8.99 16.33
CA PRO F 285 -28.53 9.30 17.57
C PRO F 285 -27.91 8.59 18.78
N SER F 286 -28.09 9.16 19.97
CA SER F 286 -27.84 8.46 21.27
C SER F 286 -28.96 7.44 21.49
N PHE F 287 -28.79 6.55 22.46
CA PHE F 287 -29.81 5.52 22.79
C PHE F 287 -31.05 6.21 23.36
N LEU F 288 -30.85 7.26 24.17
CA LEU F 288 -31.95 8.09 24.71
C LEU F 288 -32.77 8.66 23.55
N GLU F 289 -32.13 9.32 22.58
CA GLU F 289 -32.78 9.87 21.36
C GLU F 289 -33.59 8.76 20.65
N ILE F 290 -33.01 7.56 20.54
CA ILE F 290 -33.71 6.42 19.88
C ILE F 290 -35.01 6.14 20.65
N ILE F 291 -34.95 6.11 21.98
CA ILE F 291 -36.11 5.76 22.86
C ILE F 291 -37.18 6.85 22.71
N SER F 292 -36.80 8.13 22.84
CA SER F 292 -37.68 9.30 22.58
C SER F 292 -38.48 9.10 21.30
N SER F 293 -37.83 8.64 20.23
CA SER F 293 -38.43 8.51 18.88
C SER F 293 -39.47 7.38 18.84
N ILE F 294 -39.50 6.47 19.84
CA ILE F 294 -40.43 5.28 19.82
C ILE F 294 -41.24 5.16 21.12
N LYS F 295 -41.10 6.08 22.08
CA LYS F 295 -41.69 5.93 23.44
C LYS F 295 -43.23 5.87 23.33
N GLU F 296 -43.81 6.55 22.33
CA GLU F 296 -45.27 6.52 22.08
C GLU F 296 -45.73 5.10 21.82
N GLU F 297 -44.97 4.33 21.05
CA GLU F 297 -45.37 2.99 20.57
C GLU F 297 -44.92 1.90 21.57
N MET F 298 -44.25 2.29 22.67
CA MET F 298 -43.82 1.35 23.75
C MET F 298 -45.03 0.93 24.58
N GLU F 299 -45.02 -0.26 25.18
CA GLU F 299 -46.15 -0.80 25.97
C GLU F 299 -46.18 -0.09 27.32
N PRO F 300 -47.30 -0.21 28.06
CA PRO F 300 -47.54 0.57 29.26
C PRO F 300 -46.52 0.33 30.37
N GLY F 301 -46.20 -0.96 30.61
CA GLY F 301 -45.27 -1.41 31.68
C GLY F 301 -43.93 -0.71 31.59
N PHE F 302 -43.43 -0.45 30.37
CA PHE F 302 -42.10 0.15 30.09
C PHE F 302 -41.85 1.37 30.99
N ARG F 303 -42.88 2.13 31.35
CA ARG F 303 -42.75 3.37 32.18
C ARG F 303 -42.19 3.02 33.56
N GLU F 304 -42.63 1.90 34.17
CA GLU F 304 -42.23 1.55 35.57
C GLU F 304 -40.82 0.93 35.56
N VAL F 305 -40.50 0.03 34.61
CA VAL F 305 -39.28 -0.83 34.60
C VAL F 305 -38.08 -0.12 33.93
N SER F 306 -38.31 0.83 33.02
CA SER F 306 -37.27 1.44 32.14
C SER F 306 -36.33 2.34 32.94
N PHE F 307 -35.11 2.48 32.42
CA PHE F 307 -34.08 3.47 32.83
C PHE F 307 -34.47 4.84 32.27
N TYR F 308 -35.05 4.85 31.07
CA TYR F 308 -35.43 6.09 30.34
C TYR F 308 -36.27 6.97 31.26
N TYR F 309 -37.30 6.38 31.89
CA TYR F 309 -38.27 7.07 32.77
C TYR F 309 -37.79 7.10 34.22
N SER F 310 -36.79 6.29 34.59
CA SER F 310 -36.24 6.21 35.98
C SER F 310 -35.76 7.60 36.43
N GLU F 311 -35.72 7.82 37.75
CA GLU F 311 -35.23 9.09 38.35
C GLU F 311 -33.74 9.21 38.11
N GLU F 312 -33.05 8.10 37.85
CA GLU F 312 -31.58 8.02 37.63
C GLU F 312 -31.18 8.75 36.34
N ASN F 313 -32.09 8.86 35.37
CA ASN F 313 -31.81 9.49 34.05
C ASN F 313 -31.46 10.98 34.21
N TYR G 15 22.61 33.05 -19.37
CA TYR G 15 23.95 32.71 -19.96
C TYR G 15 24.79 33.97 -20.14
N VAL G 16 26.08 33.78 -20.11
CA VAL G 16 27.13 34.86 -20.12
C VAL G 16 28.05 34.51 -21.26
N PRO G 17 27.91 35.14 -22.45
CA PRO G 17 28.79 34.83 -23.60
C PRO G 17 30.26 34.86 -23.16
N ASP G 18 31.12 34.08 -23.81
CA ASP G 18 32.55 34.02 -23.44
C ASP G 18 33.37 33.52 -24.64
N GLU G 19 34.65 33.24 -24.38
CA GLU G 19 35.61 32.49 -25.27
C GLU G 19 34.85 31.55 -26.21
N TRP G 20 33.93 30.75 -25.68
CA TRP G 20 33.27 29.63 -26.41
C TRP G 20 32.25 30.15 -27.42
N GLU G 21 31.75 31.37 -27.23
CA GLU G 21 30.76 32.01 -28.15
C GLU G 21 31.42 32.18 -29.53
N VAL G 22 30.71 31.74 -30.58
CA VAL G 22 31.13 31.74 -32.01
C VAL G 22 30.09 32.54 -32.80
N ALA G 23 30.53 33.33 -33.79
CA ALA G 23 29.64 34.18 -34.63
C ALA G 23 28.82 33.27 -35.55
N ARG G 24 27.48 33.42 -35.54
CA ARG G 24 26.51 32.59 -36.31
C ARG G 24 26.91 32.55 -37.79
N GLU G 25 27.47 33.66 -38.26
CA GLU G 25 28.10 33.88 -39.61
C GLU G 25 29.06 32.72 -39.95
N LYS G 26 29.89 32.27 -39.01
CA LYS G 26 30.97 31.28 -39.25
C LYS G 26 30.41 29.86 -39.39
N ILE G 27 29.15 29.63 -38.98
CA ILE G 27 28.50 28.28 -38.93
C ILE G 27 27.71 28.06 -40.20
N THR G 28 27.71 26.82 -40.72
CA THR G 28 26.98 26.39 -41.94
C THR G 28 26.37 25.01 -41.70
N MET G 29 25.04 24.90 -41.74
CA MET G 29 24.30 23.64 -41.44
C MET G 29 23.95 22.93 -42.74
N SER G 30 24.68 21.87 -43.10
CA SER G 30 24.57 21.08 -44.35
C SER G 30 23.27 20.26 -44.40
N ARG G 31 23.10 19.25 -43.53
CA ARG G 31 21.92 18.35 -43.56
C ARG G 31 21.59 17.83 -42.16
N GLU G 32 20.34 17.39 -41.98
CA GLU G 32 19.81 16.78 -40.73
C GLU G 32 20.51 15.44 -40.48
N LEU G 33 20.94 15.17 -39.23
CA LEU G 33 21.51 13.88 -38.81
C LEU G 33 20.50 13.12 -37.97
N GLY G 34 19.49 13.80 -37.44
CA GLY G 34 18.44 13.19 -36.60
C GLY G 34 18.34 13.90 -35.28
N GLN G 35 17.23 13.66 -34.56
CA GLN G 35 16.90 14.30 -33.28
C GLN G 35 17.87 13.84 -32.18
N GLY G 36 18.33 14.79 -31.37
CA GLY G 36 19.07 14.54 -30.11
C GLY G 36 18.30 15.17 -28.96
N SER G 37 18.98 15.45 -27.85
CA SER G 37 18.33 15.78 -26.56
C SER G 37 17.39 16.97 -26.77
N PHE G 38 17.86 18.11 -27.22
CA PHE G 38 17.04 19.35 -27.13
C PHE G 38 16.38 19.68 -28.46
N GLY G 39 16.87 19.08 -29.55
CA GLY G 39 16.33 19.35 -30.90
C GLY G 39 17.16 18.67 -31.96
N MET G 40 16.98 19.09 -33.21
CA MET G 40 17.62 18.44 -34.37
C MET G 40 19.12 18.69 -34.30
N VAL G 41 19.91 17.65 -34.62
CA VAL G 41 21.39 17.75 -34.83
C VAL G 41 21.64 17.75 -36.33
N TYR G 42 22.41 18.72 -36.80
CA TYR G 42 22.82 18.89 -38.22
C TYR G 42 24.31 18.59 -38.36
N GLU G 43 24.69 17.99 -39.49
CA GLU G 43 26.09 18.01 -40.02
C GLU G 43 26.34 19.43 -40.55
N GLY G 44 27.57 19.90 -40.54
CA GLY G 44 27.86 21.27 -40.99
C GLY G 44 29.33 21.57 -41.01
N VAL G 45 29.64 22.87 -40.93
CA VAL G 45 31.02 23.41 -41.04
C VAL G 45 31.09 24.69 -40.22
N ALA G 46 32.16 24.87 -39.46
CA ALA G 46 32.40 26.07 -38.62
C ALA G 46 33.81 26.59 -38.89
N LYS G 47 33.92 27.91 -39.08
CA LYS G 47 35.19 28.61 -39.40
C LYS G 47 35.92 28.94 -38.10
N GLY G 48 37.17 28.46 -37.97
CA GLY G 48 38.09 28.79 -36.87
C GLY G 48 37.55 28.46 -35.50
N VAL G 49 37.02 27.25 -35.32
CA VAL G 49 36.63 26.70 -33.98
C VAL G 49 37.72 25.73 -33.52
N VAL G 50 38.52 25.23 -34.46
CA VAL G 50 39.74 24.41 -34.21
C VAL G 50 40.96 25.21 -34.67
N LYS G 51 42.05 25.10 -33.92
CA LYS G 51 43.37 25.73 -34.18
C LYS G 51 44.07 24.93 -35.29
N ASP G 52 44.67 25.62 -36.26
CA ASP G 52 45.38 24.99 -37.42
C ASP G 52 44.37 24.21 -38.24
N GLU G 53 43.23 24.85 -38.54
CA GLU G 53 42.08 24.28 -39.27
C GLU G 53 41.13 25.44 -39.53
N PRO G 54 41.23 26.11 -40.71
CA PRO G 54 40.44 27.31 -40.96
C PRO G 54 38.93 26.97 -40.96
N GLU G 55 38.58 25.80 -41.52
CA GLU G 55 37.21 25.26 -41.56
C GLU G 55 37.22 23.87 -40.92
N THR G 56 36.21 23.52 -40.11
CA THR G 56 36.06 22.20 -39.43
C THR G 56 34.67 21.62 -39.69
N ARG G 57 34.59 20.35 -40.08
CA ARG G 57 33.33 19.55 -40.12
C ARG G 57 32.84 19.35 -38.68
N VAL G 58 31.61 19.78 -38.38
CA VAL G 58 31.04 19.78 -37.00
C VAL G 58 29.62 19.20 -37.01
N ALA G 59 29.19 18.72 -35.85
CA ALA G 59 27.77 18.45 -35.52
C ALA G 59 27.23 19.71 -34.83
N ILE G 60 26.02 20.12 -35.20
CA ILE G 60 25.37 21.34 -34.65
C ILE G 60 24.01 20.93 -34.13
N LYS G 61 23.80 21.02 -32.81
CA LYS G 61 22.48 20.78 -32.18
C LYS G 61 21.80 22.15 -32.06
N THR G 62 20.55 22.24 -32.51
CA THR G 62 19.69 23.44 -32.38
C THR G 62 18.59 23.17 -31.35
N VAL G 63 18.31 24.14 -30.49
CA VAL G 63 17.02 24.24 -29.79
C VAL G 63 16.04 24.86 -30.80
N ASN G 64 14.98 24.11 -31.16
CA ASN G 64 13.84 24.58 -31.99
C ASN G 64 13.25 25.87 -31.40
N GLU G 65 12.31 26.52 -32.09
CA GLU G 65 11.63 27.73 -31.56
C GLU G 65 10.36 27.33 -30.81
N ALA G 66 10.06 26.04 -30.70
CA ALA G 66 8.93 25.47 -29.92
C ALA G 66 9.30 25.34 -28.43
N ALA G 67 10.49 25.79 -28.03
CA ALA G 67 11.02 25.63 -26.66
C ALA G 67 10.93 26.97 -25.92
N SER G 68 10.56 26.91 -24.63
CA SER G 68 10.45 28.07 -23.70
C SER G 68 11.86 28.63 -23.43
N MET G 69 11.92 29.90 -22.99
CA MET G 69 13.18 30.56 -22.54
C MET G 69 13.81 29.68 -21.44
N ARG G 70 12.98 29.07 -20.60
CA ARG G 70 13.42 28.20 -19.47
C ARG G 70 14.23 27.01 -20.01
N GLU G 71 13.83 26.47 -21.16
CA GLU G 71 14.44 25.29 -21.81
C GLU G 71 15.67 25.71 -22.64
N ARG G 72 15.59 26.86 -23.31
CA ARG G 72 16.70 27.47 -24.09
C ARG G 72 17.90 27.75 -23.17
N ILE G 73 17.63 28.11 -21.91
CA ILE G 73 18.69 28.40 -20.91
C ILE G 73 19.23 27.07 -20.39
N GLU G 74 18.35 26.10 -20.12
CA GLU G 74 18.74 24.73 -19.68
C GLU G 74 19.75 24.18 -20.69
N PHE G 75 19.40 24.20 -21.97
CA PHE G 75 20.23 23.76 -23.12
C PHE G 75 21.66 24.30 -23.00
N LEU G 76 21.82 25.61 -22.84
CA LEU G 76 23.14 26.28 -22.81
C LEU G 76 23.93 25.84 -21.58
N ASN G 77 23.29 25.82 -20.40
CA ASN G 77 23.95 25.50 -19.12
C ASN G 77 24.43 24.05 -19.14
N GLU G 78 23.61 23.14 -19.65
CA GLU G 78 23.99 21.72 -19.79
C GLU G 78 25.19 21.61 -20.73
N ALA G 79 25.15 22.29 -21.87
CA ALA G 79 26.27 22.33 -22.84
C ALA G 79 27.51 22.88 -22.14
N SER G 80 27.36 23.93 -21.35
CA SER G 80 28.47 24.66 -20.67
C SER G 80 29.26 23.71 -19.75
N VAL G 81 28.64 22.66 -19.23
CA VAL G 81 29.35 21.62 -18.42
C VAL G 81 30.51 21.06 -19.26
N MET G 82 30.29 20.92 -20.57
CA MET G 82 31.25 20.28 -21.51
C MET G 82 32.45 21.18 -21.77
N LYS G 83 32.39 22.45 -21.36
CA LYS G 83 33.51 23.41 -21.47
C LYS G 83 34.69 22.91 -20.64
N GLU G 84 34.43 22.25 -19.53
CA GLU G 84 35.45 21.70 -18.59
C GLU G 84 36.08 20.42 -19.14
N PHE G 85 35.50 19.82 -20.19
CA PHE G 85 35.86 18.45 -20.65
C PHE G 85 36.85 18.51 -21.81
N ASN G 86 37.96 17.81 -21.66
CA ASN G 86 38.99 17.59 -22.71
C ASN G 86 39.42 16.13 -22.61
N CYS G 87 38.75 15.21 -23.29
CA CYS G 87 39.06 13.76 -23.25
C CYS G 87 38.79 13.09 -24.59
N HIS G 88 39.70 12.21 -25.04
CA HIS G 88 39.68 11.56 -26.37
C HIS G 88 38.39 10.74 -26.51
N HIS G 89 37.88 10.21 -25.40
CA HIS G 89 36.76 9.25 -25.39
C HIS G 89 35.44 9.92 -24.98
N VAL G 90 35.39 11.25 -24.95
CA VAL G 90 34.15 12.05 -24.71
C VAL G 90 34.00 13.07 -25.83
N VAL G 91 32.87 13.05 -26.54
CA VAL G 91 32.56 13.97 -27.67
C VAL G 91 32.80 15.41 -27.18
N ARG G 92 33.54 16.19 -27.96
CA ARG G 92 34.07 17.51 -27.56
C ARG G 92 33.08 18.61 -27.96
N LEU G 93 32.84 19.56 -27.06
CA LEU G 93 32.22 20.87 -27.38
C LEU G 93 33.26 21.72 -28.12
N LEU G 94 32.86 22.37 -29.22
CA LEU G 94 33.74 23.25 -30.04
C LEU G 94 33.29 24.71 -29.92
N GLY G 95 32.01 24.98 -29.68
CA GLY G 95 31.50 26.36 -29.52
C GLY G 95 30.01 26.43 -29.29
N VAL G 96 29.56 27.64 -28.93
CA VAL G 96 28.15 27.95 -28.57
C VAL G 96 27.73 29.17 -29.36
N VAL G 97 26.48 29.23 -29.81
CA VAL G 97 25.84 30.45 -30.38
C VAL G 97 24.66 30.79 -29.47
N SER G 98 24.89 31.72 -28.54
CA SER G 98 23.96 32.06 -27.44
C SER G 98 23.04 33.21 -27.83
N GLN G 99 23.35 33.93 -28.93
CA GLN G 99 22.62 35.18 -29.29
C GLN G 99 21.83 34.97 -30.58
N GLY G 100 20.54 35.29 -30.53
CA GLY G 100 19.57 35.05 -31.62
C GLY G 100 19.00 33.64 -31.56
N GLN G 101 18.19 33.28 -32.55
CA GLN G 101 17.58 31.94 -32.72
C GLN G 101 17.85 31.44 -34.12
N PRO G 102 18.02 30.10 -34.33
CA PRO G 102 18.02 29.14 -33.23
C PRO G 102 19.33 29.21 -32.43
N THR G 103 19.26 28.91 -31.13
CA THR G 103 20.45 28.77 -30.23
C THR G 103 21.22 27.52 -30.66
N LEU G 104 22.53 27.64 -30.92
CA LEU G 104 23.34 26.51 -31.45
C LEU G 104 24.34 26.03 -30.42
N VAL G 105 24.58 24.73 -30.39
CA VAL G 105 25.75 24.09 -29.72
C VAL G 105 26.51 23.29 -30.79
N ILE G 106 27.73 23.72 -31.08
CA ILE G 106 28.63 23.10 -32.10
C ILE G 106 29.50 22.08 -31.38
N MET G 107 29.72 20.90 -31.97
CA MET G 107 30.62 19.90 -31.33
C MET G 107 31.22 18.92 -32.36
N GLU G 108 32.32 18.28 -31.96
CA GLU G 108 33.00 17.19 -32.68
C GLU G 108 31.97 16.37 -33.47
N LEU G 109 32.12 16.29 -34.79
CA LEU G 109 31.26 15.44 -35.65
C LEU G 109 31.70 13.98 -35.52
N MET G 110 30.77 13.11 -35.16
CA MET G 110 30.99 11.65 -35.06
C MET G 110 30.38 11.01 -36.31
N THR G 111 31.25 10.65 -37.25
CA THR G 111 30.88 10.45 -38.68
C THR G 111 30.19 9.11 -38.89
N ARG G 112 30.27 8.18 -37.94
CA ARG G 112 29.61 6.84 -38.03
C ARG G 112 28.38 6.77 -37.11
N GLY G 113 27.91 7.91 -36.60
CA GLY G 113 26.66 8.01 -35.82
C GLY G 113 26.73 7.29 -34.47
N ASP G 114 25.56 6.96 -33.92
CA ASP G 114 25.42 6.34 -32.57
C ASP G 114 25.78 4.85 -32.64
N LEU G 115 26.31 4.33 -31.53
CA LEU G 115 26.81 2.95 -31.41
C LEU G 115 25.64 1.96 -31.62
N LYS G 116 24.41 2.34 -31.26
CA LYS G 116 23.24 1.43 -31.36
C LYS G 116 22.97 1.14 -32.83
N SER G 117 22.81 2.19 -33.64
CA SER G 117 22.65 2.12 -35.12
C SER G 117 23.82 1.32 -35.70
N TYR G 118 25.04 1.69 -35.35
CA TYR G 118 26.27 1.02 -35.85
C TYR G 118 26.18 -0.48 -35.56
N LEU G 119 25.84 -0.86 -34.33
CA LEU G 119 25.78 -2.27 -33.90
C LEU G 119 24.66 -2.97 -34.66
N ARG G 120 23.54 -2.28 -34.90
CA ARG G 120 22.37 -2.83 -35.64
C ARG G 120 22.80 -3.14 -37.07
N SER G 121 23.64 -2.28 -37.66
CA SER G 121 24.11 -2.42 -39.05
C SER G 121 25.00 -3.66 -39.22
N LEU G 122 25.64 -4.17 -38.16
CA LEU G 122 26.52 -5.37 -38.21
C LEU G 122 25.71 -6.69 -38.25
N ARG G 123 24.38 -6.61 -38.14
CA ARG G 123 23.51 -7.82 -38.05
C ARG G 123 23.38 -8.45 -39.43
N PRO G 124 23.42 -9.80 -39.53
CA PRO G 124 23.18 -10.49 -40.80
C PRO G 124 21.82 -10.09 -41.43
N GLU G 125 20.70 -10.34 -40.74
CA GLU G 125 19.36 -9.92 -41.22
C GLU G 125 19.37 -8.41 -41.48
N PRO G 135 31.08 -8.52 -34.27
CA PRO G 135 32.38 -8.06 -33.79
C PRO G 135 33.17 -9.13 -33.01
N SER G 136 34.50 -9.15 -33.16
CA SER G 136 35.42 -10.09 -32.45
C SER G 136 35.40 -9.77 -30.96
N LEU G 137 35.94 -10.66 -30.12
CA LEU G 137 36.06 -10.42 -28.66
C LEU G 137 36.99 -9.21 -28.45
N SER G 138 38.08 -9.12 -29.20
CA SER G 138 39.11 -8.07 -29.03
C SER G 138 38.56 -6.72 -29.49
N LYS G 139 37.62 -6.72 -30.42
CA LYS G 139 37.03 -5.46 -30.97
C LYS G 139 35.94 -4.97 -29.99
N MET G 140 35.34 -5.87 -29.21
CA MET G 140 34.30 -5.56 -28.19
C MET G 140 34.97 -5.04 -26.91
N ILE G 141 36.05 -5.70 -26.48
CA ILE G 141 36.91 -5.24 -25.35
C ILE G 141 37.34 -3.80 -25.64
N GLN G 142 37.66 -3.51 -26.91
CA GLN G 142 38.17 -2.18 -27.34
C GLN G 142 37.10 -1.13 -27.04
N MET G 143 35.88 -1.35 -27.55
CA MET G 143 34.70 -0.48 -27.32
C MET G 143 34.47 -0.31 -25.82
N ALA G 144 34.43 -1.42 -25.07
CA ALA G 144 34.20 -1.42 -23.62
C ALA G 144 35.20 -0.45 -22.94
N GLY G 145 36.48 -0.58 -23.26
CA GLY G 145 37.57 0.17 -22.61
C GLY G 145 37.52 1.65 -22.92
N GLU G 146 37.23 1.99 -24.18
CA GLU G 146 37.04 3.38 -24.66
C GLU G 146 35.88 4.00 -23.88
N ILE G 147 34.71 3.33 -23.83
CA ILE G 147 33.49 3.81 -23.12
C ILE G 147 33.85 3.96 -21.64
N ALA G 148 34.42 2.92 -21.05
CA ALA G 148 34.84 2.90 -19.63
C ALA G 148 35.79 4.08 -19.36
N ASP G 149 36.67 4.39 -20.31
CA ASP G 149 37.72 5.42 -20.11
C ASP G 149 37.06 6.79 -20.09
N GLY G 150 36.22 7.07 -21.08
CA GLY G 150 35.40 8.31 -21.11
C GLY G 150 34.62 8.47 -19.83
N MET G 151 33.98 7.40 -19.36
CA MET G 151 33.13 7.43 -18.15
C MET G 151 34.01 7.69 -16.92
N ALA G 152 35.19 7.06 -16.84
CA ALA G 152 36.19 7.30 -15.77
C ALA G 152 36.58 8.78 -15.77
N TYR G 153 36.79 9.37 -16.95
CA TYR G 153 37.15 10.80 -17.13
C TYR G 153 36.03 11.67 -16.54
N LEU G 154 34.78 11.40 -16.93
CA LEU G 154 33.60 12.17 -16.46
C LEU G 154 33.46 12.05 -14.94
N ASN G 155 33.67 10.86 -14.36
CA ASN G 155 33.45 10.65 -12.90
C ASN G 155 34.58 11.32 -12.14
N ALA G 156 35.77 11.41 -12.75
CA ALA G 156 36.93 12.15 -12.23
C ALA G 156 36.59 13.65 -12.15
N ASN G 157 35.84 14.18 -13.14
CA ASN G 157 35.41 15.60 -13.16
C ASN G 157 34.05 15.77 -12.47
N LYS G 158 33.68 14.86 -11.56
CA LYS G 158 32.49 14.95 -10.68
C LYS G 158 31.21 15.03 -11.52
N PHE G 159 31.13 14.31 -12.64
CA PHE G 159 29.94 14.31 -13.54
C PHE G 159 29.36 12.90 -13.65
N VAL G 160 28.05 12.81 -13.37
CA VAL G 160 27.23 11.59 -13.53
C VAL G 160 26.44 11.75 -14.82
N HIS G 161 26.55 10.81 -15.74
CA HIS G 161 25.94 10.89 -17.09
C HIS G 161 24.42 10.72 -16.99
N ARG G 162 23.96 9.61 -16.40
CA ARG G 162 22.54 9.30 -16.09
C ARG G 162 21.83 8.63 -17.28
N ASP G 163 22.43 8.65 -18.48
CA ASP G 163 21.80 8.06 -19.69
C ASP G 163 22.86 7.39 -20.56
N LEU G 164 23.82 6.72 -19.95
CA LEU G 164 24.77 5.85 -20.69
C LEU G 164 23.96 4.72 -21.31
N ALA G 165 24.24 4.41 -22.56
CA ALA G 165 23.45 3.48 -23.41
C ALA G 165 24.05 3.54 -24.82
N ALA G 166 23.98 2.44 -25.57
CA ALA G 166 24.54 2.37 -26.93
C ALA G 166 24.08 3.59 -27.73
N ARG G 167 22.81 3.98 -27.58
CA ARG G 167 22.20 5.07 -28.39
C ARG G 167 22.88 6.40 -28.10
N ASN G 168 23.54 6.57 -26.94
CA ASN G 168 24.20 7.85 -26.55
C ASN G 168 25.73 7.68 -26.51
N CYS G 169 26.24 6.60 -27.08
CA CYS G 169 27.67 6.44 -27.41
C CYS G 169 27.82 6.69 -28.90
N MET G 170 28.82 7.46 -29.29
CA MET G 170 29.03 7.84 -30.71
C MET G 170 30.28 7.12 -31.22
N VAL G 171 30.31 6.86 -32.53
CA VAL G 171 31.42 6.17 -33.26
C VAL G 171 32.09 7.17 -34.22
N ALA G 172 33.41 7.35 -34.09
CA ALA G 172 34.23 8.26 -34.93
C ALA G 172 34.58 7.57 -36.25
N GLU G 173 35.23 8.30 -37.17
CA GLU G 173 35.66 7.79 -38.50
C GLU G 173 36.52 6.53 -38.30
N ASP G 174 37.41 6.52 -37.30
CA ASP G 174 38.38 5.43 -37.05
C ASP G 174 37.82 4.40 -36.05
N PHE G 175 36.49 4.36 -35.85
CA PHE G 175 35.76 3.36 -35.03
C PHE G 175 35.99 3.55 -33.52
N THR G 176 36.65 4.64 -33.10
CA THR G 176 36.74 5.02 -31.67
C THR G 176 35.32 5.28 -31.16
N VAL G 177 34.98 4.73 -30.00
CA VAL G 177 33.65 4.98 -29.37
C VAL G 177 33.84 6.05 -28.29
N LYS G 178 32.92 6.99 -28.19
CA LYS G 178 33.00 8.12 -27.24
C LYS G 178 31.64 8.31 -26.57
N ILE G 179 31.67 8.85 -25.36
CA ILE G 179 30.48 9.18 -24.54
C ILE G 179 29.79 10.37 -25.19
N GLY G 180 28.49 10.24 -25.49
CA GLY G 180 27.70 11.29 -26.15
C GLY G 180 26.59 11.83 -25.25
N ASP G 181 25.42 12.05 -25.85
CA ASP G 181 24.29 12.87 -25.35
C ASP G 181 23.81 12.38 -23.97
N PHE G 182 23.70 13.29 -23.01
CA PHE G 182 23.21 13.05 -21.63
C PHE G 182 21.96 13.89 -21.35
N GLY G 183 21.77 14.94 -22.16
CA GLY G 183 20.61 15.85 -22.15
C GLY G 183 19.30 15.13 -21.95
N MET G 184 19.12 13.95 -22.54
CA MET G 184 17.78 13.35 -22.69
C MET G 184 17.07 13.18 -21.32
N THR G 185 17.81 12.95 -20.24
CA THR G 185 17.28 12.54 -18.92
C THR G 185 17.17 13.72 -17.96
N ARG G 186 17.72 14.87 -18.33
CA ARG G 186 17.81 16.04 -17.42
C ARG G 186 16.49 16.82 -17.48
N ASP G 187 15.83 16.97 -16.33
CA ASP G 187 14.62 17.81 -16.19
C ASP G 187 15.08 19.28 -16.04
N ILE G 188 14.18 20.21 -16.35
CA ILE G 188 14.47 21.68 -16.37
C ILE G 188 14.58 22.19 -14.93
N TYR G 189 13.92 21.51 -13.97
CA TYR G 189 13.59 22.05 -12.62
C TYR G 189 14.36 21.34 -11.51
N GLU G 190 14.46 20.01 -11.57
CA GLU G 190 15.11 19.12 -10.55
C GLU G 190 16.23 19.84 -9.77
N THR G 191 16.42 19.44 -8.50
CA THR G 191 17.37 19.99 -7.48
C THR G 191 16.60 20.98 -6.60
N ASP G 192 16.26 22.15 -7.12
CA ASP G 192 15.47 23.18 -6.39
C ASP G 192 14.01 22.73 -6.26
N TYR G 193 13.36 22.39 -7.38
CA TYR G 193 11.93 21.97 -7.46
C TYR G 193 11.79 20.52 -7.98
N TYR G 194 10.58 19.94 -7.98
CA TYR G 194 10.34 18.48 -8.20
C TYR G 194 9.31 18.19 -9.31
N LEU G 201 11.19 11.64 -17.79
CA LEU G 201 11.83 10.78 -18.84
C LEU G 201 12.99 9.96 -18.23
N LEU G 202 12.88 8.64 -18.20
CA LEU G 202 13.82 7.73 -17.50
C LEU G 202 14.05 6.50 -18.37
N PRO G 203 15.32 6.13 -18.62
CA PRO G 203 15.65 4.90 -19.34
C PRO G 203 15.62 3.65 -18.46
N VAL G 204 14.42 3.12 -18.16
CA VAL G 204 14.24 2.04 -17.14
C VAL G 204 15.16 0.84 -17.45
N ARG G 205 15.34 0.53 -18.74
CA ARG G 205 16.09 -0.69 -19.13
C ARG G 205 17.59 -0.52 -18.85
N TRP G 206 18.06 0.72 -18.69
CA TRP G 206 19.49 1.02 -18.41
C TRP G 206 19.70 1.42 -16.95
N MET G 207 18.64 1.46 -16.14
CA MET G 207 18.68 2.06 -14.78
C MET G 207 18.89 1.00 -13.69
N SER G 208 19.77 1.33 -12.76
CA SER G 208 20.08 0.54 -11.54
C SER G 208 18.84 0.50 -10.66
N PRO G 209 18.76 -0.49 -9.76
CA PRO G 209 17.67 -0.57 -8.79
C PRO G 209 17.49 0.69 -7.94
N GLU G 210 18.59 1.28 -7.45
CA GLU G 210 18.50 2.49 -6.58
C GLU G 210 18.02 3.67 -7.43
N SER G 211 18.34 3.70 -8.73
CA SER G 211 17.85 4.73 -9.68
C SER G 211 16.35 4.55 -9.87
N LEU G 212 15.88 3.31 -10.04
CA LEU G 212 14.44 3.00 -10.21
C LEU G 212 13.67 3.31 -8.91
N LYS G 213 14.23 2.96 -7.75
CA LYS G 213 13.51 3.02 -6.46
C LYS G 213 13.41 4.48 -6.02
N ASP G 214 14.53 5.21 -6.01
CA ASP G 214 14.70 6.50 -5.28
C ASP G 214 15.16 7.63 -6.20
N GLY G 215 15.34 7.39 -7.49
CA GLY G 215 15.91 8.40 -8.42
C GLY G 215 17.31 8.82 -7.98
N VAL G 216 18.09 7.89 -7.42
CA VAL G 216 19.52 8.10 -7.08
C VAL G 216 20.33 7.82 -8.33
N PHE G 217 21.17 8.77 -8.72
CA PHE G 217 22.09 8.65 -9.87
C PHE G 217 23.50 9.00 -9.39
N THR G 218 24.40 8.03 -9.38
CA THR G 218 25.81 8.19 -8.94
C THR G 218 26.69 7.57 -10.01
N THR G 219 28.00 7.73 -9.89
CA THR G 219 28.99 6.99 -10.71
C THR G 219 28.59 5.50 -10.75
N TYR G 220 28.12 4.97 -9.62
CA TYR G 220 27.88 3.52 -9.41
C TYR G 220 26.65 3.12 -10.22
N SER G 221 25.69 4.04 -10.38
CA SER G 221 24.49 3.85 -11.23
C SER G 221 24.93 3.87 -12.70
N ASP G 222 25.89 4.73 -13.05
CA ASP G 222 26.48 4.82 -14.42
C ASP G 222 27.15 3.48 -14.75
N VAL G 223 27.82 2.86 -13.77
CA VAL G 223 28.46 1.52 -13.94
C VAL G 223 27.40 0.47 -14.27
N TRP G 224 26.24 0.48 -13.61
CA TRP G 224 25.11 -0.42 -13.96
C TRP G 224 24.80 -0.27 -15.46
N SER G 225 24.57 0.97 -15.89
CA SER G 225 24.25 1.27 -17.31
C SER G 225 25.33 0.68 -18.21
N PHE G 226 26.59 0.82 -17.80
CA PHE G 226 27.78 0.37 -18.57
C PHE G 226 27.65 -1.14 -18.84
N GLY G 227 27.29 -1.89 -17.82
CA GLY G 227 26.97 -3.33 -17.94
C GLY G 227 25.92 -3.58 -19.02
N VAL G 228 24.89 -2.74 -19.06
CA VAL G 228 23.78 -2.91 -20.04
C VAL G 228 24.35 -2.60 -21.44
N VAL G 229 25.28 -1.65 -21.58
CA VAL G 229 25.88 -1.31 -22.89
C VAL G 229 26.76 -2.49 -23.35
N LEU G 230 27.50 -3.14 -22.45
CA LEU G 230 28.26 -4.36 -22.83
C LEU G 230 27.29 -5.37 -23.43
N TRP G 231 26.15 -5.59 -22.75
CA TRP G 231 25.08 -6.54 -23.17
C TRP G 231 24.56 -6.13 -24.54
N GLU G 232 24.37 -4.83 -24.78
CA GLU G 232 23.94 -4.29 -26.10
C GLU G 232 25.00 -4.65 -27.15
N ILE G 233 26.28 -4.47 -26.81
CA ILE G 233 27.43 -4.75 -27.72
C ILE G 233 27.41 -6.24 -28.07
N ALA G 234 27.21 -7.13 -27.10
CA ALA G 234 27.26 -8.58 -27.29
C ALA G 234 26.00 -9.09 -28.00
N THR G 235 24.89 -8.36 -28.00
CA THR G 235 23.63 -8.79 -28.67
C THR G 235 23.42 -8.01 -29.98
N LEU G 236 24.41 -7.22 -30.39
CA LEU G 236 24.27 -6.25 -31.51
C LEU G 236 22.95 -5.49 -31.33
N ALA G 237 22.81 -4.86 -30.15
CA ALA G 237 21.71 -3.92 -29.79
C ALA G 237 20.34 -4.59 -29.95
N GLU G 238 20.11 -5.71 -29.27
CA GLU G 238 18.74 -6.15 -28.88
C GLU G 238 18.22 -5.15 -27.83
N GLN G 239 16.90 -4.96 -27.75
CA GLN G 239 16.29 -4.18 -26.65
C GLN G 239 16.50 -4.99 -25.38
N PRO G 240 17.14 -4.44 -24.34
CA PRO G 240 17.31 -5.16 -23.08
C PRO G 240 15.93 -5.44 -22.49
N TYR G 241 15.74 -6.65 -21.95
CA TYR G 241 14.49 -7.14 -21.32
C TYR G 241 13.37 -7.11 -22.37
N GLN G 242 13.62 -7.51 -23.63
CA GLN G 242 12.57 -7.47 -24.70
C GLN G 242 11.43 -8.38 -24.23
N GLY G 243 10.19 -8.02 -24.52
CA GLY G 243 9.03 -8.83 -24.09
C GLY G 243 8.54 -8.47 -22.70
N LEU G 244 9.36 -7.78 -21.90
CA LEU G 244 8.87 -7.08 -20.68
C LEU G 244 8.48 -5.65 -21.05
N SER G 245 7.34 -5.16 -20.58
CA SER G 245 6.95 -3.73 -20.69
C SER G 245 7.85 -2.92 -19.76
N ASN G 246 7.92 -1.60 -19.94
CA ASN G 246 8.71 -0.69 -19.05
C ASN G 246 8.27 -0.89 -17.58
N GLU G 247 6.96 -0.97 -17.29
CA GLU G 247 6.45 -1.18 -15.89
C GLU G 247 6.98 -2.50 -15.35
N GLN G 248 7.00 -3.54 -16.17
CA GLN G 248 7.46 -4.90 -15.77
C GLN G 248 8.95 -4.87 -15.47
N VAL G 249 9.74 -4.12 -16.25
CA VAL G 249 11.22 -4.03 -16.09
C VAL G 249 11.51 -3.35 -14.74
N LEU G 250 10.73 -2.33 -14.40
CA LEU G 250 10.87 -1.58 -13.13
C LEU G 250 10.73 -2.56 -11.95
N ARG G 251 9.67 -3.35 -11.92
CA ARG G 251 9.41 -4.42 -10.89
C ARG G 251 10.56 -5.42 -10.93
N PHE G 252 10.84 -6.00 -12.10
CA PHE G 252 11.77 -7.13 -12.32
C PHE G 252 13.16 -6.78 -11.79
N VAL G 253 13.70 -5.61 -12.14
CA VAL G 253 15.09 -5.20 -11.79
C VAL G 253 15.14 -4.85 -10.30
N MET G 254 14.13 -4.15 -9.79
CA MET G 254 14.05 -3.78 -8.35
C MET G 254 14.00 -5.05 -7.50
N GLU G 255 13.44 -6.14 -8.03
CA GLU G 255 13.31 -7.42 -7.28
C GLU G 255 14.51 -8.34 -7.60
N GLY G 256 15.60 -7.80 -8.16
CA GLY G 256 16.88 -8.51 -8.31
C GLY G 256 17.01 -9.21 -9.65
N GLY G 257 16.06 -9.01 -10.55
CA GLY G 257 16.09 -9.52 -11.94
C GLY G 257 17.35 -9.01 -12.64
N LEU G 258 17.87 -9.83 -13.55
CA LEU G 258 19.10 -9.57 -14.33
C LEU G 258 18.89 -10.01 -15.78
N LEU G 259 19.65 -9.42 -16.70
CA LEU G 259 19.62 -9.83 -18.12
C LEU G 259 20.28 -11.20 -18.23
N ASP G 260 19.70 -12.07 -19.07
CA ASP G 260 20.24 -13.41 -19.38
C ASP G 260 21.51 -13.19 -20.21
N LYS G 261 22.60 -13.88 -19.87
CA LYS G 261 23.86 -13.91 -20.66
C LYS G 261 23.53 -14.09 -22.14
N PRO G 262 23.97 -13.19 -23.04
CA PRO G 262 23.59 -13.27 -24.44
C PRO G 262 24.10 -14.56 -25.08
N ASP G 263 23.38 -15.02 -26.12
CA ASP G 263 23.84 -16.02 -27.10
C ASP G 263 25.29 -15.71 -27.45
N ASN G 264 26.13 -16.75 -27.31
CA ASN G 264 27.55 -16.77 -27.76
C ASN G 264 28.31 -15.61 -27.10
N CYS G 265 28.00 -15.21 -25.87
CA CYS G 265 28.72 -14.10 -25.20
C CYS G 265 30.03 -14.62 -24.61
N PRO G 266 31.19 -13.99 -24.91
CA PRO G 266 32.43 -14.31 -24.20
C PRO G 266 32.29 -14.23 -22.66
N ASP G 267 32.90 -15.16 -21.94
CA ASP G 267 32.87 -15.21 -20.45
C ASP G 267 33.55 -13.97 -19.88
N MET G 268 34.61 -13.52 -20.52
CA MET G 268 35.35 -12.28 -20.17
C MET G 268 34.33 -11.16 -19.90
N LEU G 269 33.41 -10.97 -20.85
CA LEU G 269 32.44 -9.85 -20.89
C LEU G 269 31.30 -10.07 -19.92
N PHE G 270 30.69 -11.26 -19.90
CA PHE G 270 29.54 -11.56 -19.02
C PHE G 270 29.99 -11.43 -17.56
N GLU G 271 31.24 -11.79 -17.27
CA GLU G 271 31.84 -11.64 -15.91
C GLU G 271 31.77 -10.16 -15.53
N LEU G 272 32.05 -9.29 -16.50
CA LEU G 272 32.07 -7.82 -16.31
C LEU G 272 30.65 -7.31 -16.07
N MET G 273 29.68 -7.77 -16.86
CA MET G 273 28.25 -7.43 -16.70
C MET G 273 27.78 -7.79 -15.28
N ARG G 274 28.14 -8.98 -14.79
CA ARG G 274 27.71 -9.47 -13.45
C ARG G 274 28.25 -8.53 -12.38
N MET G 275 29.50 -8.08 -12.52
CA MET G 275 30.16 -7.15 -11.58
C MET G 275 29.39 -5.82 -11.57
N CYS G 276 28.94 -5.37 -12.74
CA CYS G 276 28.27 -4.06 -12.91
C CYS G 276 26.84 -4.13 -12.34
N TRP G 277 26.21 -5.30 -12.39
CA TRP G 277 24.79 -5.51 -11.98
C TRP G 277 24.66 -6.04 -10.54
N GLN G 278 25.69 -5.83 -9.71
CA GLN G 278 25.57 -6.02 -8.24
C GLN G 278 24.42 -5.15 -7.75
N TYR G 279 23.40 -5.74 -7.13
CA TYR G 279 22.22 -5.00 -6.61
C TYR G 279 22.72 -3.83 -5.75
N ASN G 280 23.69 -4.06 -4.86
CA ASN G 280 24.19 -3.01 -3.94
C ASN G 280 25.29 -2.23 -4.66
N PRO G 281 25.16 -0.88 -4.78
CA PRO G 281 26.16 -0.09 -5.49
C PRO G 281 27.59 -0.25 -4.96
N LYS G 282 27.76 -0.30 -3.62
CA LYS G 282 29.07 -0.44 -2.95
C LYS G 282 29.87 -1.60 -3.56
N MET G 283 29.18 -2.68 -3.94
CA MET G 283 29.81 -3.93 -4.43
C MET G 283 30.11 -3.83 -5.92
N ARG G 284 29.83 -2.72 -6.58
CA ARG G 284 30.09 -2.55 -8.05
C ARG G 284 31.49 -1.98 -8.22
N PRO G 285 32.20 -2.35 -9.31
CA PRO G 285 33.51 -1.76 -9.59
C PRO G 285 33.39 -0.30 -10.02
N SER G 286 34.44 0.48 -9.80
CA SER G 286 34.60 1.82 -10.42
C SER G 286 34.98 1.63 -11.90
N PHE G 287 34.94 2.69 -12.70
CA PHE G 287 35.28 2.60 -14.14
C PHE G 287 36.78 2.30 -14.26
N LEU G 288 37.60 2.90 -13.39
CA LEU G 288 39.06 2.64 -13.30
C LEU G 288 39.28 1.13 -13.09
N GLU G 289 38.65 0.53 -12.07
CA GLU G 289 38.72 -0.93 -11.77
C GLU G 289 38.35 -1.72 -13.02
N ILE G 290 37.29 -1.31 -13.74
CA ILE G 290 36.86 -2.02 -14.98
C ILE G 290 38.01 -2.01 -15.97
N ILE G 291 38.66 -0.85 -16.16
CA ILE G 291 39.75 -0.65 -17.16
C ILE G 291 40.95 -1.52 -16.76
N SER G 292 41.40 -1.45 -15.49
CA SER G 292 42.45 -2.33 -14.92
C SER G 292 42.23 -3.78 -15.32
N SER G 293 40.99 -4.26 -15.23
CA SER G 293 40.62 -5.68 -15.45
C SER G 293 40.75 -6.06 -16.93
N ILE G 294 40.83 -5.09 -17.86
CA ILE G 294 40.86 -5.37 -19.33
C ILE G 294 42.02 -4.66 -20.03
N LYS G 295 42.89 -3.93 -19.31
CA LYS G 295 43.94 -3.08 -19.92
C LYS G 295 44.90 -3.95 -20.72
N GLU G 296 45.10 -5.20 -20.30
CA GLU G 296 45.95 -6.21 -20.97
C GLU G 296 45.46 -6.41 -22.40
N GLU G 297 44.14 -6.52 -22.59
CA GLU G 297 43.51 -6.90 -23.89
C GLU G 297 43.21 -5.64 -24.71
N MET G 298 43.50 -4.43 -24.20
CA MET G 298 43.31 -3.15 -24.93
C MET G 298 44.40 -3.03 -25.99
N GLU G 299 44.14 -2.27 -27.07
CA GLU G 299 45.12 -2.09 -28.18
C GLU G 299 46.24 -1.17 -27.72
N PRO G 300 47.38 -1.14 -28.44
CA PRO G 300 48.57 -0.42 -27.97
C PRO G 300 48.35 1.10 -27.88
N GLY G 301 47.68 1.67 -28.90
CA GLY G 301 47.32 3.10 -28.99
C GLY G 301 46.68 3.65 -27.73
N PHE G 302 45.80 2.87 -27.09
CA PHE G 302 45.01 3.26 -25.90
C PHE G 302 45.89 3.94 -24.85
N ARG G 303 47.17 3.56 -24.73
CA ARG G 303 48.12 4.14 -23.75
C ARG G 303 48.28 5.65 -23.96
N GLU G 304 48.37 6.10 -25.22
CA GLU G 304 48.67 7.52 -25.54
C GLU G 304 47.37 8.35 -25.41
N VAL G 305 46.22 7.87 -25.88
CA VAL G 305 44.94 8.65 -25.98
C VAL G 305 44.12 8.61 -24.67
N SER G 306 44.26 7.56 -23.84
CA SER G 306 43.34 7.28 -22.71
C SER G 306 43.54 8.27 -21.57
N PHE G 307 42.48 8.45 -20.77
CA PHE G 307 42.48 9.16 -19.46
C PHE G 307 43.13 8.26 -18.40
N TYR G 308 42.89 6.94 -18.52
CA TYR G 308 43.39 5.92 -17.56
C TYR G 308 44.88 6.12 -17.35
N TYR G 309 45.64 6.21 -18.44
CA TYR G 309 47.13 6.34 -18.45
C TYR G 309 47.56 7.80 -18.39
N SER G 310 46.67 8.77 -18.63
CA SER G 310 46.99 10.23 -18.62
C SER G 310 47.58 10.64 -17.26
N GLU G 311 48.34 11.75 -17.26
CA GLU G 311 48.95 12.42 -16.09
C GLU G 311 47.81 12.84 -15.14
N GLU G 312 46.63 13.14 -15.68
CA GLU G 312 45.46 13.70 -14.96
C GLU G 312 44.91 12.69 -13.94
N ASN G 313 45.10 11.39 -14.17
CA ASN G 313 44.54 10.30 -13.32
C ASN G 313 45.17 10.36 -11.92
N TYR H 15 -8.47 41.32 -15.00
CA TYR H 15 -7.64 42.40 -14.36
C TYR H 15 -8.18 43.75 -14.82
N VAL H 16 -8.48 44.65 -13.89
CA VAL H 16 -8.88 46.06 -14.19
C VAL H 16 -7.68 46.97 -13.95
N PRO H 17 -7.13 47.62 -15.00
CA PRO H 17 -6.07 48.60 -14.85
C PRO H 17 -6.43 49.61 -13.76
N ASP H 18 -5.41 50.19 -13.12
CA ASP H 18 -5.64 51.14 -12.01
C ASP H 18 -4.42 52.05 -11.86
N GLU H 19 -4.43 52.84 -10.79
CA GLU H 19 -3.28 53.64 -10.24
C GLU H 19 -1.93 53.02 -10.66
N TRP H 20 -1.77 51.70 -10.46
CA TRP H 20 -0.48 50.99 -10.59
C TRP H 20 -0.08 50.84 -12.06
N GLU H 21 -1.03 50.89 -12.97
CA GLU H 21 -0.79 50.75 -14.43
C GLU H 21 0.12 51.91 -14.90
N VAL H 22 1.17 51.58 -15.63
CA VAL H 22 2.22 52.49 -16.17
C VAL H 22 2.28 52.32 -17.69
N ALA H 23 2.51 53.40 -18.44
CA ALA H 23 2.59 53.39 -19.92
C ALA H 23 3.88 52.68 -20.35
N ARG H 24 3.76 51.66 -21.22
CA ARG H 24 4.87 50.80 -21.73
C ARG H 24 6.00 51.68 -22.27
N GLU H 25 5.61 52.83 -22.85
CA GLU H 25 6.48 53.92 -23.36
C GLU H 25 7.51 54.33 -22.31
N LYS H 26 7.12 54.44 -21.02
CA LYS H 26 7.99 54.97 -19.94
C LYS H 26 9.04 53.93 -19.49
N ILE H 27 8.87 52.66 -19.87
CA ILE H 27 9.71 51.52 -19.39
C ILE H 27 10.79 51.25 -20.43
N THR H 28 12.01 50.91 -19.97
CA THR H 28 13.20 50.60 -20.81
C THR H 28 13.92 49.41 -20.20
N MET H 29 14.03 48.30 -20.94
CA MET H 29 14.65 47.04 -20.47
C MET H 29 16.10 46.98 -20.98
N SER H 30 17.07 47.22 -20.10
CA SER H 30 18.54 47.27 -20.38
C SER H 30 19.10 45.87 -20.72
N ARG H 31 19.12 44.95 -19.74
CA ARG H 31 19.74 43.61 -19.92
C ARG H 31 19.07 42.57 -19.02
N GLU H 32 19.22 41.28 -19.39
CA GLU H 32 18.68 40.11 -18.67
C GLU H 32 19.37 39.99 -17.30
N LEU H 33 18.61 39.73 -16.24
CA LEU H 33 19.16 39.42 -14.89
C LEU H 33 19.02 37.92 -14.61
N GLY H 34 18.17 37.22 -15.37
CA GLY H 34 17.93 35.77 -15.22
C GLY H 34 16.46 35.48 -14.99
N GLN H 35 16.07 34.20 -15.19
CA GLN H 35 14.65 33.74 -15.13
C GLN H 35 14.14 33.83 -13.70
N GLY H 36 12.91 34.32 -13.54
CA GLY H 36 12.13 34.26 -12.28
C GLY H 36 10.85 33.51 -12.52
N SER H 37 9.82 33.74 -11.69
CA SER H 37 8.64 32.86 -11.61
C SER H 37 7.99 32.73 -12.98
N PHE H 38 7.57 33.82 -13.60
CA PHE H 38 6.68 33.70 -14.79
C PHE H 38 7.47 33.89 -16.08
N GLY H 39 8.68 34.43 -16.00
CA GLY H 39 9.51 34.67 -17.19
C GLY H 39 10.77 35.44 -16.84
N MET H 40 11.46 35.98 -17.84
CA MET H 40 12.78 36.64 -17.66
C MET H 40 12.58 37.92 -16.85
N VAL H 41 13.50 38.19 -15.92
CA VAL H 41 13.59 39.49 -15.20
C VAL H 41 14.73 40.29 -15.82
N TYR H 42 14.44 41.55 -16.21
CA TYR H 42 15.42 42.49 -16.81
C TYR H 42 15.72 43.60 -15.80
N GLU H 43 16.97 44.07 -15.82
CA GLU H 43 17.35 45.41 -15.28
C GLU H 43 16.81 46.46 -16.27
N GLY H 44 16.48 47.66 -15.80
CA GLY H 44 15.93 48.67 -16.70
C GLY H 44 15.75 50.01 -16.02
N VAL H 45 14.85 50.81 -16.58
CA VAL H 45 14.59 52.20 -16.13
C VAL H 45 13.11 52.51 -16.43
N ALA H 46 12.44 53.15 -15.48
CA ALA H 46 11.02 53.55 -15.61
C ALA H 46 10.88 55.03 -15.24
N LYS H 47 10.15 55.78 -16.07
CA LYS H 47 9.94 57.24 -15.92
C LYS H 47 8.74 57.46 -15.00
N GLY H 48 8.95 58.19 -13.90
CA GLY H 48 7.91 58.66 -12.97
C GLY H 48 7.09 57.53 -12.38
N VAL H 49 7.76 56.48 -11.87
CA VAL H 49 7.11 55.41 -11.06
C VAL H 49 7.39 55.68 -9.58
N VAL H 50 8.44 56.49 -9.31
CA VAL H 50 8.76 57.00 -7.95
C VAL H 50 8.57 58.52 -7.96
N LYS H 51 8.02 59.05 -6.87
CA LYS H 51 7.80 60.51 -6.63
C LYS H 51 9.14 61.15 -6.27
N ASP H 52 9.44 62.33 -6.83
CA ASP H 52 10.72 63.06 -6.64
C ASP H 52 11.87 62.19 -7.18
N GLU H 53 11.69 61.69 -8.40
CA GLU H 53 12.65 60.81 -9.11
C GLU H 53 12.11 60.64 -10.53
N PRO H 54 12.57 61.47 -11.49
CA PRO H 54 12.00 61.45 -12.83
C PRO H 54 12.23 60.09 -13.50
N GLU H 55 13.42 59.52 -13.29
CA GLU H 55 13.83 58.19 -13.82
C GLU H 55 14.25 57.33 -12.63
N THR H 56 13.86 56.04 -12.61
CA THR H 56 14.21 55.06 -11.54
C THR H 56 14.78 53.79 -12.15
N ARG H 57 15.91 53.30 -11.63
CA ARG H 57 16.44 51.94 -11.92
C ARG H 57 15.49 50.90 -11.33
N VAL H 58 15.00 49.99 -12.16
CA VAL H 58 13.95 49.00 -11.76
C VAL H 58 14.32 47.61 -12.26
N ALA H 59 13.77 46.59 -11.61
CA ALA H 59 13.68 45.21 -12.13
C ALA H 59 12.33 45.07 -12.85
N ILE H 60 12.34 44.44 -14.02
CA ILE H 60 11.11 44.24 -14.84
C ILE H 60 10.99 42.75 -15.15
N LYS H 61 9.95 42.11 -14.63
CA LYS H 61 9.61 40.71 -14.96
C LYS H 61 8.61 40.74 -16.11
N THR H 62 8.88 39.98 -17.16
CA THR H 62 7.97 39.78 -18.32
C THR H 62 7.39 38.37 -18.28
N VAL H 63 6.09 38.25 -18.52
CA VAL H 63 5.47 36.99 -19.00
C VAL H 63 5.81 36.88 -20.50
N ASN H 64 6.50 35.79 -20.87
CA ASN H 64 6.79 35.41 -22.28
C ASN H 64 5.49 35.37 -23.10
N GLU H 65 5.57 35.19 -24.42
CA GLU H 65 4.36 35.07 -25.28
C GLU H 65 3.96 33.60 -25.42
N ALA H 66 4.72 32.68 -24.79
CA ALA H 66 4.45 31.22 -24.75
C ALA H 66 3.43 30.88 -23.64
N ALA H 67 2.85 31.89 -22.97
CA ALA H 67 1.92 31.70 -21.83
C ALA H 67 0.47 31.89 -22.27
N SER H 68 -0.44 31.06 -21.78
CA SER H 68 -1.92 31.14 -22.01
C SER H 68 -2.47 32.39 -21.34
N MET H 69 -3.65 32.85 -21.79
CA MET H 69 -4.41 33.98 -21.15
C MET H 69 -4.61 33.61 -19.67
N ARG H 70 -4.84 32.33 -19.37
CA ARG H 70 -5.08 31.83 -17.99
C ARG H 70 -3.86 32.15 -17.10
N GLU H 71 -2.66 32.04 -17.67
CA GLU H 71 -1.37 32.23 -16.96
C GLU H 71 -1.01 33.73 -16.91
N ARG H 72 -1.29 34.47 -17.98
CA ARG H 72 -1.09 35.95 -18.09
C ARG H 72 -1.93 36.64 -17.01
N ILE H 73 -3.11 36.11 -16.71
CA ILE H 73 -4.02 36.67 -15.67
C ILE H 73 -3.50 36.28 -14.29
N GLU H 74 -3.08 35.02 -14.12
CA GLU H 74 -2.48 34.53 -12.85
C GLU H 74 -1.34 35.48 -12.47
N PHE H 75 -0.41 35.72 -13.40
CA PHE H 75 0.76 36.63 -13.26
C PHE H 75 0.32 37.96 -12.63
N LEU H 76 -0.66 38.63 -13.21
CA LEU H 76 -1.11 39.98 -12.78
C LEU H 76 -1.72 39.89 -11.37
N ASN H 77 -2.59 38.91 -11.12
CA ASN H 77 -3.31 38.77 -9.82
C ASN H 77 -2.32 38.48 -8.71
N GLU H 78 -1.33 37.62 -8.96
CA GLU H 78 -0.27 37.32 -7.96
C GLU H 78 0.52 38.60 -7.70
N ALA H 79 0.91 39.34 -8.73
CA ALA H 79 1.62 40.63 -8.60
C ALA H 79 0.76 41.59 -7.77
N SER H 80 -0.54 41.64 -8.05
CA SER H 80 -1.51 42.57 -7.43
C SER H 80 -1.53 42.42 -5.91
N VAL H 81 -1.24 41.22 -5.40
CA VAL H 81 -1.14 40.97 -3.93
C VAL H 81 -0.12 41.96 -3.35
N MET H 82 0.95 42.24 -4.09
CA MET H 82 2.10 43.05 -3.62
C MET H 82 1.73 44.53 -3.55
N LYS H 83 0.59 44.92 -4.16
CA LYS H 83 0.10 46.33 -4.13
C LYS H 83 -0.18 46.72 -2.68
N GLU H 84 -0.65 45.76 -1.87
CA GLU H 84 -1.08 45.96 -0.46
C GLU H 84 0.14 45.95 0.46
N PHE H 85 1.34 45.62 -0.04
CA PHE H 85 2.55 45.46 0.80
C PHE H 85 3.38 46.73 0.79
N ASN H 86 3.72 47.20 1.98
CA ASN H 86 4.63 48.34 2.22
C ASN H 86 5.53 47.96 3.41
N CYS H 87 6.65 47.29 3.14
CA CYS H 87 7.59 46.83 4.20
C CYS H 87 9.03 46.87 3.68
N HIS H 88 9.95 47.36 4.52
CA HIS H 88 11.37 47.61 4.17
C HIS H 88 12.02 46.28 3.76
N HIS H 89 11.56 45.17 4.33
CA HIS H 89 12.20 43.85 4.18
C HIS H 89 11.43 42.97 3.18
N VAL H 90 10.51 43.53 2.39
CA VAL H 90 9.80 42.84 1.28
C VAL H 90 9.95 43.67 0.01
N VAL H 91 10.50 43.07 -1.06
CA VAL H 91 10.75 43.72 -2.38
C VAL H 91 9.47 44.40 -2.82
N ARG H 92 9.55 45.66 -3.24
CA ARG H 92 8.39 46.54 -3.50
C ARG H 92 7.99 46.46 -4.97
N LEU H 93 6.67 46.36 -5.22
CA LEU H 93 6.06 46.60 -6.56
C LEU H 93 6.07 48.11 -6.83
N LEU H 94 6.44 48.52 -8.04
CA LEU H 94 6.47 49.95 -8.47
C LEU H 94 5.39 50.21 -9.55
N GLY H 95 5.03 49.20 -10.36
CA GLY H 95 4.08 49.40 -11.47
C GLY H 95 3.79 48.14 -12.25
N VAL H 96 2.72 48.17 -13.04
CA VAL H 96 2.20 47.04 -13.84
C VAL H 96 1.95 47.55 -15.25
N VAL H 97 2.24 46.75 -16.27
CA VAL H 97 1.85 46.99 -17.68
C VAL H 97 0.93 45.85 -18.10
N SER H 98 -0.38 46.07 -17.99
CA SER H 98 -1.44 45.02 -18.12
C SER H 98 -1.95 44.96 -19.55
N GLN H 99 -1.62 45.95 -20.39
CA GLN H 99 -2.21 46.06 -21.76
C GLN H 99 -1.12 45.85 -22.80
N GLY H 100 -1.38 44.95 -23.76
CA GLY H 100 -0.42 44.55 -24.80
C GLY H 100 0.49 43.43 -24.32
N GLN H 101 1.47 43.05 -25.13
CA GLN H 101 2.49 42.02 -24.78
C GLN H 101 3.87 42.58 -25.07
N PRO H 102 4.92 42.21 -24.29
CA PRO H 102 4.74 41.32 -23.14
C PRO H 102 4.11 42.07 -21.95
N THR H 103 3.35 41.35 -21.11
CA THR H 103 2.80 41.86 -19.83
C THR H 103 3.96 42.11 -18.85
N LEU H 104 4.10 43.31 -18.28
CA LEU H 104 5.25 43.68 -17.42
C LEU H 104 4.81 43.85 -15.97
N VAL H 105 5.67 43.44 -15.04
CA VAL H 105 5.63 43.83 -13.60
C VAL H 105 6.96 44.50 -13.27
N ILE H 106 6.91 45.79 -12.94
CA ILE H 106 8.08 46.64 -12.57
C ILE H 106 8.21 46.57 -11.05
N MET H 107 9.43 46.46 -10.52
CA MET H 107 9.63 46.46 -9.04
C MET H 107 11.03 46.92 -8.65
N GLU H 108 11.15 47.36 -7.39
CA GLU H 108 12.41 47.69 -6.70
C GLU H 108 13.53 46.81 -7.25
N LEU H 109 14.58 47.42 -7.82
CA LEU H 109 15.78 46.68 -8.28
C LEU H 109 16.63 46.31 -7.07
N MET H 110 16.94 45.04 -6.93
CA MET H 110 17.83 44.49 -5.88
C MET H 110 19.18 44.23 -6.55
N THR H 111 20.13 45.13 -6.29
CA THR H 111 21.32 45.34 -7.17
C THR H 111 22.36 44.25 -6.93
N ARG H 112 22.27 43.50 -5.82
CA ARG H 112 23.23 42.41 -5.49
C ARG H 112 22.60 41.03 -5.72
N GLY H 113 21.46 40.98 -6.41
CA GLY H 113 20.80 39.73 -6.84
C GLY H 113 20.26 38.91 -5.67
N ASP H 114 20.07 37.61 -5.91
CA ASP H 114 19.49 36.66 -4.93
C ASP H 114 20.55 36.30 -3.89
N LEU H 115 20.08 36.00 -2.68
CA LEU H 115 20.94 35.70 -1.50
C LEU H 115 21.78 34.45 -1.76
N LYS H 116 21.27 33.50 -2.55
CA LYS H 116 21.96 32.21 -2.82
C LYS H 116 23.25 32.51 -3.60
N SER H 117 23.13 33.18 -4.74
CA SER H 117 24.25 33.67 -5.59
C SER H 117 25.22 34.46 -4.71
N TYR H 118 24.71 35.44 -3.97
CA TYR H 118 25.53 36.32 -3.11
C TYR H 118 26.34 35.44 -2.15
N LEU H 119 25.69 34.48 -1.47
CA LEU H 119 26.34 33.63 -0.45
C LEU H 119 27.38 32.75 -1.15
N ARG H 120 27.09 32.28 -2.37
CA ARG H 120 28.01 31.41 -3.15
C ARG H 120 29.27 32.21 -3.48
N SER H 121 29.11 33.49 -3.78
CA SER H 121 30.23 34.40 -4.17
C SER H 121 31.21 34.59 -2.99
N LEU H 122 30.77 34.44 -1.73
CA LEU H 122 31.63 34.63 -0.52
C LEU H 122 32.54 33.41 -0.27
N ARG H 123 32.42 32.34 -1.07
CA ARG H 123 33.15 31.08 -0.82
C ARG H 123 34.61 31.24 -1.21
N PRO H 124 35.57 30.68 -0.43
CA PRO H 124 36.95 30.53 -0.91
C PRO H 124 36.99 29.75 -2.24
N PRO H 134 33.65 35.28 3.79
CA PRO H 134 32.54 34.74 4.59
C PRO H 134 31.84 35.82 5.42
N PRO H 135 30.64 35.56 6.00
CA PRO H 135 29.97 36.51 6.89
C PRO H 135 30.18 36.20 8.39
N SER H 136 30.31 37.25 9.21
CA SER H 136 30.42 37.18 10.68
C SER H 136 29.14 36.61 11.29
N LEU H 137 29.15 36.22 12.57
CA LEU H 137 27.94 35.79 13.32
C LEU H 137 26.95 36.95 13.35
N SER H 138 27.43 38.17 13.59
CA SER H 138 26.54 39.35 13.77
C SER H 138 25.94 39.76 12.43
N LYS H 139 26.62 39.46 11.33
CA LYS H 139 26.17 39.82 9.95
C LYS H 139 25.15 38.76 9.49
N MET H 140 25.21 37.54 10.04
CA MET H 140 24.27 36.43 9.73
C MET H 140 22.99 36.60 10.55
N ILE H 141 23.11 36.93 11.82
CA ILE H 141 21.96 37.30 12.70
C ILE H 141 21.17 38.43 12.01
N GLN H 142 21.89 39.36 11.39
CA GLN H 142 21.29 40.55 10.72
C GLN H 142 20.38 40.06 9.59
N MET H 143 20.92 39.25 8.69
CA MET H 143 20.18 38.63 7.56
C MET H 143 18.95 37.87 8.11
N ALA H 144 19.15 37.02 9.11
CA ALA H 144 18.07 36.23 9.73
C ALA H 144 16.91 37.14 10.16
N GLY H 145 17.23 38.22 10.87
CA GLY H 145 16.24 39.13 11.46
C GLY H 145 15.48 39.91 10.41
N GLU H 146 16.18 40.39 9.38
CA GLU H 146 15.60 41.06 8.19
C GLU H 146 14.59 40.12 7.53
N ILE H 147 15.02 38.88 7.21
CA ILE H 147 14.17 37.84 6.56
C ILE H 147 12.97 37.57 7.46
N ALA H 148 13.24 37.29 8.73
CA ALA H 148 12.20 37.03 9.75
C ALA H 148 11.20 38.19 9.80
N ASP H 149 11.69 39.42 9.67
CA ASP H 149 10.86 40.64 9.84
C ASP H 149 9.92 40.76 8.64
N GLY H 150 10.46 40.62 7.42
CA GLY H 150 9.66 40.58 6.18
C GLY H 150 8.59 39.51 6.27
N MET H 151 8.96 38.32 6.74
CA MET H 151 8.04 37.16 6.83
C MET H 151 6.97 37.44 7.90
N ALA H 152 7.33 38.06 9.02
CA ALA H 152 6.38 38.48 10.07
C ALA H 152 5.39 39.49 9.48
N TYR H 153 5.86 40.41 8.63
CA TYR H 153 5.02 41.43 7.94
C TYR H 153 4.01 40.70 7.05
N LEU H 154 4.47 39.76 6.23
CA LEU H 154 3.61 38.99 5.30
C LEU H 154 2.57 38.17 6.09
N ASN H 155 2.95 37.55 7.21
CA ASN H 155 2.02 36.66 7.97
C ASN H 155 1.01 37.55 8.70
N ALA H 156 1.40 38.76 9.04
CA ALA H 156 0.51 39.80 9.61
C ALA H 156 -0.55 40.19 8.57
N ASN H 157 -0.19 40.26 7.28
CA ASN H 157 -1.12 40.57 6.17
C ASN H 157 -1.75 39.28 5.61
N LYS H 158 -1.80 38.20 6.40
CA LYS H 158 -2.51 36.92 6.08
C LYS H 158 -1.96 36.32 4.78
N PHE H 159 -0.64 36.40 4.54
CA PHE H 159 0.01 35.87 3.31
C PHE H 159 1.05 34.80 3.71
N VAL H 160 0.90 33.63 3.09
CA VAL H 160 1.86 32.50 3.21
C VAL H 160 2.70 32.48 1.94
N HIS H 161 4.01 32.53 2.07
CA HIS H 161 4.96 32.67 0.93
C HIS H 161 5.01 31.35 0.13
N ARG H 162 5.34 30.25 0.79
CA ARG H 162 5.33 28.86 0.24
C ARG H 162 6.65 28.51 -0.44
N ASP H 163 7.50 29.50 -0.74
CA ASP H 163 8.80 29.24 -1.41
C ASP H 163 9.91 30.11 -0.81
N LEU H 164 9.90 30.30 0.50
CA LEU H 164 11.04 30.95 1.19
C LEU H 164 12.27 30.07 1.01
N ALA H 165 13.41 30.67 0.70
CA ALA H 165 14.66 29.98 0.28
C ALA H 165 15.67 31.07 -0.12
N ALA H 166 16.96 30.82 0.07
CA ALA H 166 18.02 31.79 -0.25
C ALA H 166 17.80 32.33 -1.66
N ARG H 167 17.42 31.47 -2.61
CA ARG H 167 17.27 31.85 -4.04
C ARG H 167 16.14 32.88 -4.21
N ASN H 168 15.18 32.97 -3.28
CA ASN H 168 14.02 33.90 -3.36
C ASN H 168 14.10 34.98 -2.27
N CYS H 169 15.26 35.11 -1.64
CA CYS H 169 15.61 36.30 -0.84
C CYS H 169 16.53 37.16 -1.70
N MET H 170 16.30 38.46 -1.74
CA MET H 170 17.10 39.39 -2.57
C MET H 170 17.98 40.26 -1.65
N VAL H 171 19.12 40.71 -2.18
CA VAL H 171 20.12 41.56 -1.47
C VAL H 171 20.17 42.94 -2.15
N ALA H 172 19.94 44.01 -1.37
CA ALA H 172 19.94 45.41 -1.85
C ALA H 172 21.39 45.93 -1.92
N GLU H 173 21.58 47.16 -2.44
CA GLU H 173 22.89 47.83 -2.56
C GLU H 173 23.59 47.84 -1.19
N ASP H 174 22.84 48.13 -0.12
CA ASP H 174 23.39 48.28 1.27
C ASP H 174 23.34 46.96 2.04
N PHE H 175 23.23 45.82 1.36
CA PHE H 175 23.30 44.44 1.92
C PHE H 175 22.05 44.08 2.75
N THR H 176 21.01 44.91 2.75
CA THR H 176 19.69 44.56 3.35
C THR H 176 19.14 43.36 2.57
N VAL H 177 18.66 42.34 3.28
CA VAL H 177 18.01 41.16 2.64
C VAL H 177 16.50 41.36 2.71
N LYS H 178 15.80 41.00 1.63
CA LYS H 178 14.33 41.18 1.53
C LYS H 178 13.71 39.92 0.94
N ILE H 179 12.44 39.69 1.30
CA ILE H 179 11.62 38.56 0.80
C ILE H 179 11.29 38.85 -0.67
N GLY H 180 11.59 37.87 -1.54
CA GLY H 180 11.42 38.01 -2.99
C GLY H 180 10.38 37.01 -3.51
N ASP H 181 10.68 36.44 -4.69
CA ASP H 181 9.73 35.73 -5.60
C ASP H 181 9.05 34.57 -4.88
N PHE H 182 7.72 34.51 -4.97
CA PHE H 182 6.87 33.43 -4.41
C PHE H 182 6.10 32.71 -5.51
N GLY H 183 5.99 33.36 -6.67
CA GLY H 183 5.37 32.88 -7.91
C GLY H 183 5.67 31.43 -8.20
N MET H 184 6.91 31.00 -7.95
CA MET H 184 7.40 29.72 -8.51
C MET H 184 6.50 28.53 -8.16
N THR H 185 5.85 28.54 -6.99
CA THR H 185 5.17 27.37 -6.38
C THR H 185 3.66 27.44 -6.62
N ARG H 186 3.16 28.56 -7.14
CA ARG H 186 1.70 28.80 -7.26
C ARG H 186 1.16 28.16 -8.53
N ASP H 187 0.20 27.25 -8.40
CA ASP H 187 -0.53 26.63 -9.53
C ASP H 187 -1.64 27.60 -9.95
N ILE H 188 -2.15 27.44 -11.18
CA ILE H 188 -3.15 28.36 -11.80
C ILE H 188 -4.52 28.11 -11.15
N TYR H 189 -4.79 26.89 -10.67
CA TYR H 189 -6.17 26.38 -10.43
C TYR H 189 -6.47 26.14 -8.95
N GLU H 190 -5.50 25.61 -8.19
CA GLU H 190 -5.56 25.29 -6.73
C GLU H 190 -6.57 26.19 -5.98
N THR H 191 -7.17 25.65 -4.92
CA THR H 191 -8.22 26.25 -4.04
C THR H 191 -9.60 25.77 -4.51
N ASP H 192 -10.07 26.26 -5.66
CA ASP H 192 -11.36 25.80 -6.27
C ASP H 192 -11.19 24.38 -6.82
N TYR H 193 -10.20 24.17 -7.70
CA TYR H 193 -9.90 22.88 -8.36
C TYR H 193 -8.55 22.30 -7.91
N TYR H 194 -8.35 21.01 -8.20
CA TYR H 194 -7.17 20.19 -7.84
C TYR H 194 -6.68 19.46 -9.10
N ARG H 195 -5.37 19.49 -9.39
CA ARG H 195 -4.78 18.95 -10.64
C ARG H 195 -3.75 17.89 -10.27
N LEU H 201 5.01 21.94 -8.93
CA LEU H 201 6.42 22.36 -8.67
C LEU H 201 6.68 22.56 -7.17
N LEU H 202 7.53 21.71 -6.56
CA LEU H 202 7.69 21.69 -5.07
C LEU H 202 9.15 21.82 -4.67
N PRO H 203 9.46 22.79 -3.79
CA PRO H 203 10.81 22.86 -3.21
C PRO H 203 11.00 21.87 -2.05
N VAL H 204 11.19 20.58 -2.34
CA VAL H 204 11.14 19.49 -1.31
C VAL H 204 12.18 19.78 -0.22
N ARG H 205 13.33 20.33 -0.60
CA ARG H 205 14.43 20.56 0.36
C ARG H 205 14.08 21.68 1.34
N TRP H 206 13.12 22.54 1.01
CA TRP H 206 12.68 23.68 1.85
C TRP H 206 11.34 23.39 2.53
N MET H 207 10.73 22.23 2.27
CA MET H 207 9.32 21.95 2.66
C MET H 207 9.24 21.18 4.00
N SER H 208 8.32 21.63 4.85
CA SER H 208 7.96 20.98 6.14
C SER H 208 7.36 19.62 5.86
N PRO H 209 7.37 18.71 6.87
CA PRO H 209 6.72 17.41 6.75
C PRO H 209 5.25 17.49 6.34
N GLU H 210 4.46 18.39 6.93
CA GLU H 210 3.01 18.50 6.64
C GLU H 210 2.84 19.02 5.20
N SER H 211 3.77 19.85 4.72
CA SER H 211 3.79 20.33 3.32
C SER H 211 4.06 19.15 2.38
N LEU H 212 5.03 18.30 2.71
CA LEU H 212 5.37 17.10 1.90
C LEU H 212 4.22 16.09 1.92
N LYS H 213 3.61 15.85 3.09
CA LYS H 213 2.61 14.77 3.27
C LYS H 213 1.29 15.17 2.60
N ASP H 214 0.79 16.37 2.89
CA ASP H 214 -0.62 16.77 2.65
C ASP H 214 -0.73 18.06 1.83
N GLY H 215 0.38 18.63 1.39
CA GLY H 215 0.37 19.94 0.70
C GLY H 215 -0.23 21.03 1.55
N VAL H 216 -0.02 20.98 2.86
CA VAL H 216 -0.43 22.06 3.81
C VAL H 216 0.66 23.12 3.82
N PHE H 217 0.29 24.37 3.58
CA PHE H 217 1.21 25.52 3.60
C PHE H 217 0.60 26.59 4.51
N THR H 218 1.24 26.84 5.65
CA THR H 218 0.80 27.83 6.66
C THR H 218 2.00 28.69 7.01
N THR H 219 1.80 29.74 7.81
CA THR H 219 2.90 30.53 8.41
C THR H 219 3.92 29.55 9.02
N TYR H 220 3.46 28.46 9.62
CA TYR H 220 4.28 27.53 10.41
C TYR H 220 5.16 26.72 9.45
N SER H 221 4.67 26.44 8.23
CA SER H 221 5.44 25.79 7.15
C SER H 221 6.50 26.78 6.64
N ASP H 222 6.16 28.08 6.56
CA ASP H 222 7.10 29.16 6.16
C ASP H 222 8.25 29.21 7.18
N VAL H 223 7.94 29.04 8.47
CA VAL H 223 8.96 29.01 9.56
C VAL H 223 9.93 27.84 9.33
N TRP H 224 9.44 26.66 8.94
CA TRP H 224 10.32 25.52 8.58
C TRP H 224 11.31 25.98 7.51
N SER H 225 10.81 26.56 6.43
CA SER H 225 11.64 27.05 5.30
C SER H 225 12.69 28.01 5.85
N PHE H 226 12.29 28.88 6.76
CA PHE H 226 13.17 29.93 7.35
C PHE H 226 14.38 29.26 8.00
N GLY H 227 14.13 28.19 8.76
CA GLY H 227 15.21 27.36 9.33
C GLY H 227 16.17 26.88 8.25
N VAL H 228 15.65 26.46 7.09
CA VAL H 228 16.49 25.95 5.99
C VAL H 228 17.32 27.12 5.43
N VAL H 229 16.77 28.33 5.38
CA VAL H 229 17.51 29.51 4.87
C VAL H 229 18.63 29.86 5.85
N LEU H 230 18.40 29.77 7.16
CA LEU H 230 19.50 29.97 8.14
C LEU H 230 20.64 29.02 7.82
N TRP H 231 20.30 27.75 7.59
CA TRP H 231 21.26 26.65 7.26
C TRP H 231 22.01 27.01 5.97
N GLU H 232 21.30 27.55 4.98
CA GLU H 232 21.91 28.00 3.70
C GLU H 232 22.92 29.11 4.00
N ILE H 233 22.53 30.05 4.87
CA ILE H 233 23.38 31.22 5.27
C ILE H 233 24.66 30.69 5.92
N ALA H 234 24.54 29.72 6.83
CA ALA H 234 25.67 29.17 7.61
C ALA H 234 26.55 28.27 6.76
N THR H 235 26.07 27.72 5.65
CA THR H 235 26.87 26.81 4.77
C THR H 235 27.31 27.56 3.50
N LEU H 236 27.08 28.87 3.44
CA LEU H 236 27.26 29.66 2.19
C LEU H 236 26.61 28.89 1.04
N ALA H 237 25.32 28.57 1.19
CA ALA H 237 24.44 27.98 0.17
C ALA H 237 25.02 26.68 -0.39
N GLU H 238 25.29 25.69 0.48
CA GLU H 238 25.31 24.26 0.09
C GLU H 238 23.87 23.86 -0.27
N GLN H 239 23.70 22.88 -1.16
CA GLN H 239 22.36 22.30 -1.42
C GLN H 239 21.96 21.57 -0.14
N PRO H 240 20.81 21.91 0.47
CA PRO H 240 20.36 21.18 1.65
C PRO H 240 20.11 19.71 1.27
N TYR H 241 20.54 18.79 2.14
CA TYR H 241 20.40 17.32 1.97
C TYR H 241 21.16 16.89 0.71
N GLN H 242 22.36 17.45 0.45
CA GLN H 242 23.16 17.09 -0.77
C GLN H 242 23.45 15.60 -0.68
N GLY H 243 23.47 14.90 -1.81
CA GLY H 243 23.70 13.44 -1.83
C GLY H 243 22.42 12.66 -1.66
N LEU H 244 21.35 13.27 -1.16
CA LEU H 244 19.98 12.70 -1.26
C LEU H 244 19.31 13.21 -2.53
N SER H 245 18.65 12.35 -3.28
CA SER H 245 17.75 12.74 -4.40
C SER H 245 16.50 13.41 -3.81
N ASN H 246 15.74 14.14 -4.62
CA ASN H 246 14.47 14.78 -4.19
C ASN H 246 13.52 13.71 -3.60
N GLU H 247 13.36 12.53 -4.22
CA GLU H 247 12.49 11.43 -3.70
C GLU H 247 12.97 11.02 -2.31
N GLN H 248 14.29 10.92 -2.12
CA GLN H 248 14.91 10.50 -0.83
C GLN H 248 14.65 11.55 0.25
N VAL H 249 14.70 12.82 -0.11
CA VAL H 249 14.50 13.95 0.85
C VAL H 249 13.05 13.92 1.33
N LEU H 250 12.12 13.62 0.43
CA LEU H 250 10.68 13.51 0.75
C LEU H 250 10.47 12.47 1.84
N ARG H 251 11.01 11.26 1.67
CA ARG H 251 10.97 10.14 2.65
C ARG H 251 11.66 10.59 3.95
N PHE H 252 12.91 11.04 3.83
CA PHE H 252 13.83 11.36 4.96
C PHE H 252 13.18 12.37 5.90
N VAL H 253 12.64 13.48 5.38
CA VAL H 253 12.10 14.60 6.19
C VAL H 253 10.78 14.17 6.81
N MET H 254 9.92 13.48 6.04
CA MET H 254 8.61 12.98 6.54
C MET H 254 8.86 11.99 7.69
N GLU H 255 9.98 11.28 7.69
CA GLU H 255 10.31 10.27 8.72
C GLU H 255 11.15 10.92 9.84
N GLY H 256 11.18 12.25 9.92
CA GLY H 256 11.79 12.98 11.06
C GLY H 256 13.25 13.35 10.83
N GLY H 257 13.77 13.09 9.64
CA GLY H 257 15.12 13.52 9.22
C GLY H 257 15.28 15.02 9.35
N LEU H 258 16.49 15.45 9.68
CA LEU H 258 16.89 16.86 9.92
C LEU H 258 18.24 17.12 9.28
N LEU H 259 18.51 18.38 8.94
CA LEU H 259 19.84 18.78 8.40
C LEU H 259 20.84 18.71 9.53
N ASP H 260 22.05 18.24 9.21
CA ASP H 260 23.20 18.14 10.14
C ASP H 260 23.63 19.57 10.42
N LYS H 261 23.85 19.97 11.69
CA LYS H 261 24.42 21.28 12.07
C LYS H 261 25.66 21.54 11.21
N PRO H 262 25.75 22.68 10.49
CA PRO H 262 26.89 22.93 9.60
C PRO H 262 28.20 23.05 10.40
N ASP H 263 29.33 22.72 9.78
CA ASP H 263 30.68 22.74 10.41
C ASP H 263 30.89 24.10 11.11
N ASN H 264 31.11 24.09 12.44
CA ASN H 264 31.39 25.27 13.28
C ASN H 264 30.33 26.37 13.07
N CYS H 265 29.07 25.95 12.98
CA CYS H 265 27.87 26.83 12.98
C CYS H 265 27.66 27.37 14.39
N PRO H 266 27.50 28.70 14.57
CA PRO H 266 27.17 29.27 15.87
C PRO H 266 25.96 28.59 16.55
N ASP H 267 26.04 28.34 17.86
CA ASP H 267 24.98 27.63 18.61
C ASP H 267 23.71 28.47 18.61
N MET H 268 23.86 29.80 18.66
CA MET H 268 22.76 30.79 18.58
C MET H 268 21.82 30.38 17.42
N LEU H 269 22.41 30.15 16.24
CA LEU H 269 21.70 29.93 14.96
C LEU H 269 21.15 28.51 14.89
N PHE H 270 21.96 27.49 15.21
CA PHE H 270 21.52 26.07 15.12
C PHE H 270 20.35 25.86 16.10
N GLU H 271 20.36 26.54 17.24
CA GLU H 271 19.26 26.49 18.24
C GLU H 271 17.98 26.95 17.55
N LEU H 272 18.10 27.98 16.71
CA LEU H 272 16.97 28.59 15.96
C LEU H 272 16.46 27.59 14.92
N MET H 273 17.35 26.96 14.17
CA MET H 273 17.03 25.93 13.16
C MET H 273 16.23 24.81 13.82
N ARG H 274 16.66 24.34 14.99
CA ARG H 274 16.01 23.20 15.72
C ARG H 274 14.58 23.60 16.09
N MET H 275 14.38 24.83 16.53
CA MET H 275 13.03 25.38 16.89
C MET H 275 12.14 25.38 15.64
N CYS H 276 12.70 25.73 14.49
CA CYS H 276 11.96 25.88 13.21
C CYS H 276 11.59 24.50 12.68
N TRP H 277 12.44 23.48 12.92
CA TRP H 277 12.31 22.10 12.38
C TRP H 277 11.61 21.15 13.37
N GLN H 278 10.85 21.69 14.32
CA GLN H 278 9.90 20.89 15.13
C GLN H 278 8.96 20.17 14.16
N TYR H 279 8.91 18.85 14.21
CA TYR H 279 8.06 18.02 13.33
C TYR H 279 6.62 18.56 13.41
N ASN H 280 6.12 18.84 14.61
CA ASN H 280 4.73 19.32 14.81
C ASN H 280 4.70 20.83 14.63
N PRO H 281 3.87 21.38 13.72
CA PRO H 281 3.84 22.83 13.49
C PRO H 281 3.53 23.65 14.74
N LYS H 282 2.59 23.19 15.57
CA LYS H 282 2.15 23.89 16.83
C LYS H 282 3.37 24.22 17.68
N MET H 283 4.39 23.36 17.67
CA MET H 283 5.59 23.50 18.55
C MET H 283 6.63 24.43 17.90
N ARG H 284 6.36 25.01 16.73
CA ARG H 284 7.31 25.91 16.04
C ARG H 284 7.04 27.34 16.50
N PRO H 285 8.08 28.20 16.61
CA PRO H 285 7.86 29.62 16.93
C PRO H 285 7.21 30.37 15.76
N SER H 286 6.49 31.45 16.06
CA SER H 286 6.07 32.45 15.04
C SER H 286 7.28 33.29 14.62
N PHE H 287 7.17 34.08 13.55
CA PHE H 287 8.29 34.92 13.07
C PHE H 287 8.59 36.02 14.10
N LEU H 288 7.53 36.56 14.72
CA LEU H 288 7.64 37.55 15.83
C LEU H 288 8.50 36.95 16.97
N GLU H 289 8.15 35.75 17.45
CA GLU H 289 8.89 35.00 18.50
C GLU H 289 10.36 34.86 18.07
N ILE H 290 10.61 34.52 16.81
CA ILE H 290 12.00 34.36 16.28
C ILE H 290 12.73 35.69 16.47
N ILE H 291 12.10 36.81 16.11
CA ILE H 291 12.73 38.17 16.15
C ILE H 291 13.01 38.54 17.62
N SER H 292 12.03 38.40 18.52
CA SER H 292 12.19 38.57 19.99
C SER H 292 13.46 37.86 20.48
N SER H 293 13.71 36.64 20.03
CA SER H 293 14.82 35.79 20.50
C SER H 293 16.18 36.32 20.01
N ILE H 294 16.22 37.23 19.03
CA ILE H 294 17.50 37.74 18.42
C ILE H 294 17.56 39.27 18.38
N LYS H 295 16.54 39.98 18.88
CA LYS H 295 16.42 41.45 18.76
C LYS H 295 17.61 42.12 19.46
N GLU H 296 18.13 41.48 20.52
CA GLU H 296 19.32 41.92 21.31
C GLU H 296 20.51 42.06 20.35
N GLU H 297 20.71 41.07 19.48
CA GLU H 297 21.91 40.96 18.62
C GLU H 297 21.69 41.69 17.28
N MET H 298 20.52 42.29 17.05
CA MET H 298 20.20 43.05 15.80
C MET H 298 20.92 44.40 15.86
N GLU H 299 21.22 45.00 14.69
CA GLU H 299 21.93 46.30 14.62
C GLU H 299 20.98 47.43 15.04
N PRO H 300 21.51 48.64 15.33
CA PRO H 300 20.70 49.75 15.78
C PRO H 300 19.64 50.20 14.76
N GLY H 301 20.03 50.28 13.48
CA GLY H 301 19.17 50.65 12.34
C GLY H 301 17.85 49.89 12.33
N PHE H 302 17.88 48.59 12.61
CA PHE H 302 16.73 47.66 12.50
C PHE H 302 15.48 48.26 13.21
N ARG H 303 15.67 49.05 14.27
CA ARG H 303 14.57 49.64 15.06
C ARG H 303 13.73 50.58 14.19
N GLU H 304 14.38 51.37 13.32
CA GLU H 304 13.68 52.39 12.50
C GLU H 304 12.97 51.71 11.32
N VAL H 305 13.61 50.77 10.62
CA VAL H 305 13.13 50.17 9.32
C VAL H 305 12.17 48.99 9.54
N SER H 306 12.25 48.27 10.65
CA SER H 306 11.58 46.96 10.88
C SER H 306 10.06 47.11 11.03
N PHE H 307 9.33 46.05 10.69
CA PHE H 307 7.89 45.83 10.98
C PHE H 307 7.73 45.47 12.46
N TYR H 308 8.69 44.74 13.01
CA TYR H 308 8.67 44.24 14.41
C TYR H 308 8.40 45.42 15.34
N TYR H 309 9.16 46.50 15.18
CA TYR H 309 9.12 47.73 16.02
C TYR H 309 8.08 48.72 15.50
N SER H 310 7.59 48.58 14.26
CA SER H 310 6.59 49.48 13.64
C SER H 310 5.32 49.56 14.51
N GLU H 311 4.56 50.66 14.37
CA GLU H 311 3.25 50.90 15.04
C GLU H 311 2.25 49.84 14.57
N GLU H 312 2.45 49.30 13.35
CA GLU H 312 1.53 48.36 12.68
C GLU H 312 1.47 47.02 13.44
N ASN H 313 2.53 46.66 14.17
CA ASN H 313 2.62 45.37 14.90
C ASN H 313 1.56 45.35 16.03
#